data_9AVL
#
_entry.id   9AVL
#
_cell.length_a   1.00
_cell.length_b   1.00
_cell.length_c   1.00
_cell.angle_alpha   90.00
_cell.angle_beta   90.00
_cell.angle_gamma   90.00
#
_symmetry.space_group_name_H-M   'P 1'
#
loop_
_entity.id
_entity.type
_entity.pdbx_description
1 polymer 'Isoform 1 of Extracellular calcium-sensing receptor'
2 polymer 'Guanine nucleotide-binding protein G(i) subunit alpha-3'
3 polymer 'Guanine nucleotide-binding protein G(I)/G(S)/G(T) subunit beta-2'
4 polymer 'Guanine nucleotide-binding protein G(I)/G(S)/G(O) subunit gamma-2'
5 branched 2-acetamido-2-deoxy-beta-D-glucopyranose-(1-4)-2-acetamido-2-deoxy-beta-D-glucopyranose
6 non-polymer 2-acetamido-2-deoxy-beta-D-glucopyranose
7 non-polymer CYCLOMETHYLTRYPTOPHAN
8 non-polymer 'PHOSPHATE ION'
9 non-polymer 'CALCIUM ION'
10 non-polymer 3-(2-chlorophenyl)-N-[(1R)-1-(3-methoxyphenyl)ethyl]propan-1-amine
11 non-polymer 'CHOLESTEROL HEMISUCCINATE'
12 non-polymer '(19R,22S,25R)-22,25,26-trihydroxy-16,22-dioxo-17,21,23-trioxa-22lambda~5~-phosphahexacosan-19-yl (9Z)-octadec-9-enoate'
#
loop_
_entity_poly.entity_id
_entity_poly.type
_entity_poly.pdbx_seq_one_letter_code
_entity_poly.pdbx_strand_id
1 'polypeptide(L)'
;MAFYSCCWVLLALTWHTSADYKDDDDKYGPDQRAQKKGDIILGGLFPIHFGVAAKDQDLKSRPESVECIRYNFRGFRWLQ
AMIFAIEEINSSPALLPNLTLGYRIFDTCNTVSKALEATLSFVAQNKIDSLNLDEFCNCSEHIPSTIAVVGATGSGVSTA
VANLLGLFYIPQVSYASSSRLLSNKNQFKSFLRTIPNDEHQATAMADIIEYFRWNWVGTIAADDDYGRPGIEKFREEAEE
RDICIDFSELISQYSDEEEIQHVVEVIQNSTAKVIVVFSSGPDLEPLIKEIVRRNITGKIWLASEAWASSSLIAMPQYFH
VVGGTIGFALKAGQIPGFREFLKKVHPRKSVHNGFAKEFWEETFNCHLQEGAKGPLPVDTFLRGHEESGDRFSNSSTAFR
PLCTGDENISSVETPYIDYTHLRISYNVYLAVYSIAHALQDIYTCLPGRGLFTNGSCADIKKVEAWQVLKHLRHLNFTNN
MGEQVTFDECGDLVGNYSIINWHLSPEDGSIVFKEVGYYNVYAKKGERLFINEEKILWSGFSREVPFSNCSRDCLAGTRK
GIIEGEPTCCFECVECPDGEYSDETDASACNKCPDDFWSNENHTSCIAKEIEFLSWTEPFGIALTLFAVLGIFLTAFVLG
VFIKFRNTPIVKATNRELSYLLLFSLLCCFSSSLFFIGEPQDWTCRLRQPAFGISFVLCISCILVKTNRVLLVFEAKIPT
SFHRKWWGLNLQFLLVFLCTFMQIVICVIWLYTAPPSSYRNQELEDEIIFITCHEGSLMALGFLIGYTCLLAAICFFFAF
KSRKLPENFNEAKFITFSMLIFFIVWISFIPAYASTYGKFVSAVEVIAILAASFGLLACIFFNKIYIILFKPSRNTIEEV
RCSTAAHAFKVAARATLRRSNVSRKRSSSLG
;
Q,R
2 'polypeptide(L)'
;MGCTLSAEDKAAVERSKMIDRNLREDGEKAAKEVKLLLLGAGESGKNTIVKQMKIIHEDGYSEDECKQYKVVVYSNTIQS
IIAIIRAMGRLKIDFGEAARADDARQLFVLAGSAEEGVMTPELAGVIKRLWRDGGVQACFSRSREYQLNDSASYYLNDLD
RISQSNYIPTQQDVLRTRVKTTGIVETHFTFKDLYFKMFDVGAQRSERKKWIHCFEGVTAIIFCVALSDYDLVLAEDEEM
NRMHASMKLFDSICNNKWFTETSIILFLNKKDLFEEKIKRSPLTICYPEYTGSNTYEEAAAYIQCQFEDLNRRKDTKEIY
THFTCSTDTKNVQFVFDAVTDVIIKNNLKECGLY
;
A
3 'polypeptide(L)'
;MDYKDDDDKSELEQLRQEAEQLRNQIRDARKACGDSTLTQITAGLDPVGRIQMRTRRTLRGHLAKIYAMHWGTDSRLLVS
ASQDGKLIIWDSYTTNKVHAIPLRSSWVMTCAYAPSGNFVACGGLDNICSIYSLKTREGNVRVSRELPGHTGYLSCCRFL
DDNQIITSSGDTTCALWDIETGQQTVGFAGHSGDVMSLSLAPDGRTFVSGACDASIKLWDVRDSMCRQTFIGHESDINAV
AFFPNGYAFTTGSDDATCRLFDLRADQELLMYSHDNIICGITSVAFSRSGRLLLAGYDDFNCNIWDAMKGDRAGVLAGHD
NRVSCLGVTDDGMAVATGSWDSFLKIWN
;
B
4 'polypeptide(L)' MASNNTASIAQARKLVEQLKMEANIDRIKVSKAAADLMAYCEAHAKEDPLLTPVPASENPFREKKFFCAIL G
#
# COMPACT_ATOMS: atom_id res chain seq x y z
N PRO A 30 52.36 3.81 77.72
CA PRO A 30 53.18 3.00 76.80
C PRO A 30 54.67 3.20 77.01
N ASP A 31 55.43 2.09 76.99
CA ASP A 31 56.86 2.17 77.23
C ASP A 31 57.57 2.99 76.16
N GLN A 32 57.19 2.81 74.90
CA GLN A 32 57.79 3.55 73.80
C GLN A 32 57.12 4.91 73.69
N ARG A 33 57.90 5.97 73.79
CA ARG A 33 57.34 7.32 73.84
C ARG A 33 58.41 8.34 73.50
N ALA A 34 57.98 9.56 73.20
CA ALA A 34 58.87 10.69 73.00
C ALA A 34 58.55 11.71 74.09
N GLN A 35 59.42 11.81 75.09
CA GLN A 35 59.12 12.60 76.27
C GLN A 35 60.25 13.57 76.56
N LYS A 36 59.87 14.78 76.98
CA LYS A 36 60.83 15.77 77.43
C LYS A 36 60.12 16.73 78.39
N LYS A 37 60.77 17.05 79.49
CA LYS A 37 60.13 17.83 80.55
C LYS A 37 60.22 19.33 80.23
N GLY A 38 59.37 20.09 80.92
CA GLY A 38 59.32 21.53 80.71
C GLY A 38 58.22 22.14 81.54
N ASP A 39 58.05 23.44 81.37
CA ASP A 39 57.04 24.16 82.14
C ASP A 39 55.63 23.72 81.74
N ILE A 40 55.34 23.70 80.45
CA ILE A 40 54.03 23.38 79.92
C ILE A 40 54.17 22.22 78.96
N ILE A 41 53.33 21.20 79.13
CA ILE A 41 53.44 19.94 78.41
C ILE A 41 52.38 19.87 77.32
N LEU A 42 52.79 19.43 76.13
CA LEU A 42 51.89 19.25 74.99
C LEU A 42 51.85 17.77 74.64
N GLY A 43 50.65 17.20 74.57
CA GLY A 43 50.51 15.83 74.15
C GLY A 43 50.60 15.67 72.64
N GLY A 44 50.95 14.46 72.21
CA GLY A 44 51.06 14.17 70.80
C GLY A 44 50.60 12.77 70.45
N LEU A 45 50.02 12.59 69.26
CA LEU A 45 49.52 11.29 68.82
C LEU A 45 49.79 11.18 67.32
N PHE A 46 50.61 10.21 66.94
CA PHE A 46 50.98 10.04 65.54
C PHE A 46 50.95 8.57 65.16
N PRO A 47 50.66 8.26 63.90
CA PRO A 47 50.65 6.86 63.46
C PRO A 47 52.03 6.36 63.08
N ILE A 48 52.85 5.98 64.06
CA ILE A 48 54.17 5.42 63.79
C ILE A 48 54.07 4.08 63.08
N HIS A 49 52.95 3.37 63.23
CA HIS A 49 52.73 2.11 62.54
C HIS A 49 51.42 2.18 61.78
N PHE A 50 51.30 1.35 60.74
CA PHE A 50 50.12 1.38 59.89
C PHE A 50 48.93 0.64 60.47
N GLY A 51 49.14 -0.15 61.52
CA GLY A 51 48.05 -0.93 62.08
C GLY A 51 48.58 -1.86 63.15
N VAL A 52 47.78 -2.87 63.48
CA VAL A 52 48.09 -3.83 64.53
C VAL A 52 48.09 -5.24 63.93
N ALA A 53 48.60 -6.18 64.72
CA ALA A 53 48.64 -7.57 64.30
C ALA A 53 47.26 -8.20 64.49
N ALA A 54 46.69 -8.71 63.41
CA ALA A 54 45.33 -9.24 63.43
C ALA A 54 45.30 -10.68 63.96
N LYS A 55 45.87 -10.84 65.16
CA LYS A 55 45.86 -12.13 65.86
C LYS A 55 44.59 -12.19 66.69
N ASP A 56 43.55 -12.82 66.14
CA ASP A 56 42.27 -12.89 66.82
C ASP A 56 42.40 -13.63 68.15
N GLN A 57 41.77 -13.07 69.18
CA GLN A 57 41.81 -13.64 70.52
C GLN A 57 40.52 -14.41 70.78
N ASP A 58 40.66 -15.67 71.17
CA ASP A 58 39.52 -16.50 71.56
C ASP A 58 39.25 -16.44 73.05
N LEU A 59 40.01 -15.62 73.79
CA LEU A 59 39.81 -15.42 75.22
C LEU A 59 39.94 -16.73 76.00
N LYS A 60 40.86 -17.58 75.57
CA LYS A 60 41.20 -18.77 76.35
C LYS A 60 42.21 -18.47 77.44
N SER A 61 43.02 -17.42 77.24
CA SER A 61 43.91 -16.91 78.28
C SER A 61 43.67 -15.41 78.42
N ARG A 62 44.33 -14.82 79.40
CA ARG A 62 44.19 -13.38 79.61
C ARG A 62 44.65 -12.62 78.38
N PRO A 63 43.83 -11.73 77.83
CA PRO A 63 44.25 -10.97 76.64
C PRO A 63 45.48 -10.13 76.91
N GLU A 64 46.36 -10.07 75.93
CA GLU A 64 47.60 -9.32 76.00
C GLU A 64 47.58 -8.20 74.96
N SER A 65 48.40 -7.18 75.19
CA SER A 65 48.42 -6.02 74.31
C SER A 65 48.78 -6.42 72.88
N VAL A 66 48.06 -5.82 71.92
CA VAL A 66 48.25 -6.14 70.51
C VAL A 66 49.59 -5.55 70.04
N GLU A 67 50.05 -5.99 68.87
CA GLU A 67 51.35 -5.62 68.35
C GLU A 67 51.18 -4.88 67.03
N CYS A 68 51.90 -3.76 66.89
CA CYS A 68 51.84 -2.98 65.67
C CYS A 68 52.83 -3.55 64.65
N ILE A 69 52.41 -3.62 63.38
CA ILE A 69 53.11 -4.44 62.39
C ILE A 69 54.02 -3.64 61.47
N ARG A 70 53.47 -2.74 60.66
CA ARG A 70 54.28 -2.08 59.65
C ARG A 70 54.72 -0.71 60.14
N TYR A 71 55.88 -0.26 59.64
CA TYR A 71 56.45 1.01 60.06
C TYR A 71 56.07 2.11 59.09
N ASN A 72 55.50 3.19 59.64
CA ASN A 72 55.09 4.35 58.85
C ASN A 72 56.15 5.44 59.01
N PHE A 73 56.96 5.63 57.97
CA PHE A 73 58.02 6.64 58.04
C PHE A 73 57.46 8.05 58.00
N ARG A 74 56.34 8.24 57.29
CA ARG A 74 55.71 9.55 57.19
C ARG A 74 55.22 10.03 58.56
N GLY A 75 54.65 9.13 59.37
CA GLY A 75 54.26 9.51 60.71
C GLY A 75 55.45 9.89 61.57
N PHE A 76 56.57 9.20 61.38
CA PHE A 76 57.80 9.58 62.08
C PHE A 76 58.24 10.97 61.67
N ARG A 77 58.13 11.31 60.39
CA ARG A 77 58.45 12.66 59.95
C ARG A 77 57.51 13.69 60.58
N TRP A 78 56.21 13.39 60.70
CA TRP A 78 55.30 14.30 61.36
C TRP A 78 55.66 14.50 62.84
N LEU A 79 56.04 13.41 63.52
CA LEU A 79 56.47 13.51 64.92
C LEU A 79 57.71 14.38 65.05
N GLN A 80 58.67 14.18 64.15
CA GLN A 80 59.86 15.02 64.14
C GLN A 80 59.50 16.47 63.87
N ALA A 81 58.46 16.71 63.07
CA ALA A 81 58.00 18.07 62.82
C ALA A 81 57.49 18.71 64.10
N MET A 82 56.72 17.95 64.88
CA MET A 82 56.25 18.46 66.17
C MET A 82 57.42 18.80 67.10
N ILE A 83 58.39 17.88 67.19
CA ILE A 83 59.54 18.12 68.07
C ILE A 83 60.33 19.32 67.59
N PHE A 84 60.52 19.44 66.28
CA PHE A 84 61.25 20.57 65.70
C PHE A 84 60.55 21.88 66.02
N ALA A 85 59.23 21.91 65.90
CA ALA A 85 58.49 23.13 66.25
C ALA A 85 58.68 23.49 67.71
N ILE A 86 58.60 22.50 68.59
CA ILE A 86 58.75 22.78 70.03
C ILE A 86 60.14 23.33 70.32
N GLU A 87 61.18 22.72 69.74
CA GLU A 87 62.54 23.19 69.98
C GLU A 87 62.75 24.59 69.42
N GLU A 88 62.20 24.87 68.23
CA GLU A 88 62.33 26.21 67.66
C GLU A 88 61.64 27.25 68.53
N ILE A 89 60.48 26.90 69.09
CA ILE A 89 59.79 27.82 69.99
C ILE A 89 60.62 28.06 71.24
N ASN A 90 61.19 27.00 71.80
CA ASN A 90 62.00 27.15 73.01
C ASN A 90 63.22 28.03 72.76
N SER A 91 63.86 27.87 71.60
CA SER A 91 65.05 28.66 71.31
C SER A 91 64.70 30.11 71.01
N SER A 92 63.58 30.35 70.32
CA SER A 92 63.21 31.71 69.96
C SER A 92 62.75 32.48 71.21
N PRO A 93 63.38 33.61 71.53
CA PRO A 93 62.96 34.39 72.70
C PRO A 93 61.77 35.29 72.40
N ALA A 94 61.51 35.53 71.12
CA ALA A 94 60.39 36.38 70.74
C ALA A 94 59.07 35.75 71.17
N LEU A 95 58.96 34.43 71.11
CA LEU A 95 57.76 33.71 71.50
C LEU A 95 58.00 33.03 72.85
N LEU A 96 57.18 33.40 73.84
CA LEU A 96 57.19 32.79 75.17
C LEU A 96 58.58 32.78 75.80
N PRO A 97 59.10 33.93 76.20
CA PRO A 97 60.41 33.95 76.86
C PRO A 97 60.34 33.46 78.29
N ASN A 98 61.49 32.97 78.77
CA ASN A 98 61.63 32.44 80.13
C ASN A 98 60.61 31.35 80.41
N LEU A 99 60.43 30.45 79.45
CA LEU A 99 59.48 29.36 79.59
C LEU A 99 59.84 28.28 78.59
N THR A 100 59.77 27.02 79.02
CA THR A 100 60.16 25.88 78.19
C THR A 100 58.97 24.94 78.04
N LEU A 101 58.67 24.57 76.80
CA LEU A 101 57.59 23.64 76.50
C LEU A 101 58.12 22.21 76.46
N GLY A 102 57.45 21.32 77.17
CA GLY A 102 57.75 19.91 77.11
C GLY A 102 56.74 19.16 76.25
N TYR A 103 56.94 17.85 76.15
CA TYR A 103 56.03 17.05 75.35
C TYR A 103 56.06 15.60 75.81
N ARG A 104 54.92 14.92 75.57
CA ARG A 104 54.76 13.48 75.78
C ARG A 104 53.97 12.95 74.57
N ILE A 105 54.67 12.33 73.65
CA ILE A 105 54.12 11.88 72.38
C ILE A 105 54.08 10.36 72.36
N PHE A 106 52.93 9.80 72.00
CA PHE A 106 52.70 8.36 71.97
C PHE A 106 52.43 7.90 70.55
N ASP A 107 52.13 6.61 70.42
CA ASP A 107 51.83 5.97 69.14
C ASP A 107 50.37 5.53 69.12
N THR A 108 49.73 5.69 67.96
CA THR A 108 48.34 5.30 67.80
C THR A 108 48.14 4.06 66.93
N CYS A 109 49.03 3.81 65.96
CA CYS A 109 48.93 2.66 65.07
C CYS A 109 47.59 2.62 64.35
N ASN A 110 47.02 3.80 64.11
CA ASN A 110 45.70 3.93 63.46
C ASN A 110 44.64 3.12 64.20
N THR A 111 44.79 2.97 65.51
CA THR A 111 43.90 2.14 66.31
C THR A 111 43.31 2.97 67.44
N VAL A 112 42.02 2.75 67.72
CA VAL A 112 41.34 3.52 68.76
C VAL A 112 41.87 3.14 70.13
N SER A 113 42.18 1.85 70.35
CA SER A 113 42.58 1.39 71.67
C SER A 113 43.89 2.04 72.13
N LYS A 114 44.88 2.08 71.24
CA LYS A 114 46.17 2.66 71.60
C LYS A 114 46.03 4.15 71.91
N ALA A 115 45.29 4.87 71.08
CA ALA A 115 45.09 6.30 71.31
C ALA A 115 44.30 6.54 72.59
N LEU A 116 43.40 5.61 72.94
CA LEU A 116 42.63 5.76 74.16
C LEU A 116 43.50 5.51 75.39
N GLU A 117 44.43 4.55 75.30
CA GLU A 117 45.38 4.37 76.39
C GLU A 117 46.26 5.61 76.57
N ALA A 118 46.74 6.16 75.46
CA ALA A 118 47.53 7.38 75.54
C ALA A 118 46.73 8.55 76.10
N THR A 119 45.46 8.67 75.71
CA THR A 119 44.62 9.73 76.23
C THR A 119 44.31 9.56 77.71
N LEU A 120 44.13 8.32 78.16
CA LEU A 120 43.98 8.07 79.58
C LEU A 120 45.23 8.47 80.34
N SER A 121 46.40 8.24 79.74
CA SER A 121 47.63 8.77 80.32
C SER A 121 47.63 10.29 80.34
N PHE A 122 47.02 10.92 79.32
CA PHE A 122 47.00 12.37 79.25
C PHE A 122 46.14 13.00 80.34
N VAL A 123 45.03 12.37 80.71
CA VAL A 123 44.04 12.98 81.58
C VAL A 123 44.11 12.41 83.00
N ALA A 124 45.26 11.89 83.40
CA ALA A 124 45.37 11.20 84.68
C ALA A 124 45.05 12.12 85.85
N GLN A 125 45.60 13.34 85.84
CA GLN A 125 45.40 14.24 86.96
C GLN A 125 43.96 14.74 87.02
N ASN A 126 43.40 15.13 85.88
CA ASN A 126 42.01 15.55 85.84
C ASN A 126 41.09 14.39 86.23
N LYS A 127 41.43 13.18 85.79
CA LYS A 127 40.68 11.99 86.16
C LYS A 127 40.69 11.77 87.67
N ILE A 128 41.85 11.97 88.31
CA ILE A 128 41.93 11.83 89.76
C ILE A 128 41.11 12.91 90.44
N ASP A 129 41.16 14.14 89.92
CA ASP A 129 40.38 15.23 90.50
C ASP A 129 38.88 14.97 90.42
N SER A 130 38.41 14.47 89.28
CA SER A 130 36.98 14.28 89.07
C SER A 130 36.46 13.00 89.72
N LEU A 131 37.04 11.86 89.36
CA LEU A 131 36.55 10.57 89.85
C LEU A 131 36.66 10.48 91.36
N ASN A 132 37.79 10.90 91.92
CA ASN A 132 38.02 10.82 93.36
C ASN A 132 37.65 12.12 94.05
N CYS A 139 47.06 10.95 93.60
CA CYS A 139 47.80 11.05 94.86
C CYS A 139 49.10 11.83 94.67
N SER A 140 50.07 11.19 94.04
CA SER A 140 51.36 11.83 93.81
C SER A 140 51.21 12.96 92.80
N GLU A 141 52.03 14.00 92.97
CA GLU A 141 52.01 15.15 92.09
C GLU A 141 52.95 15.00 90.90
N HIS A 142 53.58 13.83 90.74
CA HIS A 142 54.51 13.63 89.63
C HIS A 142 53.80 13.63 88.29
N ILE A 143 52.48 13.48 88.28
CA ILE A 143 51.70 13.47 87.04
C ILE A 143 51.75 14.86 86.41
N PRO A 144 52.22 14.99 85.16
CA PRO A 144 52.26 16.31 84.53
C PRO A 144 50.98 16.64 83.78
N SER A 145 50.41 17.81 84.06
CA SER A 145 49.20 18.24 83.38
C SER A 145 49.51 18.60 81.93
N THR A 146 48.70 18.08 81.02
CA THR A 146 48.85 18.33 79.59
C THR A 146 47.93 19.49 79.20
N ILE A 147 48.52 20.54 78.65
CA ILE A 147 47.74 21.72 78.28
C ILE A 147 46.96 21.47 77.00
N ALA A 148 47.60 20.89 75.99
CA ALA A 148 46.95 20.65 74.72
C ALA A 148 47.52 19.40 74.07
N VAL A 149 46.74 18.79 73.19
CA VAL A 149 47.09 17.54 72.53
C VAL A 149 47.07 17.77 71.02
N VAL A 150 48.08 17.26 70.33
CA VAL A 150 48.19 17.35 68.88
C VAL A 150 47.89 15.98 68.30
N GLY A 151 46.81 15.88 67.54
CA GLY A 151 46.40 14.62 66.95
C GLY A 151 44.89 14.48 67.01
N ALA A 152 44.40 13.36 66.49
CA ALA A 152 45.18 12.34 65.80
C ALA A 152 44.96 12.41 64.28
N THR A 153 45.45 11.40 63.56
CA THR A 153 45.34 11.33 62.11
C THR A 153 44.00 10.82 61.61
N GLY A 154 43.44 9.80 62.25
CA GLY A 154 42.17 9.26 61.83
C GLY A 154 40.99 9.98 62.46
N SER A 155 39.87 9.98 61.74
CA SER A 155 38.71 10.73 62.21
C SER A 155 38.00 10.01 63.36
N GLY A 156 37.89 8.68 63.29
CA GLY A 156 37.32 7.95 64.41
C GLY A 156 38.20 7.99 65.64
N VAL A 157 39.51 7.88 65.44
CA VAL A 157 40.45 8.02 66.53
C VAL A 157 40.33 9.39 67.16
N SER A 158 40.29 10.42 66.32
CA SER A 158 40.14 11.79 66.81
C SER A 158 38.81 11.96 67.53
N THR A 159 37.77 11.25 67.09
CA THR A 159 36.47 11.35 67.74
C THR A 159 36.51 10.77 69.15
N ALA A 160 37.13 9.60 69.32
CA ALA A 160 37.26 9.01 70.65
C ALA A 160 38.10 9.90 71.56
N VAL A 161 39.26 10.34 71.06
CA VAL A 161 40.11 11.22 71.85
C VAL A 161 39.38 12.52 72.17
N ALA A 162 38.52 12.96 71.26
CA ALA A 162 37.79 14.21 71.47
C ALA A 162 36.77 14.07 72.57
N ASN A 163 36.04 12.95 72.59
CA ASN A 163 35.13 12.68 73.70
C ASN A 163 35.89 12.75 75.03
N LEU A 164 36.99 12.00 75.12
CA LEU A 164 37.67 11.88 76.40
C LEU A 164 38.29 13.20 76.84
N LEU A 165 38.86 13.95 75.89
CA LEU A 165 39.49 15.23 76.23
C LEU A 165 38.46 16.32 76.49
N GLY A 166 37.32 16.29 75.81
CA GLY A 166 36.30 17.29 76.04
C GLY A 166 35.59 17.09 77.35
N LEU A 167 35.64 15.87 77.91
CA LEU A 167 35.24 15.74 79.30
C LEU A 167 35.97 16.75 80.20
N PHE A 168 37.25 16.98 79.95
CA PHE A 168 38.06 17.84 80.81
C PHE A 168 38.47 19.15 80.14
N TYR A 169 37.89 19.48 79.00
CA TYR A 169 38.13 20.75 78.31
C TYR A 169 39.60 20.96 77.99
N ILE A 170 40.28 19.89 77.59
CA ILE A 170 41.65 19.95 77.09
C ILE A 170 41.59 20.19 75.59
N PRO A 171 42.17 21.28 75.08
CA PRO A 171 42.08 21.57 73.65
C PRO A 171 42.90 20.58 72.82
N GLN A 172 42.26 20.01 71.81
CA GLN A 172 42.88 19.05 70.91
C GLN A 172 42.90 19.63 69.51
N VAL A 173 44.10 19.89 68.99
CA VAL A 173 44.29 20.41 67.65
C VAL A 173 44.78 19.27 66.77
N SER A 174 43.97 18.88 65.80
CA SER A 174 44.32 17.81 64.89
C SER A 174 45.03 18.35 63.65
N TYR A 175 45.77 17.47 62.99
CA TYR A 175 46.54 17.84 61.81
C TYR A 175 46.09 17.12 60.55
N ALA A 176 45.39 15.98 60.65
CA ALA A 176 44.97 15.29 59.44
C ALA A 176 43.57 14.71 59.52
N SER A 177 42.73 15.11 60.47
CA SER A 177 41.36 14.61 60.60
C SER A 177 40.42 15.62 59.98
N SER A 178 39.71 15.23 58.92
CA SER A 178 38.95 16.16 58.10
C SER A 178 37.49 15.75 57.94
N SER A 179 36.99 14.87 58.81
CA SER A 179 35.58 14.54 58.79
C SER A 179 34.74 15.75 59.19
N ARG A 180 33.57 15.88 58.58
CA ARG A 180 32.64 16.96 58.91
C ARG A 180 31.90 16.73 60.21
N LEU A 181 31.94 15.50 60.74
CA LEU A 181 31.25 15.22 61.99
C LEU A 181 31.89 15.91 63.19
N LEU A 182 33.15 16.35 63.04
CA LEU A 182 33.88 16.99 64.12
C LEU A 182 33.66 18.49 64.16
N SER A 183 32.82 19.02 63.28
CA SER A 183 32.44 20.43 63.31
C SER A 183 31.29 20.69 64.26
N ASN A 184 30.81 19.65 64.95
CA ASN A 184 29.72 19.77 65.92
C ASN A 184 30.32 20.10 67.28
N LYS A 185 30.17 21.33 67.73
CA LYS A 185 30.72 21.76 69.00
C LYS A 185 29.85 21.34 70.19
N ASN A 186 28.66 20.81 69.95
CA ASN A 186 27.87 20.25 71.04
C ASN A 186 28.52 19.00 71.60
N GLN A 187 28.94 18.10 70.72
CA GLN A 187 29.59 16.86 71.14
C GLN A 187 31.10 17.02 71.32
N PHE A 188 31.72 17.95 70.61
CA PHE A 188 33.17 18.15 70.63
C PHE A 188 33.45 19.58 71.07
N LYS A 189 33.56 19.78 72.39
CA LYS A 189 33.72 21.11 72.94
C LYS A 189 35.11 21.68 72.68
N SER A 190 36.15 20.83 72.71
CA SER A 190 37.53 21.30 72.66
C SER A 190 38.30 20.75 71.47
N PHE A 191 37.71 20.79 70.27
CA PHE A 191 38.35 20.25 69.09
C PHE A 191 38.61 21.37 68.08
N LEU A 192 39.83 21.38 67.55
CA LEU A 192 40.24 22.29 66.49
C LEU A 192 41.07 21.49 65.50
N ARG A 193 41.26 22.03 64.30
CA ARG A 193 42.09 21.34 63.33
C ARG A 193 42.68 22.33 62.34
N THR A 194 43.90 22.05 61.88
CA THR A 194 44.59 22.86 60.89
C THR A 194 44.47 22.28 59.49
N ILE A 195 43.56 21.33 59.28
CA ILE A 195 43.32 20.74 57.97
C ILE A 195 41.90 21.08 57.54
N PRO A 196 41.65 21.37 56.27
CA PRO A 196 40.29 21.71 55.84
C PRO A 196 39.34 20.52 55.93
N ASN A 197 38.05 20.85 55.99
CA ASN A 197 36.98 19.86 55.95
C ASN A 197 36.82 19.30 54.54
N ASP A 198 36.05 18.22 54.43
CA ASP A 198 35.89 17.49 53.18
C ASP A 198 34.64 17.87 52.40
N GLU A 199 33.87 18.85 52.88
CA GLU A 199 32.71 19.31 52.11
C GLU A 199 33.14 19.87 50.77
N HIS A 200 34.11 20.78 50.79
CA HIS A 200 34.63 21.37 49.56
C HIS A 200 35.23 20.31 48.66
N GLN A 201 35.80 19.25 49.23
CA GLN A 201 36.45 18.24 48.41
C GLN A 201 35.44 17.39 47.66
N ALA A 202 34.36 16.98 48.33
CA ALA A 202 33.30 16.25 47.65
C ALA A 202 32.64 17.12 46.58
N THR A 203 32.38 18.39 46.91
CA THR A 203 31.85 19.31 45.91
C THR A 203 32.81 19.43 44.72
N ALA A 204 34.11 19.47 44.98
CA ALA A 204 35.10 19.59 43.93
C ALA A 204 35.13 18.36 43.04
N MET A 205 34.96 17.17 43.62
CA MET A 205 34.90 15.96 42.80
C MET A 205 33.66 15.96 41.93
N ALA A 206 32.53 16.44 42.46
CA ALA A 206 31.34 16.62 41.63
C ALA A 206 31.60 17.60 40.50
N ASP A 207 32.32 18.68 40.78
CA ASP A 207 32.66 19.65 39.74
C ASP A 207 33.54 19.01 38.67
N ILE A 208 34.50 18.19 39.09
CA ILE A 208 35.39 17.53 38.13
C ILE A 208 34.61 16.60 37.22
N ILE A 209 33.67 15.85 37.78
CA ILE A 209 32.84 14.97 36.95
C ILE A 209 31.99 15.78 35.99
N GLU A 210 31.40 16.88 36.49
CA GLU A 210 30.59 17.73 35.62
C GLU A 210 31.42 18.33 34.50
N TYR A 211 32.71 18.61 34.77
CA TYR A 211 33.56 19.28 33.80
C TYR A 211 33.77 18.45 32.55
N PHE A 212 34.08 17.17 32.72
CA PHE A 212 34.36 16.28 31.60
C PHE A 212 33.11 15.65 31.02
N ARG A 213 31.94 16.00 31.55
CA ARG A 213 30.64 15.55 31.04
C ARG A 213 30.51 14.02 31.11
N TRP A 214 30.65 13.51 32.33
CA TRP A 214 30.39 12.12 32.66
C TRP A 214 29.08 12.04 33.42
N ASN A 215 28.35 10.93 33.25
CA ASN A 215 27.14 10.72 34.02
C ASN A 215 26.93 9.29 34.49
N TRP A 216 27.92 8.43 34.38
CA TRP A 216 27.82 7.02 34.79
C TRP A 216 29.06 6.69 35.61
N VAL A 217 28.98 6.89 36.93
CA VAL A 217 30.12 6.75 37.82
C VAL A 217 29.77 5.81 38.96
N GLY A 218 30.80 5.27 39.60
CA GLY A 218 30.64 4.42 40.77
C GLY A 218 31.40 5.01 41.94
N THR A 219 30.99 4.62 43.15
CA THR A 219 31.58 5.14 44.38
C THR A 219 32.02 3.99 45.28
N ILE A 220 33.19 4.14 45.88
CA ILE A 220 33.67 3.25 46.93
C ILE A 220 34.12 4.11 48.10
N ALA A 221 33.75 3.71 49.31
CA ALA A 221 34.11 4.45 50.51
C ALA A 221 34.64 3.49 51.56
N ALA A 222 35.45 4.03 52.47
CA ALA A 222 35.92 3.29 53.62
C ALA A 222 34.86 3.34 54.71
N ASP A 223 34.59 2.18 55.32
CA ASP A 223 33.52 2.06 56.31
C ASP A 223 34.01 2.64 57.64
N ASP A 224 34.10 3.97 57.69
CA ASP A 224 34.48 4.67 58.90
C ASP A 224 33.93 6.09 58.83
N ASP A 225 34.41 6.95 59.73
CA ASP A 225 33.91 8.32 59.84
C ASP A 225 34.50 9.26 58.81
N TYR A 226 35.47 8.80 58.02
CA TYR A 226 36.03 9.61 56.94
C TYR A 226 35.40 9.29 55.59
N GLY A 227 35.09 8.02 55.33
CA GLY A 227 34.55 7.63 54.04
C GLY A 227 33.08 7.97 53.84
N ARG A 228 32.24 7.53 54.78
CA ARG A 228 30.79 7.63 54.64
C ARG A 228 30.28 9.07 54.53
N PRO A 229 30.66 10.00 55.42
CA PRO A 229 30.16 11.38 55.25
C PRO A 229 30.59 12.03 53.95
N GLY A 230 31.84 11.81 53.53
CA GLY A 230 32.30 12.39 52.28
C GLY A 230 31.58 11.81 51.08
N ILE A 231 31.37 10.50 51.09
CA ILE A 231 30.69 9.88 49.96
C ILE A 231 29.22 10.26 49.94
N GLU A 232 28.63 10.53 51.10
CA GLU A 232 27.25 11.00 51.12
C GLU A 232 27.14 12.42 50.58
N LYS A 233 28.10 13.28 50.94
CA LYS A 233 28.12 14.61 50.37
C LYS A 233 28.30 14.56 48.86
N PHE A 234 29.17 13.67 48.37
CA PHE A 234 29.34 13.51 46.94
C PHE A 234 28.06 13.02 46.28
N ARG A 235 27.36 12.09 46.93
CA ARG A 235 26.09 11.60 46.40
C ARG A 235 25.09 12.75 46.25
N GLU A 236 24.99 13.58 47.28
CA GLU A 236 24.09 14.73 47.23
C GLU A 236 24.43 15.65 46.07
N GLU A 237 25.71 16.03 45.95
CA GLU A 237 26.10 16.97 44.90
C GLU A 237 25.91 16.35 43.52
N ALA A 238 26.25 15.06 43.37
CA ALA A 238 26.12 14.40 42.07
C ALA A 238 24.67 14.30 41.64
N GLU A 239 23.77 13.97 42.57
CA GLU A 239 22.35 13.97 42.23
C GLU A 239 21.87 15.37 41.86
N GLU A 240 22.37 16.39 42.57
CA GLU A 240 22.05 17.76 42.18
C GLU A 240 22.59 18.11 40.80
N ARG A 241 23.65 17.46 40.34
CA ARG A 241 24.29 17.77 39.08
C ARG A 241 23.91 16.80 37.96
N ASP A 242 22.83 16.04 38.13
CA ASP A 242 22.34 15.12 37.10
C ASP A 242 23.40 14.08 36.73
N ILE A 243 24.00 13.46 37.75
CA ILE A 243 24.98 12.41 37.59
C ILE A 243 24.42 11.14 38.20
N CYS A 244 24.47 10.05 37.44
CA CYS A 244 23.91 8.78 37.88
C CYS A 244 25.02 7.90 38.44
N ILE A 245 24.77 7.30 39.60
CA ILE A 245 25.74 6.45 40.27
C ILE A 245 25.26 5.01 40.13
N ASP A 246 26.11 4.16 39.56
CA ASP A 246 25.70 2.78 39.31
C ASP A 246 25.82 1.93 40.56
N PHE A 247 26.98 1.95 41.21
CA PHE A 247 27.21 1.13 42.39
C PHE A 247 27.81 1.97 43.52
N SER A 248 27.44 1.61 44.74
CA SER A 248 27.96 2.23 45.95
C SER A 248 28.37 1.11 46.89
N GLU A 249 29.65 1.06 47.26
CA GLU A 249 30.19 -0.03 48.06
C GLU A 249 31.08 0.51 49.16
N LEU A 250 31.24 -0.29 50.21
CA LEU A 250 32.04 0.06 51.38
C LEU A 250 33.13 -0.98 51.58
N ILE A 251 34.30 -0.53 52.01
CA ILE A 251 35.46 -1.39 52.21
C ILE A 251 36.08 -1.08 53.57
N SER A 252 37.07 -1.90 53.93
CA SER A 252 37.77 -1.76 55.20
C SER A 252 39.14 -2.43 55.05
N GLN A 253 40.02 -2.17 56.00
CA GLN A 253 41.29 -2.86 56.07
C GLN A 253 41.18 -4.21 56.76
N TYR A 254 40.00 -4.55 57.27
CA TYR A 254 39.71 -5.84 57.87
C TYR A 254 38.64 -6.59 57.07
N SER A 255 38.52 -6.29 55.78
CA SER A 255 37.48 -6.89 54.96
C SER A 255 37.80 -8.36 54.68
N ASP A 256 36.76 -9.18 54.69
CA ASP A 256 36.86 -10.59 54.36
C ASP A 256 37.11 -10.74 52.87
N GLU A 257 37.68 -11.89 52.49
CA GLU A 257 37.94 -12.16 51.08
C GLU A 257 36.63 -12.18 50.29
N GLU A 258 35.56 -12.67 50.91
CA GLU A 258 34.26 -12.72 50.23
C GLU A 258 33.77 -11.33 49.85
N GLU A 259 33.88 -10.38 50.79
CA GLU A 259 33.39 -9.03 50.53
C GLU A 259 34.24 -8.31 49.49
N ILE A 260 35.56 -8.49 49.55
CA ILE A 260 36.43 -7.87 48.55
C ILE A 260 36.14 -8.44 47.17
N GLN A 261 35.98 -9.77 47.08
CA GLN A 261 35.64 -10.39 45.80
C GLN A 261 34.29 -9.89 45.30
N HIS A 262 33.32 -9.74 46.19
CA HIS A 262 32.01 -9.24 45.80
C HIS A 262 32.11 -7.83 45.23
N VAL A 263 32.88 -6.97 45.88
CA VAL A 263 33.08 -5.61 45.38
C VAL A 263 33.74 -5.64 44.01
N VAL A 264 34.69 -6.55 43.82
CA VAL A 264 35.39 -6.64 42.54
C VAL A 264 34.42 -7.05 41.43
N GLU A 265 33.57 -8.04 41.70
CA GLU A 265 32.58 -8.44 40.69
C GLU A 265 31.59 -7.32 40.41
N VAL A 266 31.20 -6.57 41.44
CA VAL A 266 30.31 -5.42 41.23
C VAL A 266 30.96 -4.40 40.30
N ILE A 267 32.26 -4.15 40.51
CA ILE A 267 32.97 -3.22 39.62
C ILE A 267 33.01 -3.78 38.20
N GLN A 268 33.30 -5.08 38.06
CA GLN A 268 33.44 -5.68 36.74
C GLN A 268 32.13 -5.64 35.96
N ASN A 269 31.01 -5.95 36.63
CA ASN A 269 29.74 -5.99 35.92
C ASN A 269 29.30 -4.62 35.41
N SER A 270 29.61 -3.57 36.16
CA SER A 270 29.20 -2.22 35.76
C SER A 270 29.98 -1.78 34.52
N THR A 271 29.36 -0.89 33.74
CA THR A 271 29.99 -0.29 32.57
C THR A 271 30.51 1.11 32.86
N ALA A 272 30.65 1.45 34.15
CA ALA A 272 31.13 2.76 34.55
C ALA A 272 32.65 2.76 34.61
N LYS A 273 33.25 3.76 33.98
CA LYS A 273 34.71 3.86 33.94
C LYS A 273 35.27 4.75 35.03
N VAL A 274 34.46 5.61 35.63
CA VAL A 274 34.91 6.57 36.63
C VAL A 274 34.46 6.10 38.00
N ILE A 275 35.41 5.86 38.89
CA ILE A 275 35.14 5.37 40.23
C ILE A 275 35.63 6.41 41.23
N VAL A 276 34.75 6.83 42.12
CA VAL A 276 35.06 7.84 43.12
C VAL A 276 35.32 7.14 44.44
N VAL A 277 36.47 7.41 45.05
CA VAL A 277 36.93 6.67 46.22
C VAL A 277 37.23 7.67 47.35
N PHE A 278 36.46 7.57 48.44
CA PHE A 278 36.78 8.22 49.72
C PHE A 278 37.31 7.15 50.65
N SER A 279 38.63 6.99 50.68
CA SER A 279 39.25 5.97 51.52
C SER A 279 40.67 6.41 51.83
N SER A 280 41.30 5.69 52.76
CA SER A 280 42.70 5.86 53.08
C SER A 280 43.51 4.75 52.43
N GLY A 281 44.83 4.84 52.58
CA GLY A 281 45.73 3.86 52.03
C GLY A 281 45.53 2.47 52.60
N PRO A 282 45.60 2.33 53.92
CA PRO A 282 45.36 1.02 54.54
C PRO A 282 43.99 0.45 54.24
N ASP A 283 42.95 1.27 54.12
CA ASP A 283 41.61 0.80 53.83
C ASP A 283 41.42 0.42 52.37
N LEU A 284 42.22 0.97 51.46
CA LEU A 284 42.10 0.68 50.04
C LEU A 284 43.07 -0.37 49.55
N GLU A 285 44.10 -0.70 50.33
CA GLU A 285 45.13 -1.63 49.85
C GLU A 285 44.60 -3.00 49.46
N PRO A 286 43.76 -3.68 50.25
CA PRO A 286 43.29 -5.02 49.83
C PRO A 286 42.56 -5.03 48.50
N LEU A 287 41.65 -4.07 48.30
CA LEU A 287 40.88 -4.03 47.07
C LEU A 287 41.78 -3.79 45.86
N ILE A 288 42.75 -2.88 46.01
CA ILE A 288 43.66 -2.59 44.92
C ILE A 288 44.52 -3.81 44.61
N LYS A 289 44.98 -4.52 45.65
CA LYS A 289 45.76 -5.73 45.41
C LYS A 289 44.94 -6.78 44.67
N GLU A 290 43.68 -6.97 45.07
CA GLU A 290 42.84 -7.97 44.41
C GLU A 290 42.58 -7.58 42.95
N ILE A 291 42.30 -6.31 42.70
CA ILE A 291 42.04 -5.85 41.34
C ILE A 291 43.30 -5.98 40.48
N VAL A 292 44.46 -5.72 41.07
CA VAL A 292 45.72 -5.91 40.35
C VAL A 292 45.92 -7.38 40.01
N ARG A 293 45.61 -8.27 40.96
CA ARG A 293 45.72 -9.70 40.71
C ARG A 293 44.84 -10.12 39.54
N ARG A 294 43.58 -9.66 39.54
CA ARG A 294 42.68 -10.03 38.45
C ARG A 294 42.84 -9.17 37.20
N ASN A 295 43.70 -8.15 37.24
CA ASN A 295 44.03 -7.35 36.07
C ASN A 295 42.79 -6.68 35.45
N ILE A 296 42.17 -5.78 36.19
CA ILE A 296 41.04 -4.98 35.69
C ILE A 296 41.61 -3.63 35.28
N THR A 297 41.87 -3.48 33.99
CA THR A 297 42.51 -2.29 33.45
C THR A 297 41.48 -1.40 32.75
N GLY A 298 41.69 -0.09 32.83
CA GLY A 298 40.86 0.86 32.12
C GLY A 298 39.82 1.57 32.95
N LYS A 299 40.05 1.74 34.25
CA LYS A 299 39.10 2.40 35.14
C LYS A 299 39.70 3.71 35.64
N ILE A 300 38.97 4.81 35.48
CA ILE A 300 39.41 6.09 36.02
C ILE A 300 39.18 6.09 37.52
N TRP A 301 40.23 6.40 38.28
CA TRP A 301 40.14 6.48 39.73
C TRP A 301 40.25 7.93 40.15
N LEU A 302 39.22 8.44 40.81
CA LEU A 302 39.25 9.76 41.41
C LEU A 302 39.56 9.61 42.90
N ALA A 303 40.64 10.24 43.33
CA ALA A 303 41.21 9.99 44.65
C ALA A 303 40.88 11.12 45.61
N SER A 304 40.55 10.74 46.84
CA SER A 304 40.48 11.70 47.92
C SER A 304 41.87 11.98 48.45
N GLU A 305 41.98 13.01 49.30
CA GLU A 305 43.28 13.46 49.79
C GLU A 305 44.00 12.42 50.61
N ALA A 306 43.30 11.43 51.17
CA ALA A 306 43.94 10.46 52.05
C ALA A 306 44.87 9.51 51.29
N TRP A 307 44.41 8.96 50.17
CA TRP A 307 45.21 8.02 49.40
C TRP A 307 45.74 8.58 48.10
N ALA A 308 45.56 9.88 47.85
CA ALA A 308 46.07 10.48 46.62
C ALA A 308 47.59 10.50 46.57
N SER A 309 48.25 10.54 47.74
CA SER A 309 49.71 10.52 47.81
C SER A 309 50.20 9.32 48.60
N SER A 310 49.35 8.31 48.80
CA SER A 310 49.70 7.17 49.63
C SER A 310 50.76 6.31 48.94
N SER A 311 51.83 5.99 49.66
CA SER A 311 52.87 5.13 49.12
C SER A 311 52.42 3.68 49.08
N LEU A 312 51.43 3.31 49.89
CA LEU A 312 50.92 1.95 49.87
C LEU A 312 50.25 1.63 48.53
N ILE A 313 49.54 2.61 47.97
CA ILE A 313 48.81 2.41 46.72
C ILE A 313 49.65 2.80 45.51
N ALA A 314 50.37 3.92 45.60
CA ALA A 314 51.15 4.43 44.47
C ALA A 314 52.45 3.65 44.31
N MET A 315 52.30 2.37 43.94
CA MET A 315 53.45 1.50 43.79
C MET A 315 53.68 1.14 42.33
N PRO A 316 54.93 0.89 41.93
CA PRO A 316 55.23 0.69 40.50
C PRO A 316 54.49 -0.47 39.85
N GLN A 317 54.22 -1.54 40.59
CA GLN A 317 53.63 -2.75 40.00
C GLN A 317 52.11 -2.71 39.99
N TYR A 318 51.49 -1.60 40.39
CA TYR A 318 50.05 -1.44 40.29
C TYR A 318 49.65 -0.48 39.17
N PHE A 319 50.61 -0.02 38.36
CA PHE A 319 50.34 1.08 37.45
C PHE A 319 49.34 0.71 36.35
N HIS A 320 49.21 -0.57 36.02
CA HIS A 320 48.23 -0.93 35.00
C HIS A 320 46.81 -0.76 35.52
N VAL A 321 46.65 -0.61 36.83
CA VAL A 321 45.35 -0.36 37.42
C VAL A 321 45.20 1.06 37.94
N VAL A 322 46.21 1.62 38.60
CA VAL A 322 46.08 2.90 39.28
C VAL A 322 46.69 4.05 38.51
N GLY A 323 47.32 3.80 37.37
CA GLY A 323 47.91 4.87 36.60
C GLY A 323 46.89 5.85 36.08
N GLY A 324 47.29 7.11 35.89
CA GLY A 324 46.38 8.12 35.41
C GLY A 324 45.41 8.66 36.43
N THR A 325 45.61 8.35 37.71
CA THR A 325 44.68 8.76 38.75
C THR A 325 44.65 10.27 38.88
N ILE A 326 43.46 10.82 39.06
CA ILE A 326 43.27 12.23 39.37
C ILE A 326 42.95 12.33 40.86
N GLY A 327 43.72 13.15 41.58
CA GLY A 327 43.57 13.21 43.03
C GLY A 327 43.77 14.61 43.57
N PHE A 328 43.51 14.75 44.87
CA PHE A 328 43.58 16.03 45.56
C PHE A 328 44.76 16.06 46.51
N ALA A 329 45.41 17.22 46.59
CA ALA A 329 46.49 17.46 47.54
C ALA A 329 46.27 18.80 48.22
N LEU A 330 46.75 18.91 49.46
CA LEU A 330 46.66 20.17 50.18
C LEU A 330 47.75 21.13 49.69
N LYS A 331 47.57 22.40 50.05
CA LYS A 331 48.61 23.39 49.79
C LYS A 331 49.82 23.09 50.67
N ALA A 332 51.00 23.21 50.08
CA ALA A 332 52.24 22.91 50.79
C ALA A 332 52.75 24.15 51.53
N GLY A 333 53.67 23.92 52.46
CA GLY A 333 54.28 24.99 53.21
C GLY A 333 55.77 24.77 53.33
N GLN A 334 56.46 25.78 53.85
CA GLN A 334 57.91 25.76 53.98
C GLN A 334 58.29 25.88 55.46
N ILE A 335 59.11 24.96 55.92
CA ILE A 335 59.69 25.02 57.26
C ILE A 335 61.20 25.05 57.11
N PRO A 336 61.83 26.22 57.06
CA PRO A 336 63.28 26.28 56.85
C PRO A 336 64.03 25.57 57.97
N GLY A 337 65.06 24.83 57.58
CA GLY A 337 65.86 24.08 58.53
C GLY A 337 65.28 22.76 58.98
N PHE A 338 64.26 22.25 58.28
CA PHE A 338 63.60 21.03 58.72
C PHE A 338 64.31 19.78 58.19
N ARG A 339 64.80 19.83 56.96
CA ARG A 339 65.45 18.65 56.37
C ARG A 339 66.73 18.31 57.12
N GLU A 340 67.51 19.32 57.51
CA GLU A 340 68.73 19.07 58.26
C GLU A 340 68.42 18.46 59.63
N PHE A 341 67.40 18.98 60.30
CA PHE A 341 66.99 18.39 61.58
C PHE A 341 66.56 16.94 61.39
N LEU A 342 65.86 16.65 60.29
CA LEU A 342 65.50 15.27 59.99
C LEU A 342 66.74 14.41 59.81
N LYS A 343 67.75 14.94 59.12
CA LYS A 343 68.98 14.19 58.87
C LYS A 343 69.81 13.99 60.12
N LYS A 344 69.67 14.83 61.14
CA LYS A 344 70.46 14.71 62.36
C LYS A 344 70.01 13.57 63.27
N VAL A 345 69.13 12.69 62.79
CA VAL A 345 68.60 11.64 63.65
C VAL A 345 69.67 10.59 63.92
N HIS A 346 69.63 10.00 65.12
CA HIS A 346 70.60 8.99 65.53
C HIS A 346 69.96 8.17 66.64
N PRO A 347 70.13 6.84 66.66
CA PRO A 347 69.46 6.02 67.67
C PRO A 347 70.01 6.20 69.07
N ARG A 348 71.16 6.84 69.23
CA ARG A 348 71.74 7.06 70.55
C ARG A 348 71.77 8.52 70.95
N LYS A 349 71.99 9.43 70.01
CA LYS A 349 71.98 10.86 70.33
C LYS A 349 70.60 11.30 70.79
N SER A 350 69.55 10.82 70.14
CA SER A 350 68.19 11.20 70.49
C SER A 350 67.74 10.36 71.68
N VAL A 351 67.78 10.95 72.88
CA VAL A 351 67.30 10.29 74.08
C VAL A 351 65.86 10.70 74.42
N HIS A 352 65.42 11.88 73.99
CA HIS A 352 64.06 12.31 74.21
C HIS A 352 63.10 11.79 73.15
N ASN A 353 63.61 11.10 72.13
CA ASN A 353 62.80 10.41 71.14
C ASN A 353 63.06 8.93 71.27
N GLY A 354 62.06 8.18 71.72
CA GLY A 354 62.17 6.76 71.89
C GLY A 354 61.81 5.93 70.67
N PHE A 355 61.45 6.57 69.57
CA PHE A 355 61.13 5.86 68.34
C PHE A 355 62.29 5.83 67.37
N ALA A 356 63.34 6.61 67.61
CA ALA A 356 64.48 6.63 66.68
C ALA A 356 65.20 5.29 66.64
N LYS A 357 65.12 4.51 67.72
CA LYS A 357 65.73 3.19 67.75
C LYS A 357 65.15 2.29 66.67
N GLU A 358 63.84 2.04 66.74
CA GLU A 358 63.19 1.21 65.73
C GLU A 358 63.24 1.86 64.36
N PHE A 359 63.25 3.20 64.30
CA PHE A 359 63.40 3.87 63.02
C PHE A 359 64.72 3.49 62.36
N TRP A 360 65.82 3.53 63.11
CA TRP A 360 67.11 3.11 62.59
C TRP A 360 67.10 1.65 62.20
N GLU A 361 66.49 0.80 63.04
CA GLU A 361 66.47 -0.62 62.78
C GLU A 361 65.75 -0.94 61.46
N GLU A 362 64.60 -0.31 61.23
CA GLU A 362 63.88 -0.54 59.97
C GLU A 362 64.57 0.15 58.81
N THR A 363 65.28 1.25 59.08
CA THR A 363 65.95 1.99 58.02
C THR A 363 67.09 1.19 57.43
N PHE A 364 67.97 0.64 58.28
CA PHE A 364 69.17 -0.02 57.82
C PHE A 364 69.13 -1.54 57.97
N ASN A 365 67.97 -2.12 58.27
CA ASN A 365 67.78 -3.56 58.31
C ASN A 365 68.81 -4.23 59.21
N CYS A 366 69.06 -3.61 60.36
CA CYS A 366 70.02 -4.11 61.33
C CYS A 366 69.44 -4.01 62.72
N HIS A 367 70.03 -4.76 63.64
CA HIS A 367 69.58 -4.81 65.03
C HIS A 367 70.63 -4.15 65.92
N LEU A 368 70.18 -3.21 66.75
CA LEU A 368 71.08 -2.56 67.69
C LEU A 368 70.56 -2.65 69.12
N PRO A 401 71.58 -8.57 61.63
CA PRO A 401 72.93 -8.04 61.76
C PRO A 401 73.00 -6.89 62.76
N LEU A 402 74.18 -6.66 63.33
CA LEU A 402 74.36 -5.56 64.26
C LEU A 402 74.46 -4.24 63.50
N CYS A 403 74.24 -3.14 64.22
CA CYS A 403 74.25 -1.80 63.66
C CYS A 403 75.55 -1.11 64.03
N THR A 404 76.28 -0.64 63.03
CA THR A 404 77.53 0.08 63.31
C THR A 404 77.25 1.46 63.91
N GLY A 405 76.07 2.02 63.66
CA GLY A 405 75.72 3.32 64.16
C GLY A 405 76.25 4.48 63.35
N ASP A 406 76.99 4.21 62.27
CA ASP A 406 77.55 5.26 61.42
C ASP A 406 76.95 5.25 60.02
N GLU A 407 75.81 4.58 59.84
CA GLU A 407 75.18 4.53 58.54
C GLU A 407 74.59 5.90 58.17
N ASN A 408 74.42 6.11 56.88
CA ASN A 408 73.95 7.38 56.33
C ASN A 408 72.50 7.24 55.91
N ILE A 409 71.67 8.21 56.31
CA ILE A 409 70.27 8.22 55.95
C ILE A 409 70.08 8.34 54.44
N SER A 410 70.95 9.09 53.76
CA SER A 410 70.78 9.33 52.34
C SER A 410 71.00 8.07 51.51
N SER A 411 71.70 7.08 52.08
CA SER A 411 71.98 5.86 51.33
C SER A 411 70.72 5.11 50.97
N VAL A 412 69.76 5.04 51.90
CA VAL A 412 68.54 4.28 51.70
C VAL A 412 67.40 5.24 51.37
N GLU A 413 66.51 4.82 50.49
CA GLU A 413 65.39 5.63 50.05
C GLU A 413 64.14 5.25 50.84
N THR A 414 63.64 6.17 51.66
CA THR A 414 62.45 5.95 52.47
C THR A 414 61.63 7.23 52.45
N PRO A 415 60.33 7.14 52.75
CA PRO A 415 59.50 8.35 52.82
C PRO A 415 59.92 9.32 53.91
N TYR A 416 60.88 8.97 54.76
CA TYR A 416 61.34 9.86 55.81
C TYR A 416 61.99 11.11 55.23
N ILE A 417 62.84 10.93 54.22
CA ILE A 417 63.47 12.07 53.54
C ILE A 417 63.04 12.19 52.08
N ASP A 418 62.45 11.16 51.48
CA ASP A 418 62.02 11.22 50.09
C ASP A 418 60.65 11.88 49.98
N TYR A 419 60.60 13.13 50.40
CA TYR A 419 59.40 13.95 50.30
C TYR A 419 59.67 15.11 49.37
N THR A 420 58.67 15.45 48.54
CA THR A 420 58.76 16.60 47.66
C THR A 420 58.09 17.83 48.25
N HIS A 421 56.98 17.65 48.95
CA HIS A 421 56.23 18.75 49.55
C HIS A 421 55.95 18.43 51.01
N LEU A 422 55.77 19.49 51.79
CA LEU A 422 55.42 19.39 53.20
C LEU A 422 53.98 19.85 53.36
N ARG A 423 53.05 18.89 53.48
CA ARG A 423 51.63 19.21 53.52
C ARG A 423 51.03 18.87 54.88
N ILE A 424 51.13 17.62 55.35
CA ILE A 424 50.62 17.28 56.69
C ILE A 424 51.62 17.62 57.77
N SER A 425 52.91 17.64 57.46
CA SER A 425 53.93 18.12 58.39
C SER A 425 53.75 19.59 58.71
N TYR A 426 53.42 20.39 57.71
CA TYR A 426 53.13 21.81 57.95
C TYR A 426 51.90 21.97 58.83
N ASN A 427 50.95 21.04 58.74
CA ASN A 427 49.79 21.07 59.63
C ASN A 427 50.20 20.87 61.09
N VAL A 428 51.10 19.91 61.34
CA VAL A 428 51.61 19.69 62.70
C VAL A 428 52.33 20.94 63.19
N TYR A 429 53.17 21.50 62.32
CA TYR A 429 53.87 22.74 62.64
C TYR A 429 52.89 23.85 63.03
N LEU A 430 51.83 24.02 62.25
CA LEU A 430 50.85 25.07 62.53
C LEU A 430 50.11 24.79 63.83
N ALA A 431 49.81 23.52 64.11
CA ALA A 431 49.13 23.20 65.36
C ALA A 431 49.99 23.59 66.57
N VAL A 432 51.26 23.21 66.54
CA VAL A 432 52.15 23.55 67.65
C VAL A 432 52.27 25.07 67.79
N TYR A 433 52.42 25.76 66.66
CA TYR A 433 52.57 27.21 66.74
C TYR A 433 51.30 27.91 67.17
N SER A 434 50.13 27.35 66.85
CA SER A 434 48.88 27.93 67.32
C SER A 434 48.75 27.81 68.82
N ILE A 435 49.09 26.63 69.37
CA ILE A 435 49.09 26.49 70.83
C ILE A 435 50.07 27.46 71.46
N ALA A 436 51.26 27.60 70.86
CA ALA A 436 52.26 28.51 71.40
C ALA A 436 51.79 29.96 71.36
N HIS A 437 51.11 30.37 70.28
CA HIS A 437 50.64 31.74 70.18
C HIS A 437 49.49 32.01 71.14
N ALA A 438 48.63 31.03 71.38
CA ALA A 438 47.62 31.20 72.43
C ALA A 438 48.28 31.37 73.80
N LEU A 439 49.32 30.57 74.07
CA LEU A 439 50.04 30.72 75.33
C LEU A 439 50.69 32.09 75.45
N GLN A 440 51.26 32.59 74.35
CA GLN A 440 51.86 33.93 74.35
C GLN A 440 50.81 35.01 74.57
N ASP A 441 49.65 34.88 73.94
CA ASP A 441 48.56 35.83 74.17
C ASP A 441 48.14 35.83 75.64
N ILE A 442 48.20 34.66 76.30
CA ILE A 442 48.03 34.64 77.75
C ILE A 442 49.18 35.40 78.42
N TYR A 443 50.40 35.18 77.95
CA TYR A 443 51.56 35.84 78.56
C TYR A 443 51.55 37.34 78.30
N THR A 444 51.23 37.75 77.08
CA THR A 444 51.24 39.17 76.71
C THR A 444 49.83 39.73 76.83
N CYS A 445 49.43 39.97 78.08
CA CYS A 445 48.13 40.55 78.37
C CYS A 445 48.25 41.52 79.53
N LEU A 446 47.37 42.50 79.55
CA LEU A 446 47.34 43.55 80.56
C LEU A 446 46.00 43.56 81.28
N PRO A 447 45.96 44.09 82.50
CA PRO A 447 44.68 44.16 83.23
C PRO A 447 43.65 44.97 82.47
N GLY A 448 42.39 44.50 82.54
CA GLY A 448 41.31 45.10 81.79
C GLY A 448 41.23 44.66 80.35
N ARG A 449 42.16 43.82 79.89
CA ARG A 449 42.17 43.32 78.53
C ARG A 449 41.94 41.83 78.42
N GLY A 450 42.03 41.08 79.52
CA GLY A 450 41.84 39.65 79.45
C GLY A 450 40.42 39.29 79.05
N LEU A 451 40.27 38.17 78.36
CA LEU A 451 38.99 37.71 77.87
C LEU A 451 38.08 37.17 78.97
N PHE A 452 38.61 36.97 80.18
CA PHE A 452 37.88 36.29 81.24
C PHE A 452 36.95 37.26 81.97
N THR A 453 36.37 36.79 83.07
CA THR A 453 35.32 37.54 83.77
C THR A 453 35.85 38.88 84.26
N ASN A 454 35.06 39.93 84.02
CA ASN A 454 35.41 41.30 84.43
C ASN A 454 36.76 41.73 83.84
N GLY A 455 37.09 41.21 82.67
CA GLY A 455 38.37 41.54 82.05
C GLY A 455 39.58 40.98 82.78
N SER A 456 39.41 39.89 83.52
CA SER A 456 40.52 39.31 84.24
C SER A 456 41.42 38.52 83.30
N CYS A 457 42.62 38.22 83.77
CA CYS A 457 43.63 37.53 82.99
C CYS A 457 44.02 36.23 83.67
N ALA A 458 44.66 35.34 82.91
CA ALA A 458 45.11 34.06 83.42
C ALA A 458 46.62 34.09 83.62
N ASP A 459 47.05 33.69 84.81
CA ASP A 459 48.48 33.62 85.10
C ASP A 459 49.10 32.49 84.30
N ILE A 460 50.14 32.81 83.52
CA ILE A 460 50.79 31.80 82.72
C ILE A 460 51.50 30.77 83.59
N LYS A 461 51.90 31.16 84.80
CA LYS A 461 52.52 30.22 85.73
C LYS A 461 51.52 29.28 86.37
N LYS A 462 50.24 29.64 86.39
CA LYS A 462 49.17 28.80 86.91
C LYS A 462 48.06 28.63 85.86
N VAL A 463 48.47 28.44 84.61
CA VAL A 463 47.51 28.34 83.52
C VAL A 463 46.84 26.97 83.53
N GLU A 464 45.61 26.91 83.01
CA GLU A 464 44.85 25.68 82.90
C GLU A 464 44.41 25.48 81.45
N ALA A 465 43.88 24.29 81.18
CA ALA A 465 43.56 23.91 79.80
C ALA A 465 42.40 24.72 79.24
N TRP A 466 41.40 25.05 80.06
CA TRP A 466 40.23 25.76 79.55
C TRP A 466 40.57 27.20 79.15
N GLN A 467 41.50 27.83 79.88
CA GLN A 467 41.95 29.16 79.47
C GLN A 467 42.65 29.10 78.11
N VAL A 468 43.48 28.09 77.89
CA VAL A 468 44.13 27.92 76.60
C VAL A 468 43.10 27.64 75.52
N LEU A 469 42.04 26.90 75.87
CA LEU A 469 40.98 26.66 74.89
C LEU A 469 40.27 27.95 74.50
N LYS A 470 40.00 28.82 75.47
CA LYS A 470 39.38 30.12 75.16
C LYS A 470 40.28 30.95 74.26
N HIS A 471 41.58 31.01 74.60
CA HIS A 471 42.50 31.80 73.78
C HIS A 471 42.73 31.17 72.42
N LEU A 472 42.52 29.86 72.28
CA LEU A 472 42.58 29.23 70.96
C LEU A 472 41.33 29.53 70.16
N ARG A 473 40.17 29.59 70.83
CA ARG A 473 38.94 29.98 70.17
C ARG A 473 39.02 31.40 69.61
N HIS A 474 39.61 32.33 70.35
CA HIS A 474 39.74 33.70 69.88
C HIS A 474 41.11 34.00 69.27
N LEU A 475 41.89 32.95 68.97
CA LEU A 475 43.21 33.14 68.40
C LEU A 475 43.14 33.72 67.01
N ASN A 476 44.11 34.59 66.69
CA ASN A 476 44.29 35.11 65.33
C ASN A 476 45.74 35.57 65.22
N PHE A 477 46.57 34.77 64.54
CA PHE A 477 47.97 35.14 64.44
C PHE A 477 48.48 35.07 63.00
N THR A 478 49.78 35.23 62.80
CA THR A 478 50.39 35.28 61.48
C THR A 478 51.45 34.20 61.35
N ASN A 479 51.45 33.51 60.21
CA ASN A 479 52.38 32.42 59.96
C ASN A 479 53.77 32.94 59.62
N ASN A 480 54.66 32.01 59.27
CA ASN A 480 55.96 32.36 58.71
C ASN A 480 55.88 32.64 57.22
N MET A 481 54.77 32.31 56.58
CA MET A 481 54.57 32.56 55.16
C MET A 481 53.72 33.80 54.90
N GLY A 482 53.54 34.64 55.93
CA GLY A 482 52.75 35.84 55.77
C GLY A 482 51.28 35.58 55.54
N GLU A 483 50.71 34.64 56.29
CA GLU A 483 49.30 34.31 56.21
C GLU A 483 48.69 34.40 57.60
N GLN A 484 47.42 34.78 57.66
CA GLN A 484 46.70 34.90 58.92
C GLN A 484 46.00 33.59 59.24
N VAL A 485 46.28 33.05 60.41
CA VAL A 485 45.67 31.81 60.89
C VAL A 485 44.65 32.15 61.95
N THR A 486 43.42 31.69 61.73
CA THR A 486 42.30 31.87 62.64
C THR A 486 41.39 30.64 62.52
N PHE A 487 40.66 30.35 63.58
CA PHE A 487 39.72 29.24 63.60
C PHE A 487 38.31 29.80 63.73
N ASP A 488 37.41 29.30 62.89
CA ASP A 488 36.04 29.82 62.84
C ASP A 488 35.23 29.31 64.03
N GLU A 489 33.92 29.55 63.99
CA GLU A 489 33.05 29.15 65.09
C GLU A 489 33.02 27.64 65.30
N CYS A 490 33.36 26.85 64.29
CA CYS A 490 33.42 25.40 64.41
C CYS A 490 34.84 24.90 64.67
N GLY A 491 35.80 25.80 64.83
CA GLY A 491 37.18 25.41 65.01
C GLY A 491 37.85 24.86 63.78
N ASP A 492 37.37 25.23 62.60
CA ASP A 492 37.88 24.70 61.34
C ASP A 492 38.73 25.75 60.62
N LEU A 493 39.52 25.26 59.67
CA LEU A 493 40.41 26.09 58.87
C LEU A 493 40.11 25.86 57.40
N VAL A 494 39.89 26.93 56.66
CA VAL A 494 39.59 26.83 55.23
C VAL A 494 40.90 26.84 54.44
N GLY A 495 40.91 26.14 53.31
CA GLY A 495 42.11 26.04 52.53
C GLY A 495 41.85 25.62 51.09
N ASN A 496 42.84 25.88 50.25
CA ASN A 496 42.78 25.58 48.83
C ASN A 496 43.02 24.09 48.57
N TYR A 497 42.93 23.68 47.30
CA TYR A 497 43.33 22.34 46.91
C TYR A 497 44.12 22.41 45.60
N SER A 498 44.99 21.43 45.40
CA SER A 498 45.66 21.21 44.13
C SER A 498 45.24 19.85 43.59
N ILE A 499 45.31 19.69 42.27
CA ILE A 499 44.90 18.48 41.59
C ILE A 499 46.12 17.85 40.94
N ILE A 500 46.30 16.56 41.17
CA ILE A 500 47.49 15.84 40.74
C ILE A 500 47.09 14.64 39.89
N ASN A 501 48.03 14.24 39.03
CA ASN A 501 47.84 13.10 38.13
C ASN A 501 49.00 12.12 38.29
N TRP A 502 48.67 10.84 38.32
CA TRP A 502 49.67 9.79 38.52
C TRP A 502 50.27 9.41 37.17
N HIS A 503 51.53 9.78 36.97
CA HIS A 503 52.27 9.43 35.76
C HIS A 503 53.42 8.51 36.12
N LEU A 504 53.88 7.77 35.12
CA LEU A 504 55.01 6.85 35.30
C LEU A 504 56.29 7.57 34.92
N SER A 505 57.26 7.59 35.83
CA SER A 505 58.47 8.35 35.61
C SER A 505 59.31 7.70 34.50
N PRO A 506 60.02 8.52 33.71
CA PRO A 506 60.89 7.96 32.67
C PRO A 506 62.11 7.25 33.24
N GLU A 507 62.81 7.91 34.15
CA GLU A 507 64.06 7.36 34.68
C GLU A 507 63.81 6.10 35.49
N ASP A 508 62.77 6.09 36.32
CA ASP A 508 62.50 4.99 37.24
C ASP A 508 61.02 4.62 37.15
N GLY A 509 60.72 3.40 37.56
CA GLY A 509 59.34 2.95 37.58
C GLY A 509 58.49 3.55 38.68
N SER A 510 59.06 4.43 39.51
CA SER A 510 58.31 5.07 40.56
C SER A 510 57.25 5.99 39.97
N ILE A 511 56.09 6.04 40.64
CA ILE A 511 55.03 6.95 40.22
C ILE A 511 55.37 8.36 40.67
N VAL A 512 55.20 9.31 39.75
CA VAL A 512 55.43 10.73 40.02
C VAL A 512 54.08 11.45 39.97
N PHE A 513 53.88 12.36 40.91
CA PHE A 513 52.62 13.11 41.00
C PHE A 513 52.81 14.44 40.30
N LYS A 514 52.01 14.68 39.27
CA LYS A 514 52.10 15.89 38.47
C LYS A 514 50.85 16.74 38.68
N GLU A 515 51.04 18.00 39.05
CA GLU A 515 49.93 18.90 39.27
C GLU A 515 49.26 19.23 37.94
N VAL A 516 47.92 19.20 37.91
CA VAL A 516 47.18 19.41 36.67
C VAL A 516 46.06 20.43 36.86
N GLY A 517 46.05 21.13 37.99
CA GLY A 517 45.04 22.13 38.21
C GLY A 517 44.90 22.46 39.69
N TYR A 518 43.90 23.29 39.98
CA TYR A 518 43.68 23.74 41.35
C TYR A 518 42.18 23.87 41.60
N TYR A 519 41.83 23.88 42.89
CA TYR A 519 40.48 24.17 43.35
C TYR A 519 40.56 25.33 44.34
N ASN A 520 39.87 26.42 44.01
CA ASN A 520 39.91 27.66 44.77
C ASN A 520 38.62 27.78 45.56
N VAL A 521 38.71 27.63 46.89
CA VAL A 521 37.54 27.59 47.75
C VAL A 521 37.09 28.99 48.13
N TYR A 522 37.70 30.00 47.50
CA TYR A 522 37.39 31.39 47.81
C TYR A 522 36.53 32.08 46.77
N ALA A 523 36.39 31.49 45.58
CA ALA A 523 35.51 32.03 44.56
C ALA A 523 34.08 31.56 44.84
N LYS A 524 33.14 31.86 43.94
CA LYS A 524 31.77 31.41 44.08
C LYS A 524 31.53 30.16 43.25
N LYS A 525 30.35 29.57 43.44
CA LYS A 525 30.04 28.28 42.83
C LYS A 525 30.15 28.36 41.31
N GLY A 526 30.86 27.39 40.72
CA GLY A 526 31.03 27.32 39.30
C GLY A 526 32.43 27.64 38.81
N GLU A 527 33.11 28.61 39.43
CA GLU A 527 34.45 29.01 39.02
C GLU A 527 35.50 28.65 40.06
N ARG A 528 35.20 27.70 40.94
CA ARG A 528 36.12 27.25 41.97
C ARG A 528 37.09 26.19 41.47
N LEU A 529 36.94 25.73 40.23
CA LEU A 529 37.74 24.65 39.68
C LEU A 529 38.52 25.15 38.47
N PHE A 530 39.77 24.75 38.36
CA PHE A 530 40.54 24.94 37.13
C PHE A 530 41.34 23.68 36.87
N ILE A 531 41.18 23.12 35.67
CA ILE A 531 41.93 21.93 35.27
C ILE A 531 42.62 22.22 33.95
N ASN A 532 43.87 21.79 33.86
CA ASN A 532 44.68 21.93 32.65
C ASN A 532 44.69 20.58 31.95
N GLU A 533 44.03 20.51 30.80
CA GLU A 533 43.83 19.23 30.13
C GLU A 533 45.10 18.69 29.47
N GLU A 534 45.97 19.55 28.94
CA GLU A 534 47.13 19.05 28.22
C GLU A 534 48.18 18.47 29.16
N LYS A 535 47.99 18.59 30.47
CA LYS A 535 48.89 17.96 31.42
C LYS A 535 48.39 16.61 31.95
N ILE A 536 47.23 16.13 31.49
CA ILE A 536 46.67 14.86 31.95
C ILE A 536 47.10 13.74 31.02
N LEU A 537 47.35 12.56 31.59
CA LEU A 537 47.56 11.32 30.83
C LEU A 537 46.60 10.28 31.37
N TRP A 538 45.48 10.08 30.68
CA TRP A 538 44.46 9.15 31.12
C TRP A 538 44.99 7.72 31.12
N SER A 539 44.67 6.98 32.18
CA SER A 539 45.12 5.61 32.36
C SER A 539 46.63 5.51 32.39
N GLY A 540 47.31 6.66 32.50
CA GLY A 540 48.75 6.70 32.56
C GLY A 540 49.45 6.82 31.23
N PHE A 541 48.76 6.52 30.13
CA PHE A 541 49.39 6.56 28.81
C PHE A 541 48.53 7.20 27.74
N SER A 542 47.23 7.39 27.95
CA SER A 542 46.32 7.80 26.90
C SER A 542 46.12 9.30 26.89
N ARG A 543 45.69 9.80 25.73
CA ARG A 543 45.50 11.23 25.49
C ARG A 543 44.05 11.59 25.17
N GLU A 544 43.21 10.63 24.85
CA GLU A 544 41.82 10.90 24.48
C GLU A 544 40.95 10.83 25.71
N VAL A 545 40.17 11.88 25.94
CA VAL A 545 39.32 11.92 27.13
C VAL A 545 38.29 10.79 27.03
N PRO A 546 38.24 9.88 27.99
CA PRO A 546 37.45 8.65 27.82
C PRO A 546 35.96 8.91 28.02
N PHE A 547 35.19 7.85 27.78
CA PHE A 547 33.75 7.89 27.72
C PHE A 547 33.18 7.13 28.90
N SER A 548 32.37 7.80 29.72
CA SER A 548 31.79 7.22 30.93
C SER A 548 30.31 7.60 31.02
N ASN A 549 29.60 7.42 29.91
CA ASN A 549 28.15 7.63 29.87
C ASN A 549 27.47 6.28 29.73
N CYS A 550 26.30 6.14 30.36
CA CYS A 550 25.60 4.87 30.33
C CYS A 550 25.15 4.53 28.92
N SER A 551 24.64 5.51 28.18
CA SER A 551 24.10 5.29 26.85
C SER A 551 24.66 6.33 25.88
N ARG A 552 24.89 5.91 24.65
CA ARG A 552 25.36 6.81 23.61
C ARG A 552 24.27 7.83 23.27
N ASP A 553 24.72 8.99 22.81
CA ASP A 553 23.79 10.09 22.55
C ASP A 553 22.85 9.76 21.39
N CYS A 554 21.68 10.39 21.41
CA CYS A 554 20.72 10.29 20.33
C CYS A 554 21.01 11.40 19.32
N LEU A 555 21.28 11.01 18.08
CA LEU A 555 21.60 11.99 17.04
C LEU A 555 20.32 12.69 16.57
N ALA A 556 20.50 13.59 15.61
CA ALA A 556 19.40 14.41 15.12
C ALA A 556 18.31 13.54 14.51
N GLY A 557 17.06 13.96 14.69
CA GLY A 557 15.92 13.22 14.21
C GLY A 557 15.47 12.08 15.11
N THR A 558 16.00 11.98 16.32
CA THR A 558 15.72 10.88 17.22
C THR A 558 15.51 11.41 18.63
N ARG A 559 14.49 10.89 19.31
CA ARG A 559 14.14 11.27 20.67
C ARG A 559 14.56 10.19 21.64
N LYS A 560 14.38 10.48 22.92
CA LYS A 560 14.80 9.61 24.01
C LYS A 560 13.59 8.86 24.58
N GLY A 561 13.70 7.53 24.63
CA GLY A 561 12.73 6.70 25.29
C GLY A 561 13.26 6.11 26.58
N ILE A 562 12.34 5.63 27.41
CA ILE A 562 12.61 5.22 28.77
C ILE A 562 12.88 3.72 28.77
N ILE A 563 14.04 3.32 29.31
CA ILE A 563 14.28 1.92 29.64
C ILE A 563 13.77 1.70 31.06
N GLU A 564 12.76 0.84 31.20
CA GLU A 564 12.14 0.64 32.50
C GLU A 564 13.12 -0.02 33.47
N GLY A 565 13.08 0.45 34.72
CA GLY A 565 13.93 -0.07 35.76
C GLY A 565 15.34 0.48 35.79
N GLU A 566 15.71 1.35 34.86
CA GLU A 566 17.02 1.94 34.78
C GLU A 566 16.95 3.45 35.00
N PRO A 567 18.04 4.07 35.46
CA PRO A 567 18.00 5.50 35.74
C PRO A 567 17.77 6.34 34.48
N THR A 568 17.57 7.64 34.70
CA THR A 568 17.29 8.55 33.61
C THR A 568 18.48 8.69 32.66
N CYS A 569 19.70 8.54 33.17
CA CYS A 569 20.88 8.60 32.31
C CYS A 569 20.88 7.48 31.28
N CYS A 570 20.25 6.35 31.62
CA CYS A 570 20.19 5.19 30.73
C CYS A 570 18.89 5.25 29.95
N PHE A 571 18.98 5.64 28.67
CA PHE A 571 17.83 5.87 27.81
C PHE A 571 18.00 5.10 26.51
N GLU A 572 17.02 5.26 25.63
CA GLU A 572 17.01 4.60 24.33
C GLU A 572 16.77 5.65 23.25
N CYS A 573 17.23 5.37 22.03
CA CYS A 573 17.05 6.27 20.89
C CYS A 573 15.92 5.74 20.02
N VAL A 574 14.87 6.54 19.84
CA VAL A 574 13.71 6.18 19.03
C VAL A 574 13.48 7.26 17.98
N GLU A 575 13.38 6.85 16.72
CA GLU A 575 13.23 7.83 15.63
C GLU A 575 11.91 8.57 15.73
N CYS A 576 11.92 9.84 15.31
CA CYS A 576 10.72 10.65 15.31
C CYS A 576 9.68 10.07 14.35
N PRO A 577 8.40 10.30 14.62
CA PRO A 577 7.36 9.88 13.68
C PRO A 577 7.32 10.80 12.46
N ASP A 578 6.45 10.45 11.52
CA ASP A 578 6.27 11.23 10.30
C ASP A 578 5.32 12.39 10.61
N GLY A 579 5.87 13.60 10.62
CA GLY A 579 5.09 14.78 10.92
C GLY A 579 5.79 15.69 11.91
N GLU A 580 6.56 15.11 12.81
CA GLU A 580 7.30 15.85 13.81
C GLU A 580 8.79 15.63 13.61
N TYR A 581 9.59 16.64 13.93
CA TYR A 581 11.03 16.62 13.68
C TYR A 581 11.77 16.92 14.98
N SER A 582 13.10 16.86 14.90
CA SER A 582 13.97 17.16 16.03
C SER A 582 15.41 17.37 15.57
N ASP A 583 16.00 18.51 15.94
CA ASP A 583 17.36 18.84 15.53
C ASP A 583 18.35 18.81 16.68
N GLU A 584 17.96 19.27 17.87
CA GLU A 584 18.87 19.31 19.00
C GLU A 584 19.22 17.89 19.46
N THR A 585 20.49 17.70 19.80
CA THR A 585 20.95 16.40 20.27
C THR A 585 20.38 16.10 21.65
N ASP A 586 20.21 14.80 21.93
CA ASP A 586 19.67 14.32 23.20
C ASP A 586 18.32 14.94 23.49
N ALA A 587 17.47 14.99 22.47
CA ALA A 587 16.14 15.57 22.61
C ALA A 587 15.22 14.61 23.34
N SER A 588 14.34 15.17 24.17
CA SER A 588 13.40 14.34 24.93
C SER A 588 12.21 13.95 24.07
N ALA A 589 11.56 14.93 23.43
CA ALA A 589 10.43 14.68 22.57
C ALA A 589 10.62 15.41 21.26
N CYS A 590 10.07 14.85 20.20
CA CYS A 590 10.19 15.43 18.87
C CYS A 590 9.26 16.64 18.76
N ASN A 591 9.62 17.57 17.87
CA ASN A 591 8.93 18.84 17.76
C ASN A 591 7.95 18.79 16.58
N LYS A 592 6.71 19.18 16.83
CA LYS A 592 5.72 19.23 15.77
C LYS A 592 6.09 20.28 14.74
N CYS A 593 5.85 19.97 13.49
CA CYS A 593 6.26 20.94 12.49
C CYS A 593 5.06 21.80 12.10
N PRO A 594 5.23 23.11 11.99
CA PRO A 594 4.07 24.00 11.80
C PRO A 594 3.42 23.80 10.45
N ASP A 595 2.30 24.52 10.25
CA ASP A 595 1.56 24.43 9.00
C ASP A 595 2.39 24.95 7.84
N ASP A 596 1.97 24.59 6.63
CA ASP A 596 2.68 24.93 5.39
C ASP A 596 4.09 24.35 5.39
N PHE A 597 4.33 23.32 6.19
CA PHE A 597 5.64 22.74 6.35
C PHE A 597 5.51 21.27 6.73
N TRP A 598 6.42 20.44 6.21
CA TRP A 598 6.44 19.02 6.50
C TRP A 598 7.87 18.58 6.76
N SER A 599 7.99 17.44 7.43
CA SER A 599 9.29 16.91 7.85
C SER A 599 9.88 16.04 6.76
N ASN A 600 11.21 16.12 6.60
CA ASN A 600 11.92 15.28 5.66
C ASN A 600 12.04 13.85 6.21
N GLU A 601 12.69 13.00 5.42
CA GLU A 601 12.85 11.61 5.83
C GLU A 601 13.70 11.49 7.08
N ASN A 602 14.76 12.29 7.18
CA ASN A 602 15.65 12.24 8.34
C ASN A 602 15.02 12.83 9.59
N HIS A 603 13.89 13.52 9.47
CA HIS A 603 13.19 14.13 10.61
C HIS A 603 14.09 15.10 11.35
N THR A 604 14.97 15.78 10.61
CA THR A 604 15.91 16.73 11.20
C THR A 604 15.47 18.17 11.07
N SER A 605 14.69 18.50 10.04
CA SER A 605 14.28 19.88 9.79
C SER A 605 12.84 19.94 9.31
N CYS A 606 12.43 21.10 8.79
CA CYS A 606 11.09 21.26 8.24
C CYS A 606 11.24 21.78 6.82
N ILE A 607 10.76 21.02 5.84
CA ILE A 607 10.74 21.47 4.45
C ILE A 607 9.33 21.97 4.14
N ALA A 608 9.20 22.80 3.10
CA ALA A 608 7.91 23.30 2.69
C ALA A 608 7.08 22.21 2.03
N LYS A 609 5.78 22.27 2.26
CA LYS A 609 4.87 21.35 1.60
C LYS A 609 4.84 21.63 0.10
N GLU A 610 4.47 20.60 -0.66
CA GLU A 610 4.34 20.74 -2.11
C GLU A 610 2.98 21.32 -2.46
N ILE A 611 3.00 22.55 -2.97
CA ILE A 611 1.81 23.21 -3.51
C ILE A 611 1.62 22.75 -4.94
N GLU A 612 0.53 22.05 -5.24
CA GLU A 612 0.33 21.57 -6.60
C GLU A 612 -1.06 21.93 -7.10
N PHE A 613 -1.17 22.04 -8.43
CA PHE A 613 -2.35 22.45 -9.17
C PHE A 613 -2.04 22.25 -10.64
N LEU A 614 -3.08 22.32 -11.47
CA LEU A 614 -2.88 22.20 -12.90
C LEU A 614 -2.19 23.45 -13.43
N SER A 615 -0.99 23.26 -13.98
CA SER A 615 -0.11 24.37 -14.31
C SER A 615 0.01 24.55 -15.82
N TRP A 616 0.55 25.72 -16.20
CA TRP A 616 0.80 26.04 -17.59
C TRP A 616 1.94 25.25 -18.19
N THR A 617 2.85 24.72 -17.36
CA THR A 617 4.03 24.02 -17.83
C THR A 617 3.88 22.51 -17.83
N GLU A 618 2.98 21.98 -17.02
CA GLU A 618 2.71 20.55 -17.03
C GLU A 618 2.25 20.13 -18.43
N PRO A 619 2.70 18.97 -18.93
CA PRO A 619 2.39 18.61 -20.33
C PRO A 619 0.90 18.59 -20.63
N PHE A 620 0.09 18.16 -19.67
CA PHE A 620 -1.35 18.11 -19.88
C PHE A 620 -1.90 19.52 -20.13
N GLY A 621 -1.44 20.48 -19.33
CA GLY A 621 -1.84 21.87 -19.55
C GLY A 621 -1.31 22.42 -20.86
N ILE A 622 -0.13 21.97 -21.28
CA ILE A 622 0.41 22.39 -22.57
C ILE A 622 -0.52 21.95 -23.69
N ALA A 623 -0.96 20.69 -23.64
CA ALA A 623 -1.89 20.19 -24.66
C ALA A 623 -3.20 20.96 -24.63
N LEU A 624 -3.73 21.21 -23.44
CA LEU A 624 -4.99 21.96 -23.32
C LEU A 624 -4.85 23.35 -23.96
N THR A 625 -3.75 24.04 -23.65
CA THR A 625 -3.53 25.37 -24.20
C THR A 625 -3.39 25.30 -25.71
N LEU A 626 -2.69 24.29 -26.22
CA LEU A 626 -2.52 24.14 -27.65
C LEU A 626 -3.87 24.03 -28.35
N PHE A 627 -4.75 23.17 -27.82
CA PHE A 627 -6.04 22.98 -28.47
C PHE A 627 -6.92 24.22 -28.36
N ALA A 628 -6.88 24.91 -27.22
CA ALA A 628 -7.64 26.14 -27.08
C ALA A 628 -7.18 27.19 -28.09
N VAL A 629 -5.86 27.33 -28.25
CA VAL A 629 -5.33 28.32 -29.18
C VAL A 629 -5.68 27.94 -30.62
N LEU A 630 -5.65 26.64 -30.94
CA LEU A 630 -6.05 26.20 -32.27
C LEU A 630 -7.51 26.56 -32.55
N GLY A 631 -8.38 26.37 -31.56
CA GLY A 631 -9.77 26.75 -31.72
C GLY A 631 -9.94 28.25 -31.94
N ILE A 632 -9.19 29.04 -31.17
CA ILE A 632 -9.26 30.50 -31.34
C ILE A 632 -8.82 30.89 -32.75
N PHE A 633 -7.75 30.26 -33.25
CA PHE A 633 -7.26 30.57 -34.58
C PHE A 633 -8.28 30.21 -35.65
N LEU A 634 -8.93 29.05 -35.51
CA LEU A 634 -9.95 28.65 -36.47
C LEU A 634 -11.13 29.62 -36.46
N THR A 635 -11.56 30.04 -35.27
CA THR A 635 -12.66 31.00 -35.20
C THR A 635 -12.29 32.31 -35.87
N ALA A 636 -11.07 32.79 -35.62
CA ALA A 636 -10.62 34.03 -36.25
C ALA A 636 -10.57 33.90 -37.77
N PHE A 637 -10.10 32.75 -38.25
CA PHE A 637 -10.05 32.50 -39.69
C PHE A 637 -11.43 32.57 -40.31
N VAL A 638 -12.41 31.88 -39.70
CA VAL A 638 -13.77 31.88 -40.25
C VAL A 638 -14.36 33.28 -40.21
N LEU A 639 -14.15 34.00 -39.10
CA LEU A 639 -14.69 35.34 -39.00
C LEU A 639 -14.09 36.27 -40.06
N GLY A 640 -12.78 36.18 -40.29
CA GLY A 640 -12.16 36.99 -41.33
C GLY A 640 -12.68 36.63 -42.71
N VAL A 641 -12.89 35.34 -42.96
CA VAL A 641 -13.41 34.90 -44.25
C VAL A 641 -14.79 35.52 -44.51
N PHE A 642 -15.66 35.48 -43.49
CA PHE A 642 -16.98 36.10 -43.67
C PHE A 642 -16.89 37.62 -43.80
N ILE A 643 -16.01 38.25 -43.03
CA ILE A 643 -15.90 39.70 -43.06
C ILE A 643 -15.46 40.19 -44.44
N LYS A 644 -14.46 39.51 -45.02
CA LYS A 644 -14.00 39.90 -46.35
C LYS A 644 -15.10 39.71 -47.39
N PHE A 645 -15.82 38.61 -47.31
CA PHE A 645 -16.95 38.31 -48.20
C PHE A 645 -18.28 38.78 -47.61
N ARG A 646 -18.35 40.05 -47.23
CA ARG A 646 -19.52 40.56 -46.52
C ARG A 646 -20.72 40.78 -47.43
N ASN A 647 -20.60 40.53 -48.74
CA ASN A 647 -21.67 40.80 -49.67
C ASN A 647 -22.03 39.59 -50.55
N THR A 648 -21.30 38.50 -50.46
CA THR A 648 -21.63 37.31 -51.23
C THR A 648 -22.94 36.72 -50.75
N PRO A 649 -23.66 36.00 -51.63
CA PRO A 649 -25.02 35.53 -51.29
C PRO A 649 -25.13 34.72 -50.01
N ILE A 650 -24.16 33.85 -49.73
CA ILE A 650 -24.25 33.01 -48.54
C ILE A 650 -24.21 33.86 -47.29
N VAL A 651 -23.26 34.80 -47.23
CA VAL A 651 -23.09 35.63 -46.04
C VAL A 651 -24.31 36.53 -45.86
N LYS A 652 -24.84 37.07 -46.97
CA LYS A 652 -26.04 37.89 -46.88
C LYS A 652 -27.24 37.09 -46.40
N ALA A 653 -27.35 35.83 -46.82
CA ALA A 653 -28.51 35.04 -46.45
C ALA A 653 -28.42 34.56 -45.01
N THR A 654 -27.22 34.31 -44.50
CA THR A 654 -27.06 33.80 -43.16
C THR A 654 -26.98 34.92 -42.13
N ASN A 655 -27.46 36.12 -42.51
CA ASN A 655 -27.65 37.22 -41.57
C ASN A 655 -26.33 37.58 -40.88
N ARG A 656 -25.42 38.18 -41.66
CA ARG A 656 -24.02 38.30 -41.24
C ARG A 656 -23.86 38.95 -39.88
N GLU A 657 -24.80 39.79 -39.46
CA GLU A 657 -24.67 40.44 -38.16
C GLU A 657 -24.65 39.41 -37.03
N LEU A 658 -25.64 38.51 -37.00
CA LEU A 658 -25.66 37.48 -35.97
C LEU A 658 -24.54 36.48 -36.15
N SER A 659 -24.05 36.30 -37.39
CA SER A 659 -22.88 35.45 -37.57
C SER A 659 -21.64 36.07 -36.92
N TYR A 660 -21.47 37.37 -37.07
CA TYR A 660 -20.38 38.06 -36.38
C TYR A 660 -20.53 37.94 -34.88
N LEU A 661 -21.75 38.11 -34.37
CA LEU A 661 -21.98 37.98 -32.93
C LEU A 661 -21.69 36.56 -32.46
N LEU A 662 -22.07 35.56 -33.24
CA LEU A 662 -21.86 34.17 -32.86
C LEU A 662 -20.38 33.83 -32.85
N LEU A 663 -19.63 34.32 -33.82
CA LEU A 663 -18.19 34.08 -33.84
C LEU A 663 -17.52 34.82 -32.68
N PHE A 664 -18.03 36.00 -32.33
CA PHE A 664 -17.54 36.70 -31.15
C PHE A 664 -17.74 35.87 -29.89
N SER A 665 -18.92 35.27 -29.75
CA SER A 665 -19.21 34.48 -28.57
C SER A 665 -18.40 33.18 -28.56
N LEU A 666 -18.10 32.64 -29.74
CA LEU A 666 -17.23 31.47 -29.81
C LEU A 666 -15.81 31.82 -29.39
N LEU A 667 -15.32 32.99 -29.79
CA LEU A 667 -14.05 33.47 -29.28
C LEU A 667 -14.09 33.58 -27.76
N CYS A 668 -15.19 34.10 -27.22
CA CYS A 668 -15.34 34.21 -25.77
C CYS A 668 -15.31 32.85 -25.10
N CYS A 669 -15.95 31.85 -25.70
CA CYS A 669 -15.94 30.51 -25.11
C CYS A 669 -14.55 29.90 -25.13
N PHE A 670 -13.87 29.96 -26.28
CA PHE A 670 -12.52 29.42 -26.36
C PHE A 670 -11.57 30.14 -25.42
N SER A 671 -11.82 31.43 -25.17
CA SER A 671 -10.99 32.19 -24.24
C SER A 671 -11.29 31.81 -22.79
N SER A 672 -12.57 31.67 -22.45
CA SER A 672 -12.95 31.26 -21.12
C SER A 672 -12.47 29.85 -20.80
N SER A 673 -12.16 29.06 -21.81
CA SER A 673 -11.55 27.76 -21.57
C SER A 673 -10.18 27.88 -20.90
N LEU A 674 -9.58 29.07 -20.92
CA LEU A 674 -8.24 29.28 -20.38
C LEU A 674 -8.21 29.78 -18.95
N PHE A 675 -9.37 30.00 -18.32
CA PHE A 675 -9.38 30.43 -16.93
C PHE A 675 -9.25 29.28 -15.95
N PHE A 676 -9.27 28.04 -16.42
CA PHE A 676 -9.17 26.87 -15.57
C PHE A 676 -7.75 26.34 -15.45
N ILE A 677 -6.77 27.06 -15.99
CA ILE A 677 -5.38 26.63 -15.99
C ILE A 677 -4.58 27.60 -15.13
N GLY A 678 -3.77 27.07 -14.23
CA GLY A 678 -2.94 27.87 -13.36
C GLY A 678 -3.43 27.82 -11.92
N GLU A 679 -2.76 28.61 -11.09
CA GLU A 679 -3.10 28.67 -9.68
C GLU A 679 -4.36 29.51 -9.50
N PRO A 680 -5.43 28.95 -8.94
CA PRO A 680 -6.69 29.71 -8.82
C PRO A 680 -6.61 30.82 -7.79
N GLN A 681 -6.97 32.03 -8.20
CA GLN A 681 -7.14 33.16 -7.29
C GLN A 681 -8.63 33.52 -7.22
N ASP A 682 -8.94 34.53 -6.41
CA ASP A 682 -10.33 34.89 -6.17
C ASP A 682 -11.04 35.34 -7.44
N TRP A 683 -10.39 36.24 -8.20
CA TRP A 683 -10.99 36.74 -9.42
C TRP A 683 -11.14 35.64 -10.46
N THR A 684 -10.14 34.76 -10.56
CA THR A 684 -10.21 33.63 -11.47
C THR A 684 -11.41 32.75 -11.15
N CYS A 685 -11.57 32.39 -9.88
CA CYS A 685 -12.69 31.53 -9.48
C CYS A 685 -14.02 32.22 -9.74
N ARG A 686 -14.08 33.54 -9.51
CA ARG A 686 -15.34 34.26 -9.71
C ARG A 686 -15.67 34.37 -11.21
N LEU A 687 -14.65 34.36 -12.07
CA LEU A 687 -14.90 34.53 -13.50
C LEU A 687 -15.15 33.20 -14.20
N ARG A 688 -14.63 32.10 -13.66
CA ARG A 688 -14.69 30.80 -14.34
C ARG A 688 -16.07 30.42 -14.89
N GLN A 689 -17.05 30.26 -14.01
CA GLN A 689 -18.34 29.73 -14.44
C GLN A 689 -19.19 30.76 -15.18
N PRO A 690 -19.36 32.00 -14.65
CA PRO A 690 -20.21 32.97 -15.35
C PRO A 690 -19.74 33.28 -16.77
N ALA A 691 -18.44 33.30 -17.00
CA ALA A 691 -17.92 33.61 -18.34
C ALA A 691 -18.41 32.59 -19.36
N PHE A 692 -18.18 31.31 -19.07
CA PHE A 692 -18.64 30.27 -19.99
C PHE A 692 -20.14 30.28 -20.11
N GLY A 693 -20.85 30.47 -18.99
CA GLY A 693 -22.31 30.47 -19.06
C GLY A 693 -22.84 31.55 -19.98
N ILE A 694 -22.35 32.78 -19.82
CA ILE A 694 -22.83 33.89 -20.63
C ILE A 694 -22.45 33.68 -22.10
N SER A 695 -21.20 33.30 -22.36
CA SER A 695 -20.76 33.15 -23.74
C SER A 695 -21.54 32.06 -24.45
N PHE A 696 -21.74 30.91 -23.79
CA PHE A 696 -22.41 29.81 -24.46
C PHE A 696 -23.91 30.08 -24.57
N VAL A 697 -24.48 30.83 -23.64
CA VAL A 697 -25.88 31.24 -23.80
C VAL A 697 -26.02 32.17 -24.99
N LEU A 698 -25.04 33.05 -25.20
CA LEU A 698 -25.04 33.89 -26.40
C LEU A 698 -25.02 33.04 -27.67
N CYS A 699 -24.11 32.07 -27.71
CA CYS A 699 -24.03 31.19 -28.89
C CYS A 699 -25.34 30.46 -29.14
N ILE A 700 -25.90 29.86 -28.09
CA ILE A 700 -27.13 29.09 -28.24
C ILE A 700 -28.29 30.00 -28.63
N SER A 701 -28.29 31.24 -28.13
CA SER A 701 -29.34 32.18 -28.49
C SER A 701 -29.28 32.53 -29.97
N CYS A 702 -28.07 32.79 -30.49
CA CYS A 702 -27.94 33.04 -31.92
C CYS A 702 -28.40 31.84 -32.74
N ILE A 703 -27.97 30.64 -32.35
CA ILE A 703 -28.38 29.43 -33.06
C ILE A 703 -29.90 29.29 -33.03
N LEU A 704 -30.51 29.56 -31.86
CA LEU A 704 -31.95 29.43 -31.73
C LEU A 704 -32.68 30.43 -32.61
N VAL A 705 -32.13 31.64 -32.74
CA VAL A 705 -32.73 32.64 -33.64
C VAL A 705 -32.65 32.16 -35.08
N LYS A 706 -31.52 31.60 -35.50
CA LYS A 706 -31.39 31.14 -36.88
C LYS A 706 -32.37 30.02 -37.20
N THR A 707 -32.77 29.25 -36.19
CA THR A 707 -33.68 28.13 -36.41
C THR A 707 -35.04 28.62 -36.89
N ASN A 708 -35.66 27.85 -37.76
CA ASN A 708 -36.93 28.23 -38.39
C ASN A 708 -38.09 28.09 -37.40
N ARG A 709 -39.06 28.99 -37.54
CA ARG A 709 -40.33 29.01 -36.80
C ARG A 709 -40.15 29.44 -35.34
N VAL A 710 -38.90 29.61 -34.90
CA VAL A 710 -38.67 30.14 -33.56
C VAL A 710 -39.04 31.62 -33.52
N LEU A 711 -38.61 32.37 -34.54
CA LEU A 711 -38.86 33.81 -34.57
C LEU A 711 -40.34 34.11 -34.72
N LEU A 712 -41.03 33.36 -35.57
CA LEU A 712 -42.47 33.55 -35.73
C LEU A 712 -43.22 33.27 -34.44
N VAL A 713 -42.85 32.18 -33.76
CA VAL A 713 -43.48 31.86 -32.48
C VAL A 713 -43.21 32.97 -31.46
N PHE A 714 -41.97 33.46 -31.43
CA PHE A 714 -41.62 34.51 -30.48
C PHE A 714 -42.42 35.79 -30.73
N GLU A 715 -42.53 36.20 -32.01
CA GLU A 715 -43.26 37.42 -32.31
C GLU A 715 -44.76 37.24 -32.08
N ALA A 716 -45.26 36.01 -32.29
CA ALA A 716 -46.65 35.73 -31.98
C ALA A 716 -46.91 35.85 -30.48
N LYS A 717 -45.97 35.37 -29.67
CA LYS A 717 -46.12 35.48 -28.21
C LYS A 717 -46.06 36.94 -27.78
N ILE A 718 -45.41 37.79 -28.56
CA ILE A 718 -45.33 39.21 -28.25
C ILE A 718 -46.70 39.87 -28.40
N ASN A 730 -34.01 45.27 -34.14
CA ASN A 730 -34.55 44.00 -34.63
C ASN A 730 -35.06 43.15 -33.47
N LEU A 731 -35.98 42.23 -33.77
CA LEU A 731 -36.53 41.36 -32.75
C LEU A 731 -35.55 40.25 -32.37
N GLN A 732 -34.71 39.83 -33.32
CA GLN A 732 -33.72 38.78 -33.04
C GLN A 732 -32.71 39.24 -32.00
N PHE A 733 -32.21 40.46 -32.14
CA PHE A 733 -31.33 41.01 -31.12
C PHE A 733 -32.05 41.15 -29.79
N LEU A 734 -33.36 41.41 -29.82
CA LEU A 734 -34.14 41.41 -28.60
C LEU A 734 -34.14 40.04 -27.94
N LEU A 735 -34.28 38.98 -28.75
CA LEU A 735 -34.24 37.62 -28.22
C LEU A 735 -32.89 37.32 -27.56
N VAL A 736 -31.81 37.61 -28.28
CA VAL A 736 -30.49 37.30 -27.72
C VAL A 736 -30.23 38.13 -26.47
N PHE A 737 -30.72 39.38 -26.46
CA PHE A 737 -30.59 40.22 -25.29
C PHE A 737 -31.34 39.63 -24.11
N LEU A 738 -32.56 39.15 -24.34
CA LEU A 738 -33.33 38.57 -23.25
C LEU A 738 -32.63 37.37 -22.65
N CYS A 739 -32.15 36.46 -23.50
CA CYS A 739 -31.48 35.26 -22.99
C CYS A 739 -30.22 35.62 -22.22
N THR A 740 -29.34 36.40 -22.84
CA THR A 740 -28.08 36.77 -22.18
C THR A 740 -28.34 37.56 -20.92
N PHE A 741 -29.37 38.41 -20.91
CA PHE A 741 -29.67 39.22 -19.75
C PHE A 741 -30.19 38.37 -18.60
N MET A 742 -30.99 37.35 -18.89
CA MET A 742 -31.42 36.45 -17.83
C MET A 742 -30.21 35.73 -17.22
N GLN A 743 -29.28 35.29 -18.07
CA GLN A 743 -28.08 34.66 -17.54
C GLN A 743 -27.26 35.64 -16.69
N ILE A 744 -27.15 36.90 -17.14
CA ILE A 744 -26.40 37.90 -16.40
C ILE A 744 -27.08 38.20 -15.07
N VAL A 745 -28.41 38.18 -15.04
CA VAL A 745 -29.14 38.36 -13.79
C VAL A 745 -28.78 37.24 -12.81
N ILE A 746 -28.76 36.00 -13.31
CA ILE A 746 -28.37 34.88 -12.46
C ILE A 746 -26.96 35.08 -11.92
N CYS A 747 -26.04 35.46 -12.79
CA CYS A 747 -24.64 35.62 -12.39
C CYS A 747 -24.48 36.75 -11.37
N VAL A 748 -25.21 37.85 -11.56
CA VAL A 748 -25.12 38.98 -10.64
C VAL A 748 -25.65 38.61 -9.28
N ILE A 749 -26.80 37.92 -9.24
CA ILE A 749 -27.33 37.46 -7.95
C ILE A 749 -26.33 36.54 -7.27
N TRP A 750 -25.71 35.66 -8.05
CA TRP A 750 -24.70 34.74 -7.50
C TRP A 750 -23.54 35.51 -6.90
N LEU A 751 -22.95 36.43 -7.66
CA LEU A 751 -21.77 37.16 -7.20
C LEU A 751 -22.09 38.11 -6.06
N TYR A 752 -23.35 38.52 -5.91
CA TYR A 752 -23.70 39.42 -4.82
C TYR A 752 -23.99 38.66 -3.54
N THR A 753 -24.76 37.57 -3.64
CA THR A 753 -25.19 36.86 -2.43
C THR A 753 -24.03 36.11 -1.79
N ALA A 754 -23.45 35.14 -2.50
CA ALA A 754 -22.40 34.29 -1.97
C ALA A 754 -21.39 34.01 -3.08
N PRO A 755 -20.43 34.91 -3.28
CA PRO A 755 -19.43 34.73 -4.34
C PRO A 755 -18.51 33.56 -4.03
N PRO A 756 -17.94 32.94 -5.05
CA PRO A 756 -16.95 31.89 -4.82
C PRO A 756 -15.58 32.47 -4.53
N SER A 757 -14.69 31.62 -4.00
CA SER A 757 -13.36 32.07 -3.64
C SER A 757 -12.40 30.89 -3.64
N SER A 758 -11.11 31.19 -3.73
CA SER A 758 -10.12 30.13 -3.69
C SER A 758 -10.09 29.50 -2.30
N TYR A 759 -9.55 28.28 -2.23
CA TYR A 759 -9.49 27.55 -0.97
C TYR A 759 -8.28 26.65 -1.00
N ARG A 760 -7.48 26.70 0.06
CA ARG A 760 -6.33 25.81 0.19
C ARG A 760 -6.73 24.55 0.95
N ASN A 761 -6.32 23.41 0.44
CA ASN A 761 -6.78 22.10 0.88
C ASN A 761 -5.58 21.30 1.38
N GLN A 762 -5.69 20.81 2.62
CA GLN A 762 -4.63 20.03 3.26
C GLN A 762 -5.13 18.70 3.79
N GLU A 763 -6.44 18.41 3.69
CA GLU A 763 -6.99 17.18 4.21
C GLU A 763 -7.14 16.09 3.15
N LEU A 764 -6.71 16.34 1.92
CA LEU A 764 -6.68 15.27 0.94
C LEU A 764 -5.47 14.40 1.18
N GLU A 765 -4.28 15.01 1.14
CA GLU A 765 -3.05 14.37 1.57
C GLU A 765 -2.32 15.29 2.55
N ASP A 766 -1.78 14.71 3.61
CA ASP A 766 -1.20 15.50 4.69
C ASP A 766 0.09 16.19 4.29
N GLU A 767 0.66 15.84 3.13
CA GLU A 767 1.98 16.34 2.75
C GLU A 767 1.92 17.40 1.65
N ILE A 768 0.78 17.54 0.97
CA ILE A 768 0.66 18.42 -0.19
C ILE A 768 -0.50 19.37 0.00
N ILE A 769 -0.55 20.42 -0.84
CA ILE A 769 -1.54 21.47 -0.76
C ILE A 769 -2.23 21.61 -2.10
N PHE A 770 -3.56 21.67 -2.07
CA PHE A 770 -4.40 21.81 -3.27
C PHE A 770 -5.12 23.16 -3.21
N ILE A 771 -4.81 24.07 -4.14
CA ILE A 771 -5.61 25.30 -4.25
C ILE A 771 -6.74 25.01 -5.23
N THR A 772 -7.96 24.90 -4.70
CA THR A 772 -9.14 24.64 -5.51
C THR A 772 -10.16 25.74 -5.28
N CYS A 773 -10.88 26.10 -6.34
CA CYS A 773 -11.95 27.05 -6.16
C CYS A 773 -13.08 26.43 -5.34
N HIS A 774 -13.75 27.27 -4.56
CA HIS A 774 -14.92 26.89 -3.78
C HIS A 774 -16.06 27.76 -4.29
N GLU A 775 -17.00 27.12 -4.97
CA GLU A 775 -18.16 27.83 -5.48
C GLU A 775 -19.04 28.26 -4.31
N GLY A 776 -19.41 29.54 -4.30
CA GLY A 776 -20.15 30.10 -3.19
C GLY A 776 -21.42 29.32 -2.86
N SER A 777 -22.38 29.33 -3.78
CA SER A 777 -23.63 28.62 -3.60
C SER A 777 -23.82 27.67 -4.78
N LEU A 778 -24.08 26.40 -4.48
CA LEU A 778 -24.34 25.42 -5.53
C LEU A 778 -25.69 25.63 -6.21
N MET A 779 -26.62 26.32 -5.55
CA MET A 779 -27.92 26.59 -6.17
C MET A 779 -27.78 27.50 -7.38
N ALA A 780 -26.92 28.51 -7.29
CA ALA A 780 -26.71 29.41 -8.42
C ALA A 780 -26.07 28.68 -9.60
N LEU A 781 -25.08 27.83 -9.32
CA LEU A 781 -24.46 27.04 -10.39
C LEU A 781 -25.47 26.08 -11.01
N GLY A 782 -26.33 25.49 -10.19
CA GLY A 782 -27.38 24.64 -10.72
C GLY A 782 -28.32 25.41 -11.64
N PHE A 783 -28.68 26.63 -11.23
CA PHE A 783 -29.52 27.48 -12.07
C PHE A 783 -28.84 27.78 -13.40
N LEU A 784 -27.56 28.10 -13.34
CA LEU A 784 -26.79 28.42 -14.55
C LEU A 784 -26.79 27.23 -15.52
N ILE A 785 -26.41 26.06 -15.03
CA ILE A 785 -26.32 24.87 -15.87
C ILE A 785 -27.69 24.49 -16.40
N GLY A 786 -28.72 24.56 -15.54
CA GLY A 786 -30.05 24.19 -15.97
C GLY A 786 -30.60 25.10 -17.04
N TYR A 787 -30.35 26.41 -16.91
CA TYR A 787 -30.81 27.33 -17.94
C TYR A 787 -30.10 27.09 -19.26
N THR A 788 -28.79 26.84 -19.21
CA THR A 788 -28.07 26.55 -20.45
C THR A 788 -28.60 25.28 -21.12
N CYS A 789 -28.82 24.23 -20.32
CA CYS A 789 -29.36 22.99 -20.88
C CYS A 789 -30.78 23.18 -21.41
N LEU A 790 -31.58 24.02 -20.75
CA LEU A 790 -32.94 24.26 -21.22
C LEU A 790 -32.93 24.97 -22.57
N LEU A 791 -32.08 25.99 -22.72
CA LEU A 791 -31.97 26.66 -24.01
C LEU A 791 -31.52 25.69 -25.10
N ALA A 792 -30.52 24.85 -24.77
CA ALA A 792 -30.05 23.88 -25.75
C ALA A 792 -31.15 22.90 -26.14
N ALA A 793 -31.95 22.47 -25.17
CA ALA A 793 -33.04 21.54 -25.46
C ALA A 793 -34.09 22.18 -26.37
N ILE A 794 -34.44 23.44 -26.12
CA ILE A 794 -35.40 24.13 -26.97
C ILE A 794 -34.87 24.22 -28.40
N CYS A 795 -33.60 24.62 -28.54
CA CYS A 795 -33.00 24.73 -29.87
C CYS A 795 -33.00 23.39 -30.58
N PHE A 796 -32.63 22.33 -29.87
CA PHE A 796 -32.61 21.00 -30.47
C PHE A 796 -34.00 20.57 -30.91
N PHE A 797 -35.01 20.85 -30.08
CA PHE A 797 -36.37 20.46 -30.43
C PHE A 797 -36.82 21.15 -31.71
N PHE A 798 -36.60 22.46 -31.81
CA PHE A 798 -37.05 23.16 -33.01
C PHE A 798 -36.26 22.74 -34.25
N ALA A 799 -34.94 22.54 -34.09
CA ALA A 799 -34.14 22.08 -35.23
C ALA A 799 -34.56 20.70 -35.69
N PHE A 800 -34.90 19.81 -34.75
CA PHE A 800 -35.42 18.50 -35.11
C PHE A 800 -36.74 18.62 -35.84
N LYS A 801 -37.61 19.54 -35.40
CA LYS A 801 -38.86 19.76 -36.12
C LYS A 801 -38.62 20.19 -37.55
N SER A 802 -37.65 21.07 -37.78
CA SER A 802 -37.37 21.56 -39.13
C SER A 802 -36.13 20.92 -39.74
N ARG A 803 -35.90 19.64 -39.46
CA ARG A 803 -34.61 19.03 -39.80
C ARG A 803 -34.50 18.60 -41.27
N LYS A 804 -35.59 18.56 -42.02
CA LYS A 804 -35.54 18.11 -43.41
C LYS A 804 -35.51 19.24 -44.42
N LEU A 805 -35.68 20.48 -43.98
CA LEU A 805 -35.69 21.61 -44.89
C LEU A 805 -34.29 21.84 -45.45
N PRO A 806 -34.10 21.86 -46.78
CA PRO A 806 -32.76 22.03 -47.33
C PRO A 806 -32.31 23.48 -47.43
N GLU A 807 -32.98 24.36 -46.68
CA GLU A 807 -32.60 25.76 -46.66
C GLU A 807 -31.21 25.95 -46.05
N ASN A 808 -30.44 26.86 -46.64
CA ASN A 808 -29.08 27.18 -46.19
C ASN A 808 -28.21 25.92 -46.17
N PHE A 809 -28.33 25.11 -47.23
CA PHE A 809 -27.60 23.87 -47.37
C PHE A 809 -27.87 22.92 -46.20
N ASN A 810 -29.14 22.82 -45.82
CA ASN A 810 -29.58 21.99 -44.71
C ASN A 810 -28.98 22.48 -43.39
N GLU A 811 -29.23 23.75 -43.08
CA GLU A 811 -28.66 24.31 -41.86
C GLU A 811 -29.26 23.72 -40.60
N ALA A 812 -30.55 23.36 -40.63
CA ALA A 812 -31.20 22.86 -39.44
C ALA A 812 -30.68 21.48 -39.05
N LYS A 813 -30.33 20.66 -40.03
CA LYS A 813 -29.75 19.35 -39.73
C LYS A 813 -28.45 19.50 -38.95
N PHE A 814 -27.62 20.46 -39.34
CA PHE A 814 -26.35 20.66 -38.67
C PHE A 814 -26.53 21.32 -37.31
N ILE A 815 -27.56 22.16 -37.17
CA ILE A 815 -27.92 22.67 -35.84
C ILE A 815 -28.29 21.50 -34.92
N THR A 816 -29.07 20.56 -35.44
CA THR A 816 -29.42 19.37 -34.67
C THR A 816 -28.18 18.59 -34.26
N PHE A 817 -27.24 18.43 -35.19
CA PHE A 817 -26.02 17.70 -34.89
C PHE A 817 -25.22 18.39 -33.79
N SER A 818 -25.14 19.72 -33.85
CA SER A 818 -24.41 20.47 -32.83
C SER A 818 -25.05 20.30 -31.46
N MET A 819 -26.38 20.33 -31.39
CA MET A 819 -27.05 20.11 -30.11
C MET A 819 -26.82 18.71 -29.58
N LEU A 820 -26.85 17.70 -30.47
CA LEU A 820 -26.57 16.35 -30.02
C LEU A 820 -25.16 16.23 -29.45
N ILE A 821 -24.19 16.85 -30.12
CA ILE A 821 -22.82 16.82 -29.62
C ILE A 821 -22.72 17.49 -28.26
N PHE A 822 -23.39 18.64 -28.10
CA PHE A 822 -23.41 19.33 -26.82
C PHE A 822 -23.92 18.43 -25.71
N PHE A 823 -25.06 17.79 -25.95
CA PHE A 823 -25.66 16.95 -24.91
C PHE A 823 -24.80 15.74 -24.61
N ILE A 824 -24.20 15.14 -25.65
CA ILE A 824 -23.32 14.00 -25.44
C ILE A 824 -22.15 14.38 -24.55
N VAL A 825 -21.52 15.52 -24.84
CA VAL A 825 -20.37 15.96 -24.06
C VAL A 825 -20.76 16.22 -22.61
N TRP A 826 -21.89 16.92 -22.41
CA TRP A 826 -22.21 17.32 -21.05
C TRP A 826 -22.91 16.22 -20.28
N ILE A 827 -23.28 15.11 -20.93
CA ILE A 827 -23.69 13.93 -20.19
C ILE A 827 -22.47 13.10 -19.82
N SER A 828 -21.48 13.03 -20.71
CA SER A 828 -20.22 12.38 -20.36
C SER A 828 -19.48 13.14 -19.27
N PHE A 829 -19.80 14.42 -19.08
CA PHE A 829 -19.16 15.22 -18.04
C PHE A 829 -19.35 14.63 -16.65
N ILE A 830 -20.55 14.14 -16.33
CA ILE A 830 -20.90 13.75 -14.97
C ILE A 830 -20.02 12.62 -14.44
N PRO A 831 -19.90 11.47 -15.13
CA PRO A 831 -19.01 10.42 -14.59
C PRO A 831 -17.56 10.84 -14.55
N ALA A 832 -17.11 11.60 -15.56
CA ALA A 832 -15.73 12.05 -15.60
C ALA A 832 -15.42 12.99 -14.45
N TYR A 833 -16.36 13.88 -14.13
CA TYR A 833 -16.18 14.77 -12.98
C TYR A 833 -16.21 13.99 -11.68
N ALA A 834 -17.12 13.04 -11.55
CA ALA A 834 -17.25 12.27 -10.31
C ALA A 834 -15.99 11.45 -10.04
N SER A 835 -15.45 10.80 -11.07
CA SER A 835 -14.35 9.87 -10.85
C SER A 835 -13.00 10.58 -10.73
N THR A 836 -12.91 11.82 -11.19
CA THR A 836 -11.64 12.54 -11.13
C THR A 836 -11.39 13.06 -9.73
N TYR A 837 -10.18 12.85 -9.22
CA TYR A 837 -9.80 13.30 -7.88
C TYR A 837 -8.45 13.99 -7.97
N GLY A 838 -8.37 15.19 -7.38
CA GLY A 838 -7.13 15.93 -7.37
C GLY A 838 -7.18 17.19 -8.21
N LYS A 839 -6.07 17.56 -8.83
CA LYS A 839 -6.03 18.74 -9.69
C LYS A 839 -6.74 18.52 -11.01
N PHE A 840 -6.57 17.34 -11.63
CA PHE A 840 -7.14 17.04 -12.93
C PHE A 840 -8.63 17.26 -12.99
N VAL A 841 -9.30 17.45 -11.85
CA VAL A 841 -10.69 17.86 -11.85
C VAL A 841 -10.90 19.02 -12.81
N SER A 842 -10.14 20.11 -12.62
CA SER A 842 -10.30 21.26 -13.51
C SER A 842 -10.06 20.86 -14.95
N ALA A 843 -9.07 19.98 -15.16
CA ALA A 843 -8.81 19.40 -16.47
C ALA A 843 -10.09 19.05 -17.20
N VAL A 844 -10.94 18.24 -16.56
CA VAL A 844 -12.14 17.74 -17.23
C VAL A 844 -12.95 18.91 -17.77
N GLU A 845 -13.17 19.93 -16.92
CA GLU A 845 -13.88 21.12 -17.33
C GLU A 845 -13.42 21.58 -18.70
N VAL A 846 -12.12 21.86 -18.81
CA VAL A 846 -11.59 22.42 -20.06
C VAL A 846 -11.96 21.54 -21.22
N ILE A 847 -11.72 20.23 -21.08
CA ILE A 847 -11.96 19.31 -22.18
C ILE A 847 -13.40 19.44 -22.65
N ALA A 848 -14.34 19.36 -21.71
CA ALA A 848 -15.75 19.47 -22.08
C ALA A 848 -15.97 20.73 -22.87
N ILE A 849 -15.54 21.88 -22.32
CA ILE A 849 -15.70 23.16 -23.00
C ILE A 849 -15.25 23.03 -24.44
N LEU A 850 -13.99 22.61 -24.62
CA LEU A 850 -13.42 22.58 -25.96
C LEU A 850 -14.33 21.81 -26.89
N ALA A 851 -14.69 20.59 -26.50
CA ALA A 851 -15.48 19.75 -27.39
C ALA A 851 -16.73 20.48 -27.82
N ALA A 852 -17.50 20.97 -26.85
CA ALA A 852 -18.74 21.64 -27.19
C ALA A 852 -18.48 22.77 -28.16
N SER A 853 -17.52 23.65 -27.81
CA SER A 853 -17.24 24.78 -28.67
C SER A 853 -16.92 24.31 -30.08
N PHE A 854 -15.98 23.35 -30.18
CA PHE A 854 -15.57 22.90 -31.50
C PHE A 854 -16.78 22.42 -32.29
N GLY A 855 -17.62 21.61 -31.66
CA GLY A 855 -18.80 21.11 -32.34
C GLY A 855 -19.58 22.25 -32.96
N LEU A 856 -19.95 23.24 -32.14
CA LEU A 856 -20.66 24.40 -32.63
C LEU A 856 -20.04 24.89 -33.92
N LEU A 857 -18.77 25.29 -33.83
CA LEU A 857 -18.05 25.84 -34.98
C LEU A 857 -18.31 25.00 -36.21
N ALA A 858 -17.92 23.72 -36.14
CA ALA A 858 -18.00 22.85 -37.30
C ALA A 858 -19.42 22.87 -37.82
N CYS A 859 -20.36 22.50 -36.95
CA CYS A 859 -21.71 22.21 -37.42
C CYS A 859 -22.37 23.45 -37.99
N ILE A 860 -21.87 24.64 -37.63
CA ILE A 860 -22.52 25.84 -38.12
C ILE A 860 -21.76 26.49 -39.27
N PHE A 861 -20.47 26.21 -39.42
CA PHE A 861 -19.72 27.05 -40.35
C PHE A 861 -18.88 26.31 -41.38
N PHE A 862 -18.28 25.17 -41.04
CA PHE A 862 -17.27 24.59 -41.92
C PHE A 862 -17.82 24.29 -43.30
N ASN A 863 -19.02 23.73 -43.37
CA ASN A 863 -19.67 23.49 -44.65
C ASN A 863 -19.72 24.76 -45.48
N LYS A 864 -20.25 25.84 -44.90
CA LYS A 864 -20.29 27.11 -45.60
C LYS A 864 -18.89 27.52 -46.03
N ILE A 865 -17.92 27.37 -45.14
CA ILE A 865 -16.55 27.71 -45.49
C ILE A 865 -16.13 26.94 -46.73
N TYR A 866 -16.41 25.64 -46.76
CA TYR A 866 -15.97 24.83 -47.89
C TYR A 866 -16.64 25.25 -49.19
N ILE A 867 -17.86 25.79 -49.11
CA ILE A 867 -18.54 26.13 -50.34
C ILE A 867 -18.04 27.48 -50.86
N ILE A 868 -17.40 28.26 -49.99
CA ILE A 868 -17.04 29.62 -50.36
C ILE A 868 -15.60 29.68 -50.87
N LEU A 869 -14.66 29.16 -50.07
CA LEU A 869 -13.25 29.24 -50.46
C LEU A 869 -12.92 28.29 -51.60
N PHE A 870 -13.07 26.99 -51.39
CA PHE A 870 -12.87 26.03 -52.46
C PHE A 870 -14.18 25.83 -53.22
N LYS A 871 -14.04 25.60 -54.53
CA LYS A 871 -15.17 25.44 -55.43
C LYS A 871 -16.19 26.56 -55.18
N PRO A 872 -15.88 27.80 -55.59
CA PRO A 872 -16.76 28.93 -55.25
C PRO A 872 -17.85 29.18 -56.28
N SER A 873 -18.11 28.21 -57.14
CA SER A 873 -19.09 28.37 -58.20
C SER A 873 -20.52 28.13 -57.73
N ARG A 874 -20.72 27.60 -56.53
CA ARG A 874 -22.06 27.40 -55.99
C ARG A 874 -22.51 28.57 -55.13
N ASN A 875 -21.73 29.66 -55.10
CA ASN A 875 -22.06 30.86 -54.32
C ASN A 875 -23.08 31.72 -55.07
N THR A 876 -24.26 31.15 -55.26
CA THR A 876 -25.33 31.77 -56.01
C THR A 876 -26.63 31.67 -55.22
N ILE A 877 -27.51 32.65 -55.40
CA ILE A 877 -28.74 32.74 -54.60
C ILE A 877 -29.60 31.50 -54.80
N GLU A 878 -29.56 30.91 -56.00
CA GLU A 878 -30.42 29.78 -56.30
C GLU A 878 -30.16 28.61 -55.35
N GLU A 879 -28.88 28.30 -55.11
CA GLU A 879 -28.55 27.15 -54.27
C GLU A 879 -28.75 27.45 -52.79
N VAL A 880 -28.91 28.73 -52.44
CA VAL A 880 -29.09 29.11 -51.05
C VAL A 880 -30.46 28.66 -50.54
N ARG A 881 -31.37 28.33 -51.45
CA ARG A 881 -32.73 27.86 -51.13
C ARG A 881 -32.79 26.92 -49.92
N GLY B 29 33.00 9.26 91.71
CA GLY B 29 32.03 9.12 90.63
C GLY B 29 30.87 10.10 90.75
N PRO B 30 30.00 10.12 89.74
CA PRO B 30 28.84 11.03 89.79
C PRO B 30 27.88 10.64 90.90
N ASP B 31 27.11 11.62 91.35
CA ASP B 31 26.18 11.43 92.45
C ASP B 31 24.80 11.07 91.92
N GLN B 32 23.81 11.04 92.82
CA GLN B 32 22.43 10.68 92.49
C GLN B 32 22.35 9.25 91.94
N ARG B 33 23.34 8.42 92.25
CA ARG B 33 23.45 7.09 91.70
C ARG B 33 22.42 6.15 92.34
N ALA B 34 22.49 4.88 91.97
CA ALA B 34 21.73 3.81 92.60
C ALA B 34 22.71 2.68 92.90
N GLN B 35 23.09 2.54 94.16
CA GLN B 35 24.13 1.61 94.55
C GLN B 35 23.62 0.62 95.59
N LYS B 36 24.05 -0.62 95.43
CA LYS B 36 23.81 -1.66 96.43
C LYS B 36 24.96 -2.66 96.36
N LYS B 37 25.59 -2.90 97.50
CA LYS B 37 26.79 -3.74 97.54
C LYS B 37 26.44 -5.21 97.44
N GLY B 38 27.34 -5.98 96.83
CA GLY B 38 27.20 -7.41 96.75
C GLY B 38 28.53 -8.04 96.41
N ASP B 39 28.52 -9.37 96.30
CA ASP B 39 29.74 -10.09 95.98
C ASP B 39 30.21 -9.75 94.57
N ILE B 40 29.29 -9.61 93.62
CA ILE B 40 29.60 -9.30 92.23
C ILE B 40 28.81 -8.07 91.84
N ILE B 41 29.45 -7.11 91.18
CA ILE B 41 28.88 -5.80 90.91
C ILE B 41 28.62 -5.66 89.42
N LEU B 42 27.39 -5.28 89.07
CA LEU B 42 26.99 -4.97 87.70
C LEU B 42 26.85 -3.47 87.55
N GLY B 43 27.25 -2.95 86.38
CA GLY B 43 27.10 -1.55 86.07
C GLY B 43 25.81 -1.28 85.31
N GLY B 44 25.38 -0.01 85.36
CA GLY B 44 24.15 0.36 84.72
C GLY B 44 24.14 1.79 84.19
N LEU B 45 23.58 1.97 83.00
CA LEU B 45 23.49 3.28 82.36
C LEU B 45 22.08 3.44 81.80
N PHE B 46 21.32 4.37 82.34
CA PHE B 46 19.94 4.57 81.93
C PHE B 46 19.65 6.06 81.79
N PRO B 47 18.77 6.44 80.86
CA PRO B 47 18.43 7.85 80.71
C PRO B 47 17.34 8.30 81.66
N ILE B 48 17.69 8.62 82.89
CA ILE B 48 16.72 9.16 83.83
C ILE B 48 16.23 10.54 83.39
N HIS B 49 17.00 11.24 82.58
CA HIS B 49 16.61 12.52 82.01
C HIS B 49 16.64 12.44 80.50
N PHE B 50 15.91 13.35 79.84
CA PHE B 50 15.87 13.40 78.39
C PHE B 50 17.06 14.11 77.78
N GLY B 51 17.64 15.08 78.47
CA GLY B 51 18.77 15.79 77.94
C GLY B 51 19.23 16.87 78.92
N VAL B 52 20.47 17.30 78.72
CA VAL B 52 21.10 18.26 79.60
C VAL B 52 20.76 19.68 79.15
N ALA B 53 21.01 20.65 80.03
CA ALA B 53 20.72 22.04 79.73
C ALA B 53 21.62 22.56 78.62
N ALA B 54 21.09 23.51 77.86
CA ALA B 54 21.76 24.06 76.69
C ALA B 54 22.49 25.37 76.98
N LYS B 55 22.90 25.58 78.24
CA LYS B 55 23.65 26.78 78.58
C LYS B 55 25.01 26.76 77.91
N ASP B 56 25.26 27.73 77.03
CA ASP B 56 26.51 27.81 76.30
C ASP B 56 27.65 28.17 77.25
N GLN B 57 28.83 27.63 76.96
CA GLN B 57 30.02 27.86 77.78
C GLN B 57 30.83 28.98 77.14
N ASP B 58 30.67 30.20 77.64
CA ASP B 58 31.44 31.33 77.13
C ASP B 58 32.92 31.19 77.45
N LEU B 59 33.25 30.36 78.45
CA LEU B 59 34.61 30.09 78.89
C LEU B 59 35.30 31.33 79.46
N LYS B 60 34.55 32.35 79.88
CA LYS B 60 35.14 33.44 80.64
C LYS B 60 35.39 33.05 82.08
N SER B 61 34.74 31.99 82.57
CA SER B 61 34.97 31.44 83.89
C SER B 61 35.19 29.95 83.77
N ARG B 62 35.74 29.35 84.82
CA ARG B 62 36.03 27.92 84.79
C ARG B 62 34.75 27.13 84.56
N PRO B 63 34.77 26.14 83.65
CA PRO B 63 33.53 25.43 83.31
C PRO B 63 32.99 24.65 84.51
N GLU B 64 31.69 24.76 84.73
CA GLU B 64 31.02 24.07 85.82
C GLU B 64 30.41 22.77 85.27
N SER B 65 29.67 22.05 86.11
CA SER B 65 28.98 20.86 85.68
C SER B 65 27.72 21.25 84.89
N VAL B 66 27.18 20.28 84.17
CA VAL B 66 26.00 20.52 83.35
C VAL B 66 24.81 19.83 84.00
N GLU B 67 23.64 20.47 83.89
CA GLU B 67 22.43 20.05 84.61
C GLU B 67 21.46 19.41 83.64
N CYS B 68 20.90 18.27 84.04
CA CYS B 68 19.86 17.61 83.24
C CYS B 68 18.49 18.17 83.62
N ILE B 69 17.57 18.21 82.65
CA ILE B 69 16.33 18.95 82.86
C ILE B 69 15.10 18.05 82.90
N ARG B 70 14.76 17.41 81.78
CA ARG B 70 13.47 16.75 81.68
C ARG B 70 13.52 15.34 82.26
N TYR B 71 12.57 15.03 83.14
CA TYR B 71 12.57 13.74 83.82
C TYR B 71 11.93 12.68 82.94
N ASN B 72 12.62 11.55 82.79
CA ASN B 72 12.16 10.43 81.97
C ASN B 72 11.65 9.32 82.89
N PHE B 73 10.33 9.19 83.00
CA PHE B 73 9.77 8.11 83.80
C PHE B 73 9.98 6.74 83.17
N ARG B 74 10.06 6.69 81.84
CA ARG B 74 10.30 5.42 81.15
C ARG B 74 11.69 4.88 81.45
N GLY B 75 12.70 5.75 81.43
CA GLY B 75 14.04 5.30 81.80
C GLY B 75 14.12 4.87 83.26
N PHE B 76 13.37 5.53 84.13
CA PHE B 76 13.31 5.10 85.52
C PHE B 76 12.65 3.73 85.64
N ARG B 77 11.64 3.46 84.81
CA ARG B 77 11.05 2.13 84.80
C ARG B 77 12.06 1.09 84.32
N TRP B 78 12.88 1.43 83.33
CA TRP B 78 13.92 0.49 82.89
C TRP B 78 14.94 0.22 84.00
N LEU B 79 15.35 1.26 84.72
CA LEU B 79 16.24 1.09 85.86
C LEU B 79 15.61 0.18 86.90
N GLN B 80 14.34 0.40 87.19
CA GLN B 80 13.62 -0.46 88.14
C GLN B 80 13.56 -1.90 87.63
N ALA B 81 13.49 -2.08 86.30
CA ALA B 81 13.49 -3.42 85.74
C ALA B 81 14.81 -4.11 86.01
N MET B 82 15.92 -3.40 85.82
CA MET B 82 17.23 -3.98 86.12
C MET B 82 17.33 -4.36 87.59
N ILE B 83 16.90 -3.45 88.48
CA ILE B 83 16.99 -3.71 89.90
C ILE B 83 16.10 -4.89 90.29
N PHE B 84 14.90 -4.97 89.70
CA PHE B 84 13.99 -6.07 89.97
C PHE B 84 14.59 -7.40 89.51
N ALA B 85 15.23 -7.41 88.35
CA ALA B 85 15.87 -8.64 87.87
C ALA B 85 16.99 -9.06 88.82
N ILE B 86 17.79 -8.10 89.29
CA ILE B 86 18.87 -8.43 90.21
C ILE B 86 18.31 -9.01 91.51
N GLU B 87 17.24 -8.40 92.04
CA GLU B 87 16.64 -8.90 93.28
C GLU B 87 16.04 -10.28 93.07
N GLU B 88 15.41 -10.51 91.92
CA GLU B 88 14.86 -11.83 91.63
C GLU B 88 15.96 -12.89 91.56
N ILE B 89 17.09 -12.54 90.95
CA ILE B 89 18.21 -13.48 90.89
C ILE B 89 18.76 -13.74 92.28
N ASN B 90 18.86 -12.70 93.12
CA ASN B 90 19.41 -12.86 94.45
C ASN B 90 18.52 -13.67 95.37
N SER B 91 17.25 -13.85 95.01
CA SER B 91 16.31 -14.63 95.82
C SER B 91 16.14 -16.06 95.33
N SER B 92 16.79 -16.43 94.23
CA SER B 92 16.57 -17.75 93.65
C SER B 92 17.78 -18.65 93.87
N PRO B 93 17.61 -19.78 94.58
CA PRO B 93 18.73 -20.72 94.72
C PRO B 93 19.11 -21.41 93.44
N ALA B 94 18.23 -21.42 92.43
CA ALA B 94 18.55 -22.07 91.17
C ALA B 94 19.62 -21.29 90.40
N LEU B 95 19.74 -20.00 90.66
CA LEU B 95 20.69 -19.15 89.96
C LEU B 95 21.66 -18.54 90.97
N LEU B 96 22.93 -18.92 90.84
CA LEU B 96 24.05 -18.39 91.62
C LEU B 96 23.79 -18.47 93.11
N PRO B 97 23.82 -19.66 93.71
CA PRO B 97 23.67 -19.77 95.16
C PRO B 97 24.96 -19.43 95.88
N ASN B 98 24.81 -18.92 97.10
CA ASN B 98 25.90 -18.46 97.96
C ASN B 98 26.64 -17.27 97.39
N LEU B 99 26.08 -16.59 96.40
CA LEU B 99 26.69 -15.40 95.81
C LEU B 99 25.63 -14.31 95.69
N THR B 100 26.00 -13.09 96.03
CA THR B 100 25.10 -11.95 95.99
C THR B 100 25.57 -10.96 94.93
N LEU B 101 24.68 -10.61 94.00
CA LEU B 101 24.96 -9.59 93.01
C LEU B 101 24.72 -8.21 93.58
N GLY B 102 25.50 -7.24 93.10
CA GLY B 102 25.31 -5.85 93.46
C GLY B 102 25.17 -5.01 92.21
N TYR B 103 24.86 -3.73 92.42
CA TYR B 103 24.70 -2.85 91.28
C TYR B 103 25.15 -1.44 91.60
N ARG B 104 25.77 -0.79 90.60
CA ARG B 104 26.13 0.62 90.65
C ARG B 104 25.62 1.26 89.36
N ILE B 105 24.51 1.98 89.45
CA ILE B 105 23.79 2.47 88.28
C ILE B 105 23.83 3.99 88.27
N PHE B 106 24.10 4.55 87.09
CA PHE B 106 24.24 5.99 86.91
C PHE B 106 23.31 6.47 85.81
N ASP B 107 23.27 7.79 85.65
CA ASP B 107 22.43 8.45 84.66
C ASP B 107 23.27 8.97 83.50
N THR B 108 22.73 8.85 82.28
CA THR B 108 23.42 9.32 81.10
C THR B 108 22.85 10.61 80.53
N CYS B 109 21.55 10.85 80.71
CA CYS B 109 20.87 12.04 80.19
C CYS B 109 20.99 12.14 78.67
N ASN B 110 21.10 11.00 77.98
CA ASN B 110 21.26 10.97 76.53
C ASN B 110 22.46 11.80 76.08
N THR B 111 23.52 11.78 76.88
CA THR B 111 24.69 12.60 76.63
C THR B 111 25.95 11.76 76.79
N VAL B 112 26.91 11.96 75.90
CA VAL B 112 28.14 11.17 75.92
C VAL B 112 28.98 11.53 77.15
N SER B 113 28.96 12.80 77.56
CA SER B 113 29.83 13.24 78.64
C SER B 113 29.47 12.58 79.97
N LYS B 114 28.18 12.56 80.32
CA LYS B 114 27.75 11.94 81.56
C LYS B 114 28.05 10.45 81.56
N ALA B 115 27.76 9.78 80.44
CA ALA B 115 28.05 8.36 80.33
C ALA B 115 29.53 8.07 80.45
N LEU B 116 30.37 8.97 79.93
CA LEU B 116 31.81 8.75 80.01
C LEU B 116 32.32 8.98 81.43
N GLU B 117 31.73 9.93 82.16
CA GLU B 117 32.06 10.05 83.57
C GLU B 117 31.69 8.78 84.33
N ALA B 118 30.50 8.25 84.08
CA ALA B 118 30.08 7.02 84.74
C ALA B 118 30.98 5.85 84.37
N THR B 119 31.41 5.78 83.10
CA THR B 119 32.28 4.71 82.65
C THR B 119 33.69 4.83 83.21
N LEU B 120 34.20 6.05 83.35
CA LEU B 120 35.47 6.25 84.04
C LEU B 120 35.35 5.79 85.48
N SER B 121 34.19 5.99 86.10
CA SER B 121 33.93 5.43 87.42
C SER B 121 33.94 3.90 87.38
N PHE B 122 33.40 3.33 86.31
CA PHE B 122 33.30 1.87 86.20
C PHE B 122 34.66 1.19 86.16
N VAL B 123 35.61 1.76 85.44
CA VAL B 123 36.85 1.08 85.11
C VAL B 123 38.03 1.61 85.93
N ALA B 124 37.75 2.21 87.09
CA ALA B 124 38.82 2.85 87.87
C ALA B 124 39.91 1.86 88.26
N GLN B 125 39.52 0.67 88.72
CA GLN B 125 40.51 -0.31 89.14
C GLN B 125 41.32 -0.82 87.95
N ASN B 126 40.64 -1.22 86.87
CA ASN B 126 41.36 -1.68 85.68
C ASN B 126 42.21 -0.57 85.08
N LYS B 127 41.67 0.66 85.07
CA LYS B 127 42.40 1.78 84.48
C LYS B 127 43.67 2.07 85.28
N ILE B 128 43.59 2.05 86.61
CA ILE B 128 44.77 2.33 87.42
C ILE B 128 45.74 1.15 87.36
N ASP B 129 45.22 -0.06 87.14
CA ASP B 129 46.11 -1.20 86.93
C ASP B 129 46.91 -1.04 85.64
N SER B 130 46.24 -0.61 84.57
CA SER B 130 46.92 -0.46 83.29
C SER B 130 47.89 0.72 83.30
N LEU B 131 47.44 1.89 83.77
CA LEU B 131 48.28 3.07 83.70
C LEU B 131 49.39 3.03 84.74
N ASN B 132 49.06 2.67 85.98
CA ASN B 132 50.04 2.66 87.05
C ASN B 132 50.55 1.24 87.33
N CYS B 139 44.29 5.00 95.35
CA CYS B 139 45.12 3.86 95.73
C CYS B 139 44.38 2.93 96.69
N SER B 140 43.13 3.28 96.99
CA SER B 140 42.34 2.47 97.90
C SER B 140 41.98 1.13 97.28
N GLU B 141 42.05 0.07 98.08
CA GLU B 141 41.66 -1.25 97.61
C GLU B 141 40.14 -1.44 97.61
N HIS B 142 39.40 -0.53 98.26
CA HIS B 142 37.95 -0.67 98.37
C HIS B 142 37.24 -0.44 97.04
N ILE B 143 37.96 0.03 96.02
CA ILE B 143 37.38 0.33 94.71
C ILE B 143 36.63 -0.89 94.19
N PRO B 144 35.30 -0.83 94.07
CA PRO B 144 34.55 -1.97 93.54
C PRO B 144 34.81 -2.14 92.05
N SER B 145 34.98 -3.39 91.63
CA SER B 145 35.26 -3.72 90.25
C SER B 145 33.98 -4.18 89.57
N THR B 146 33.54 -3.43 88.57
CA THR B 146 32.38 -3.82 87.78
C THR B 146 32.75 -5.00 86.89
N ILE B 147 31.90 -6.03 86.91
CA ILE B 147 32.18 -7.23 86.12
C ILE B 147 31.54 -7.15 84.74
N ALA B 148 30.42 -6.41 84.62
CA ALA B 148 29.68 -6.27 83.38
C ALA B 148 28.80 -5.04 83.50
N VAL B 149 28.49 -4.43 82.36
CA VAL B 149 27.73 -3.19 82.29
C VAL B 149 26.46 -3.41 81.48
N VAL B 150 25.36 -2.82 81.92
CA VAL B 150 24.09 -2.86 81.22
C VAL B 150 23.79 -1.45 80.72
N GLY B 151 23.83 -1.27 79.41
CA GLY B 151 23.64 0.03 78.80
C GLY B 151 24.41 0.13 77.51
N ALA B 152 24.13 1.19 76.75
CA ALA B 152 23.14 2.21 77.10
C ALA B 152 22.04 2.27 76.05
N THR B 153 21.20 3.30 76.12
CA THR B 153 20.08 3.45 75.19
C THR B 153 20.51 3.94 73.81
N GLY B 154 21.19 5.09 73.75
CA GLY B 154 21.60 5.62 72.47
C GLY B 154 22.74 4.84 71.86
N SER B 155 23.01 5.11 70.58
CA SER B 155 24.06 4.40 69.88
C SER B 155 25.38 5.14 69.92
N GLY B 156 25.37 6.48 69.93
CA GLY B 156 26.61 7.21 70.14
C GLY B 156 27.14 7.03 71.56
N VAL B 157 26.24 7.07 72.54
CA VAL B 157 26.62 6.82 73.92
C VAL B 157 27.19 5.42 74.06
N SER B 158 26.52 4.43 73.46
CA SER B 158 27.01 3.06 73.52
C SER B 158 28.33 2.92 72.79
N THR B 159 28.54 3.70 71.73
CA THR B 159 29.81 3.65 71.01
C THR B 159 30.96 4.11 71.89
N ALA B 160 30.79 5.26 72.54
CA ALA B 160 31.85 5.78 73.41
C ALA B 160 32.11 4.84 74.59
N VAL B 161 31.03 4.40 75.25
CA VAL B 161 31.18 3.49 76.37
C VAL B 161 31.79 2.18 75.92
N ALA B 162 31.51 1.77 74.68
CA ALA B 162 32.02 0.51 74.16
C ALA B 162 33.51 0.58 73.90
N ASN B 163 33.97 1.70 73.33
CA ASN B 163 35.41 1.92 73.22
C ASN B 163 36.08 1.79 74.59
N LEU B 164 35.56 2.53 75.56
CA LEU B 164 36.21 2.56 76.87
C LEU B 164 36.19 1.20 77.55
N LEU B 165 35.08 0.47 77.45
CA LEU B 165 34.97 -0.83 78.13
C LEU B 165 35.72 -1.93 77.40
N GLY B 166 35.73 -1.89 76.07
CA GLY B 166 36.49 -2.89 75.32
C GLY B 166 37.98 -2.70 75.47
N LEU B 167 38.40 -1.49 75.86
CA LEU B 167 39.79 -1.31 76.26
C LEU B 167 40.20 -2.31 77.33
N PHE B 168 39.31 -2.62 78.27
CA PHE B 168 39.61 -3.54 79.36
C PHE B 168 38.87 -4.86 79.28
N TYR B 169 38.16 -5.13 78.18
CA TYR B 169 37.43 -6.39 77.97
C TYR B 169 36.34 -6.60 79.03
N ILE B 170 35.66 -5.52 79.40
CA ILE B 170 34.49 -5.63 80.27
C ILE B 170 33.26 -5.79 79.38
N PRO B 171 32.51 -6.88 79.52
CA PRO B 171 31.33 -7.08 78.67
C PRO B 171 30.29 -5.99 78.90
N GLN B 172 29.67 -5.55 77.81
CA GLN B 172 28.64 -4.53 77.85
C GLN B 172 27.45 -5.01 77.04
N VAL B 173 26.34 -5.28 77.73
CA VAL B 173 25.13 -5.81 77.10
C VAL B 173 24.12 -4.67 77.08
N SER B 174 23.78 -4.21 75.88
CA SER B 174 22.84 -3.11 75.74
C SER B 174 21.42 -3.63 75.51
N TYR B 175 20.46 -2.78 75.82
CA TYR B 175 19.05 -3.11 75.72
C TYR B 175 18.31 -2.31 74.67
N ALA B 176 18.87 -1.20 74.20
CA ALA B 176 18.19 -0.34 73.25
C ALA B 176 19.04 0.13 72.09
N SER B 177 20.36 0.01 72.13
CA SER B 177 21.20 0.45 71.01
C SER B 177 21.09 -0.57 69.88
N SER B 178 20.69 -0.11 68.69
CA SER B 178 20.41 -1.01 67.59
C SER B 178 21.13 -0.62 66.30
N SER B 179 22.08 0.29 66.38
CA SER B 179 22.85 0.69 65.20
C SER B 179 23.69 -0.47 64.69
N ARG B 180 23.75 -0.61 63.37
CA ARG B 180 24.55 -1.67 62.77
C ARG B 180 26.04 -1.45 62.95
N LEU B 181 26.48 -0.21 63.17
CA LEU B 181 27.89 0.07 63.39
C LEU B 181 28.45 -0.63 64.60
N LEU B 182 27.61 -1.05 65.55
CA LEU B 182 28.04 -1.76 66.73
C LEU B 182 28.20 -3.25 66.49
N SER B 183 27.90 -3.73 65.29
CA SER B 183 28.14 -5.12 64.94
C SER B 183 29.57 -5.38 64.51
N ASN B 184 30.40 -4.35 64.42
CA ASN B 184 31.80 -4.49 64.06
C ASN B 184 32.59 -4.94 65.27
N LYS B 185 33.13 -6.15 65.23
CA LYS B 185 33.85 -6.71 66.36
C LYS B 185 35.33 -6.36 66.35
N ASN B 186 35.83 -5.76 65.28
CA ASN B 186 37.23 -5.33 65.28
C ASN B 186 37.41 -4.07 66.11
N GLN B 187 36.37 -3.23 66.19
CA GLN B 187 36.42 -2.04 67.02
C GLN B 187 35.72 -2.20 68.34
N PHE B 188 34.74 -3.11 68.44
CA PHE B 188 33.94 -3.30 69.65
C PHE B 188 34.04 -4.77 70.05
N LYS B 189 35.03 -5.09 70.89
CA LYS B 189 35.31 -6.48 71.21
C LYS B 189 34.29 -7.05 72.18
N SER B 190 33.76 -6.24 73.10
CA SER B 190 32.93 -6.73 74.18
C SER B 190 31.53 -6.11 74.19
N PHE B 191 30.90 -5.97 73.04
CA PHE B 191 29.57 -5.40 72.96
C PHE B 191 28.57 -6.49 72.59
N LEU B 192 27.43 -6.51 73.29
CA LEU B 192 26.39 -7.50 73.08
C LEU B 192 25.04 -6.79 73.11
N ARG B 193 24.03 -7.42 72.50
CA ARG B 193 22.72 -6.81 72.38
C ARG B 193 21.62 -7.79 72.70
N THR B 194 20.58 -7.30 73.37
CA THR B 194 19.31 -8.01 73.47
C THR B 194 18.23 -7.33 72.65
N ILE B 195 18.61 -6.44 71.73
CA ILE B 195 17.68 -5.76 70.84
C ILE B 195 18.14 -6.01 69.41
N PRO B 196 17.23 -6.28 68.47
CA PRO B 196 17.65 -6.60 67.10
C PRO B 196 18.32 -5.43 66.40
N ASN B 197 19.07 -5.76 65.36
CA ASN B 197 19.72 -4.78 64.51
C ASN B 197 18.67 -4.06 63.64
N ASP B 198 19.09 -2.94 63.05
CA ASP B 198 18.20 -2.07 62.31
C ASP B 198 18.13 -2.40 60.82
N GLU B 199 18.82 -3.43 60.36
CA GLU B 199 18.80 -3.77 58.94
C GLU B 199 17.43 -4.29 58.51
N HIS B 200 16.88 -5.24 59.28
CA HIS B 200 15.57 -5.79 58.96
C HIS B 200 14.50 -4.72 58.99
N GLN B 201 14.67 -3.70 59.83
CA GLN B 201 13.67 -2.64 59.92
C GLN B 201 13.67 -1.75 58.66
N ALA B 202 14.85 -1.42 58.14
CA ALA B 202 14.92 -0.67 56.89
C ALA B 202 14.36 -1.49 55.74
N THR B 203 14.70 -2.78 55.69
CA THR B 203 14.10 -3.67 54.69
C THR B 203 12.58 -3.69 54.83
N ALA B 204 12.08 -3.68 56.07
CA ALA B 204 10.65 -3.71 56.30
C ALA B 204 9.99 -2.44 55.82
N MET B 205 10.63 -1.28 56.03
CA MET B 205 10.08 -0.03 55.52
C MET B 205 10.00 -0.05 53.99
N ALA B 206 11.06 -0.55 53.35
CA ALA B 206 11.03 -0.68 51.89
C ALA B 206 9.90 -1.61 51.45
N ASP B 207 9.72 -2.73 52.15
CA ASP B 207 8.65 -3.66 51.81
C ASP B 207 7.28 -3.04 51.99
N ILE B 208 7.09 -2.26 53.06
CA ILE B 208 5.80 -1.61 53.30
C ILE B 208 5.52 -0.61 52.20
N ILE B 209 6.52 0.19 51.81
CA ILE B 209 6.29 1.17 50.76
C ILE B 209 5.97 0.49 49.44
N GLU B 210 6.64 -0.63 49.16
CA GLU B 210 6.34 -1.37 47.94
C GLU B 210 4.95 -2.00 48.00
N TYR B 211 4.49 -2.37 49.19
CA TYR B 211 3.22 -3.07 49.33
C TYR B 211 2.05 -2.19 48.92
N PHE B 212 2.06 -0.92 49.34
CA PHE B 212 0.95 -0.01 49.07
C PHE B 212 1.13 0.75 47.76
N ARG B 213 2.04 0.30 46.90
CA ARG B 213 2.25 0.89 45.59
C ARG B 213 2.52 2.39 45.66
N TRP B 214 3.59 2.76 46.34
CA TRP B 214 4.11 4.12 46.31
C TRP B 214 5.48 4.10 45.63
N ASN B 215 5.82 5.18 44.94
CA ASN B 215 7.16 5.31 44.40
C ASN B 215 7.79 6.68 44.60
N TRP B 216 7.13 7.60 45.28
CA TRP B 216 7.60 8.98 45.40
C TRP B 216 7.49 9.36 46.88
N VAL B 217 8.60 9.20 47.60
CA VAL B 217 8.63 9.36 49.05
C VAL B 217 9.72 10.34 49.42
N GLY B 218 9.73 10.70 50.72
CA GLY B 218 10.79 11.53 51.27
C GLY B 218 11.37 10.90 52.51
N THR B 219 12.55 11.32 52.92
CA THR B 219 13.24 10.73 54.06
C THR B 219 13.74 11.80 55.01
N ILE B 220 13.67 11.50 56.31
CA ILE B 220 14.24 12.33 57.36
C ILE B 220 14.97 11.40 58.32
N ALA B 221 16.11 11.86 58.85
CA ALA B 221 16.88 11.05 59.78
C ALA B 221 17.56 11.96 60.79
N ALA B 222 17.93 11.37 61.92
CA ALA B 222 18.70 12.06 62.94
C ALA B 222 20.17 12.04 62.58
N ASP B 223 20.87 13.13 62.88
CA ASP B 223 22.28 13.28 62.52
C ASP B 223 23.15 12.62 63.58
N ASP B 224 22.97 11.30 63.73
CA ASP B 224 23.70 10.53 64.73
C ASP B 224 23.96 9.12 64.21
N ASP B 225 24.57 8.30 65.06
CA ASP B 225 24.96 6.94 64.70
C ASP B 225 23.78 5.99 64.53
N TYR B 226 22.57 6.42 64.90
CA TYR B 226 21.36 5.61 64.74
C TYR B 226 20.62 5.93 63.46
N GLY B 227 20.38 7.21 63.18
CA GLY B 227 19.64 7.62 62.01
C GLY B 227 20.32 7.40 60.67
N ARG B 228 21.59 7.79 60.55
CA ARG B 228 22.29 7.72 59.27
C ARG B 228 22.46 6.31 58.74
N PRO B 229 22.95 5.32 59.51
CA PRO B 229 23.05 3.96 58.94
C PRO B 229 21.72 3.40 58.51
N GLY B 230 20.68 3.61 59.31
CA GLY B 230 19.37 3.09 58.96
C GLY B 230 18.81 3.73 57.71
N ILE B 231 18.98 5.05 57.58
CA ILE B 231 18.42 5.73 56.42
C ILE B 231 19.21 5.37 55.17
N GLU B 232 20.51 5.11 55.31
CA GLU B 232 21.29 4.65 54.17
C GLU B 232 20.87 3.25 53.73
N LYS B 233 20.62 2.37 54.68
CA LYS B 233 20.11 1.04 54.34
C LYS B 233 18.76 1.13 53.65
N PHE B 234 17.89 2.02 54.13
CA PHE B 234 16.61 2.22 53.46
C PHE B 234 16.80 2.74 52.05
N ARG B 235 17.74 3.67 51.86
CA ARG B 235 17.99 4.20 50.52
C ARG B 235 18.42 3.08 49.58
N GLU B 236 19.31 2.21 50.05
CA GLU B 236 19.75 1.09 49.23
C GLU B 236 18.59 0.18 48.86
N GLU B 237 17.77 -0.18 49.86
CA GLU B 237 16.65 -1.08 49.60
C GLU B 237 15.63 -0.46 48.65
N ALA B 238 15.35 0.84 48.83
CA ALA B 238 14.41 1.52 47.96
C ALA B 238 14.94 1.62 46.53
N GLU B 239 16.24 1.85 46.38
CA GLU B 239 16.84 1.83 45.05
C GLU B 239 16.69 0.45 44.43
N GLU B 240 16.81 -0.60 45.22
CA GLU B 240 16.57 -1.95 44.73
C GLU B 240 15.10 -2.22 44.39
N ARG B 241 14.15 -1.50 44.99
CA ARG B 241 12.74 -1.78 44.77
C ARG B 241 12.05 -0.73 43.90
N ASP B 242 12.81 0.00 43.08
CA ASP B 242 12.25 0.97 42.12
C ASP B 242 11.39 2.02 42.81
N ILE B 243 11.95 2.66 43.83
CA ILE B 243 11.29 3.74 44.56
C ILE B 243 12.17 4.98 44.48
N CYS B 244 11.59 6.10 44.07
CA CYS B 244 12.31 7.35 44.00
C CYS B 244 12.12 8.15 45.29
N ILE B 245 13.16 8.88 45.67
CA ILE B 245 13.17 9.68 46.89
C ILE B 245 13.37 11.13 46.50
N ASP B 246 12.49 12.01 46.99
CA ASP B 246 12.56 13.41 46.63
C ASP B 246 13.60 14.15 47.44
N PHE B 247 13.53 14.05 48.76
CA PHE B 247 14.41 14.82 49.65
C PHE B 247 15.01 13.92 50.72
N SER B 248 16.13 14.39 51.27
CA SER B 248 16.87 13.66 52.31
C SER B 248 17.45 14.70 53.27
N GLU B 249 16.81 14.84 54.42
CA GLU B 249 17.17 15.86 55.39
C GLU B 249 17.62 15.25 56.71
N LEU B 250 18.44 16.00 57.44
CA LEU B 250 19.03 15.57 58.70
C LEU B 250 18.64 16.54 59.80
N ILE B 251 18.21 16.00 60.94
CA ILE B 251 17.72 16.81 62.05
C ILE B 251 18.43 16.40 63.33
N SER B 252 18.45 17.33 64.29
CA SER B 252 19.00 17.06 65.61
C SER B 252 18.19 17.82 66.63
N GLN B 253 18.23 17.33 67.88
CA GLN B 253 17.52 18.00 68.96
C GLN B 253 18.12 19.35 69.32
N TYR B 254 19.31 19.66 68.83
CA TYR B 254 19.97 20.95 69.05
C TYR B 254 19.97 21.80 67.80
N SER B 255 19.06 21.53 66.87
CA SER B 255 19.01 22.26 65.62
C SER B 255 18.52 23.68 65.84
N ASP B 256 19.16 24.62 65.17
CA ASP B 256 18.75 26.02 65.25
C ASP B 256 17.51 26.27 64.40
N GLU B 257 17.02 27.51 64.44
CA GLU B 257 15.82 27.86 63.69
C GLU B 257 16.04 27.73 62.20
N GLU B 258 17.22 28.15 61.71
CA GLU B 258 17.47 28.17 60.28
C GLU B 258 17.32 26.78 59.68
N GLU B 259 17.92 25.78 60.31
CA GLU B 259 17.83 24.41 59.82
C GLU B 259 16.41 23.88 59.89
N ILE B 260 15.68 24.22 60.95
CA ILE B 260 14.31 23.75 61.08
C ILE B 260 13.44 24.29 59.95
N GLN B 261 13.53 25.60 59.68
CA GLN B 261 12.74 26.14 58.57
C GLN B 261 13.22 25.61 57.22
N HIS B 262 14.51 25.34 57.08
CA HIS B 262 14.97 24.74 55.83
C HIS B 262 14.32 23.38 55.61
N VAL B 263 14.30 22.54 56.66
CA VAL B 263 13.68 21.22 56.54
C VAL B 263 12.18 21.34 56.29
N VAL B 264 11.52 22.25 57.00
CA VAL B 264 10.08 22.40 56.83
C VAL B 264 9.74 22.87 55.42
N GLU B 265 10.51 23.83 54.89
CA GLU B 265 10.27 24.27 53.53
C GLU B 265 10.53 23.15 52.52
N VAL B 266 11.57 22.35 52.77
CA VAL B 266 11.86 21.21 51.89
C VAL B 266 10.66 20.26 51.88
N ILE B 267 10.10 19.97 53.05
CA ILE B 267 8.93 19.10 53.14
C ILE B 267 7.74 19.74 52.42
N GLN B 268 7.54 21.03 52.62
CA GLN B 268 6.34 21.70 52.13
C GLN B 268 6.34 21.81 50.61
N ASN B 269 7.50 22.06 50.01
CA ASN B 269 7.56 22.16 48.56
C ASN B 269 7.36 20.81 47.88
N SER B 270 7.74 19.72 48.55
CA SER B 270 7.65 18.40 47.95
C SER B 270 6.19 17.95 47.83
N THR B 271 5.90 17.21 46.77
CA THR B 271 4.58 16.64 46.54
C THR B 271 4.44 15.24 47.11
N ALA B 272 5.51 14.67 47.66
CA ALA B 272 5.43 13.37 48.29
C ALA B 272 4.74 13.48 49.64
N LYS B 273 3.79 12.58 49.89
CA LYS B 273 3.09 12.56 51.17
C LYS B 273 3.63 11.56 52.16
N VAL B 274 4.43 10.59 51.72
CA VAL B 274 5.00 9.59 52.60
C VAL B 274 6.41 10.00 52.97
N ILE B 275 6.68 10.08 54.27
CA ILE B 275 7.98 10.49 54.80
C ILE B 275 8.49 9.40 55.73
N VAL B 276 9.72 8.97 55.53
CA VAL B 276 10.33 7.91 56.34
C VAL B 276 11.30 8.58 57.32
N VAL B 277 11.11 8.31 58.61
CA VAL B 277 11.88 8.97 59.66
C VAL B 277 12.63 7.92 60.46
N PHE B 278 13.96 8.05 60.51
CA PHE B 278 14.82 7.30 61.43
C PHE B 278 15.35 8.30 62.45
N SER B 279 14.63 8.45 63.55
CA SER B 279 15.02 9.40 64.58
C SER B 279 14.42 8.95 65.90
N SER B 280 14.93 9.52 66.98
CA SER B 280 14.38 9.29 68.30
C SER B 280 13.37 10.39 68.63
N GLY B 281 12.68 10.21 69.75
CA GLY B 281 11.72 11.19 70.21
C GLY B 281 12.33 12.54 70.52
N PRO B 282 13.38 12.57 71.35
CA PRO B 282 14.02 13.85 71.64
C PRO B 282 14.57 14.57 70.42
N ASP B 283 15.09 13.85 69.42
CA ASP B 283 15.72 14.48 68.26
C ASP B 283 14.73 14.93 67.21
N LEU B 284 13.46 14.51 67.31
CA LEU B 284 12.45 14.85 66.31
C LEU B 284 11.45 15.89 66.81
N GLU B 285 11.43 16.18 68.11
CA GLU B 285 10.43 17.08 68.69
C GLU B 285 10.43 18.49 68.08
N PRO B 286 11.56 19.18 67.92
CA PRO B 286 11.51 20.53 67.33
C PRO B 286 10.87 20.57 65.95
N LEU B 287 11.20 19.60 65.10
CA LEU B 287 10.65 19.59 63.75
C LEU B 287 9.14 19.40 63.77
N ILE B 288 8.66 18.46 64.59
CA ILE B 288 7.23 18.21 64.69
C ILE B 288 6.52 19.44 65.24
N LYS B 289 7.12 20.10 66.23
CA LYS B 289 6.53 21.31 66.77
C LYS B 289 6.40 22.39 65.70
N GLU B 290 7.45 22.58 64.89
CA GLU B 290 7.40 23.59 63.86
C GLU B 290 6.38 23.25 62.78
N ILE B 291 6.29 21.97 62.42
CA ILE B 291 5.27 21.54 61.45
C ILE B 291 3.87 21.78 62.00
N VAL B 292 3.68 21.54 63.30
CA VAL B 292 2.37 21.77 63.92
C VAL B 292 2.05 23.27 63.95
N ARG B 293 3.08 24.10 64.13
CA ARG B 293 2.87 25.55 64.13
C ARG B 293 2.34 26.02 62.78
N ARG B 294 2.90 25.49 61.68
CA ARG B 294 2.43 25.83 60.35
C ARG B 294 1.27 24.97 59.90
N ASN B 295 0.87 24.00 60.71
CA ASN B 295 -0.29 23.14 60.46
C ASN B 295 -0.16 22.49 59.09
N ILE B 296 0.90 21.69 58.94
CA ILE B 296 1.15 20.95 57.71
C ILE B 296 0.49 19.58 57.83
N THR B 297 -0.49 19.31 56.97
CA THR B 297 -1.27 18.09 57.06
C THR B 297 -1.10 17.25 55.79
N GLY B 298 -1.73 16.08 55.82
CA GLY B 298 -1.76 15.21 54.66
C GLY B 298 -0.53 14.38 54.41
N LYS B 299 0.38 14.29 55.38
CA LYS B 299 1.63 13.55 55.21
C LYS B 299 1.57 12.25 55.99
N ILE B 300 1.94 11.16 55.33
CA ILE B 300 2.01 9.86 55.98
C ILE B 300 3.39 9.69 56.62
N TRP B 301 3.41 9.32 57.89
CA TRP B 301 4.63 9.23 58.68
C TRP B 301 4.96 7.77 58.93
N LEU B 302 6.07 7.31 58.38
CA LEU B 302 6.59 5.98 58.69
C LEU B 302 7.64 6.11 59.79
N ALA B 303 7.34 5.56 60.95
CA ALA B 303 8.13 5.72 62.15
C ALA B 303 9.04 4.52 62.37
N SER B 304 10.17 4.77 63.00
CA SER B 304 11.06 3.71 63.46
C SER B 304 10.78 3.41 64.92
N GLU B 305 11.39 2.33 65.42
CA GLU B 305 11.10 1.87 66.78
C GLU B 305 11.43 2.92 67.83
N ALA B 306 12.29 3.88 67.52
CA ALA B 306 12.70 4.87 68.51
C ALA B 306 11.62 5.89 68.83
N TRP B 307 10.79 6.28 67.86
CA TRP B 307 9.74 7.26 68.12
C TRP B 307 8.34 6.78 67.77
N ALA B 308 8.18 5.49 67.44
CA ALA B 308 6.85 4.96 67.16
C ALA B 308 6.02 4.77 68.42
N SER B 309 6.63 4.90 69.60
CA SER B 309 5.91 4.80 70.86
C SER B 309 6.38 5.86 71.85
N SER B 310 6.85 7.00 71.33
CA SER B 310 7.44 8.04 72.15
C SER B 310 6.39 9.06 72.57
N SER B 311 6.39 9.41 73.85
CA SER B 311 5.44 10.36 74.38
C SER B 311 5.72 11.80 73.95
N LEU B 312 6.94 12.09 73.50
CA LEU B 312 7.26 13.43 73.06
C LEU B 312 6.73 13.73 71.66
N ILE B 313 6.22 12.72 70.97
CA ILE B 313 5.68 12.91 69.62
C ILE B 313 4.22 12.52 69.61
N ALA B 314 3.83 11.61 70.52
CA ALA B 314 2.47 11.08 70.57
C ALA B 314 1.66 11.76 71.68
N MET B 315 1.36 13.04 71.46
CA MET B 315 0.36 13.68 72.31
C MET B 315 -0.75 14.29 71.46
N PRO B 316 -1.98 14.38 72.00
CA PRO B 316 -3.13 14.69 71.14
C PRO B 316 -3.19 16.09 70.56
N GLN B 317 -2.25 16.98 70.87
CA GLN B 317 -2.20 18.29 70.23
C GLN B 317 -1.46 18.26 68.90
N TYR B 318 -0.98 17.10 68.47
CA TYR B 318 -0.38 16.97 67.15
C TYR B 318 -1.10 15.97 66.26
N PHE B 319 -2.27 15.47 66.66
CA PHE B 319 -2.94 14.43 65.91
C PHE B 319 -3.41 14.90 64.54
N HIS B 320 -3.42 16.20 64.30
CA HIS B 320 -3.69 16.73 62.98
C HIS B 320 -2.46 16.72 62.08
N VAL B 321 -1.31 16.27 62.59
CA VAL B 321 -0.09 16.18 61.81
C VAL B 321 0.43 14.75 61.83
N VAL B 322 0.63 14.19 63.02
CA VAL B 322 1.22 12.86 63.16
C VAL B 322 0.18 11.76 63.28
N GLY B 323 -1.11 12.07 63.15
CA GLY B 323 -2.12 11.04 63.18
C GLY B 323 -1.99 10.09 62.01
N GLY B 324 -2.39 8.85 62.23
CA GLY B 324 -2.27 7.83 61.22
C GLY B 324 -0.87 7.30 61.01
N THR B 325 0.05 7.57 61.93
CA THR B 325 1.45 7.16 61.78
C THR B 325 1.56 5.63 61.77
N ILE B 326 2.34 5.12 60.83
CA ILE B 326 2.65 3.70 60.73
C ILE B 326 4.04 3.48 61.29
N GLY B 327 4.14 2.65 62.34
CA GLY B 327 5.42 2.47 63.00
C GLY B 327 5.71 1.05 63.44
N PHE B 328 6.89 0.84 64.00
CA PHE B 328 7.35 -0.49 64.40
C PHE B 328 7.46 -0.59 65.90
N ALA B 329 7.31 -1.81 66.40
CA ALA B 329 7.46 -2.11 67.81
C ALA B 329 8.12 -3.47 67.97
N LEU B 330 8.78 -3.66 69.10
CA LEU B 330 9.44 -4.90 69.41
C LEU B 330 8.46 -5.90 70.03
N LYS B 331 8.89 -7.15 70.13
CA LYS B 331 8.09 -8.15 70.81
C LYS B 331 8.00 -7.84 72.30
N ALA B 332 6.81 -8.01 72.85
CA ALA B 332 6.60 -7.74 74.26
C ALA B 332 7.17 -8.86 75.12
N GLY B 333 7.18 -8.63 76.43
CA GLY B 333 7.62 -9.64 77.37
C GLY B 333 6.77 -9.60 78.63
N GLN B 334 6.77 -10.72 79.33
CA GLN B 334 5.99 -10.87 80.56
C GLN B 334 6.97 -11.00 81.73
N ILE B 335 6.97 -10.00 82.61
CA ILE B 335 7.74 -10.08 83.84
C ILE B 335 6.73 -10.19 84.99
N PRO B 336 6.47 -11.40 85.48
CA PRO B 336 5.47 -11.56 86.56
C PRO B 336 5.95 -10.90 87.84
N GLY B 337 5.09 -10.05 88.39
CA GLY B 337 5.41 -9.31 89.60
C GLY B 337 6.15 -8.02 89.40
N PHE B 338 6.29 -7.55 88.16
CA PHE B 338 7.02 -6.31 87.89
C PHE B 338 6.22 -5.09 88.30
N ARG B 339 4.92 -5.06 87.99
CA ARG B 339 4.10 -3.90 88.30
C ARG B 339 3.96 -3.70 89.80
N GLU B 340 3.79 -4.79 90.54
CA GLU B 340 3.71 -4.70 92.00
C GLU B 340 4.99 -4.12 92.58
N PHE B 341 6.14 -4.54 92.05
CA PHE B 341 7.41 -3.96 92.48
C PHE B 341 7.49 -2.48 92.13
N LEU B 342 7.01 -2.12 90.93
CA LEU B 342 7.04 -0.72 90.52
C LEU B 342 6.20 0.13 91.46
N LYS B 343 5.14 -0.43 92.02
CA LYS B 343 4.27 0.32 92.91
C LYS B 343 4.78 0.40 94.35
N LYS B 344 5.96 -0.16 94.64
CA LYS B 344 6.54 -0.12 95.98
C LYS B 344 7.59 0.97 96.13
N VAL B 345 7.68 1.89 95.17
CA VAL B 345 8.69 2.93 95.21
C VAL B 345 8.32 3.93 96.30
N HIS B 346 9.28 4.27 97.15
CA HIS B 346 9.05 5.26 98.19
C HIS B 346 10.33 6.05 98.44
N PRO B 347 10.24 7.37 98.56
CA PRO B 347 11.46 8.18 98.68
C PRO B 347 12.22 7.95 99.96
N ARG B 348 11.65 7.28 100.95
CA ARG B 348 12.33 6.96 102.20
C ARG B 348 12.66 5.48 102.33
N LYS B 349 11.72 4.60 102.00
CA LYS B 349 11.97 3.18 102.11
C LYS B 349 13.06 2.72 101.14
N SER B 350 13.05 3.25 99.92
CA SER B 350 14.04 2.88 98.90
C SER B 350 15.31 3.68 99.15
N VAL B 351 16.23 3.11 99.94
CA VAL B 351 17.47 3.78 100.26
C VAL B 351 18.59 3.45 99.28
N HIS B 352 18.51 2.30 98.59
CA HIS B 352 19.52 1.97 97.60
C HIS B 352 19.35 2.76 96.32
N ASN B 353 18.12 3.07 95.95
CA ASN B 353 17.82 3.85 94.76
C ASN B 353 17.81 5.33 95.13
N GLY B 354 18.88 6.03 94.77
CA GLY B 354 18.96 7.46 94.99
C GLY B 354 18.16 8.28 94.03
N PHE B 355 17.49 7.64 93.08
CA PHE B 355 16.67 8.31 92.08
C PHE B 355 15.20 8.42 92.51
N ALA B 356 14.84 7.88 93.67
CA ALA B 356 13.44 7.85 94.06
C ALA B 356 12.95 9.21 94.51
N LYS B 357 13.82 10.00 95.14
CA LYS B 357 13.41 11.30 95.67
C LYS B 357 12.95 12.23 94.55
N GLU B 358 13.78 12.38 93.51
CA GLU B 358 13.39 13.23 92.39
C GLU B 358 12.21 12.66 91.64
N PHE B 359 12.10 11.33 91.56
CA PHE B 359 10.94 10.73 90.93
C PHE B 359 9.66 11.13 91.65
N TRP B 360 9.68 11.06 92.99
CA TRP B 360 8.52 11.46 93.78
C TRP B 360 8.22 12.95 93.58
N GLU B 361 9.26 13.78 93.62
CA GLU B 361 9.06 15.22 93.50
C GLU B 361 8.44 15.58 92.16
N GLU B 362 8.92 14.95 91.08
CA GLU B 362 8.37 15.24 89.76
C GLU B 362 6.97 14.67 89.61
N THR B 363 6.74 13.46 90.12
CA THR B 363 5.43 12.82 89.96
C THR B 363 4.35 13.61 90.66
N PHE B 364 4.61 14.08 91.88
CA PHE B 364 3.60 14.81 92.65
C PHE B 364 3.79 16.31 92.62
N ASN B 365 4.79 16.82 91.90
CA ASN B 365 5.05 18.26 91.81
C ASN B 365 5.23 18.89 93.18
N CYS B 366 5.85 18.13 94.09
CA CYS B 366 6.08 18.58 95.46
C CYS B 366 7.58 18.66 95.72
N HIS B 367 7.92 19.29 96.85
CA HIS B 367 9.31 19.50 97.24
C HIS B 367 9.52 18.87 98.62
N LEU B 368 10.55 18.03 98.73
CA LEU B 368 10.90 17.44 100.01
C LEU B 368 12.39 17.61 100.29
N ARG B 400 6.11 25.08 95.39
CA ARG B 400 5.84 23.64 95.44
C ARG B 400 5.42 23.21 96.85
N PRO B 401 4.34 22.44 96.94
CA PRO B 401 3.92 21.93 98.25
C PRO B 401 4.96 21.00 98.85
N LEU B 402 5.03 20.98 100.17
CA LEU B 402 5.93 20.07 100.86
C LEU B 402 5.41 18.64 100.74
N CYS B 403 6.28 17.73 100.32
CA CYS B 403 5.88 16.33 100.19
C CYS B 403 5.58 15.73 101.55
N THR B 404 4.70 14.72 101.56
CA THR B 404 4.39 13.99 102.78
C THR B 404 4.81 12.53 102.73
N GLY B 405 5.14 11.99 101.55
CA GLY B 405 5.50 10.59 101.45
C GLY B 405 4.36 9.65 101.83
N ASP B 406 3.14 9.99 101.45
CA ASP B 406 1.96 9.22 101.83
C ASP B 406 1.03 8.95 100.67
N GLU B 407 1.28 9.52 99.50
CA GLU B 407 0.33 9.44 98.39
C GLU B 407 0.52 8.15 97.61
N ASN B 408 -0.25 8.02 96.53
CA ASN B 408 -0.21 6.85 95.67
C ASN B 408 0.34 7.23 94.31
N ILE B 409 1.20 6.36 93.76
CA ILE B 409 1.67 6.56 92.39
C ILE B 409 0.50 6.46 91.42
N SER B 410 -0.54 5.70 91.79
CA SER B 410 -1.70 5.55 90.92
C SER B 410 -2.45 6.86 90.75
N SER B 411 -2.30 7.78 91.71
CA SER B 411 -3.02 9.05 91.65
C SER B 411 -2.60 9.88 90.45
N VAL B 412 -1.31 9.93 90.16
CA VAL B 412 -0.79 10.72 89.05
C VAL B 412 -0.51 9.81 87.87
N GLU B 413 -0.93 10.24 86.68
CA GLU B 413 -0.75 9.49 85.45
C GLU B 413 0.57 9.88 84.81
N THR B 414 1.51 8.94 84.79
CA THR B 414 2.83 9.14 84.21
C THR B 414 3.22 7.92 83.40
N PRO B 415 4.22 8.02 82.50
CA PRO B 415 4.70 6.82 81.80
C PRO B 415 5.28 5.76 82.72
N TYR B 416 5.44 6.04 84.01
CA TYR B 416 6.02 5.06 84.94
C TYR B 416 5.12 3.84 85.07
N ILE B 417 3.83 4.06 85.34
CA ILE B 417 2.87 2.99 85.57
C ILE B 417 1.88 2.84 84.42
N ASP B 418 1.66 3.89 83.64
CA ASP B 418 0.74 3.84 82.50
C ASP B 418 1.50 3.28 81.31
N TYR B 419 1.35 1.98 81.07
CA TYR B 419 1.95 1.31 79.93
C TYR B 419 1.14 0.07 79.63
N THR B 420 1.32 -0.47 78.42
CA THR B 420 0.58 -1.63 77.97
C THR B 420 1.46 -2.85 77.73
N HIS B 421 2.63 -2.66 77.11
CA HIS B 421 3.56 -3.75 76.84
C HIS B 421 4.93 -3.41 77.41
N LEU B 422 5.71 -4.45 77.70
CA LEU B 422 7.08 -4.31 78.17
C LEU B 422 8.01 -4.82 77.08
N ARG B 423 8.70 -3.91 76.42
CA ARG B 423 9.57 -4.27 75.31
C ARG B 423 11.03 -3.97 75.61
N ILE B 424 11.34 -2.71 75.93
CA ILE B 424 12.70 -2.37 76.35
C ILE B 424 12.95 -2.88 77.77
N SER B 425 11.94 -2.82 78.63
CA SER B 425 12.09 -3.33 79.99
C SER B 425 12.40 -4.83 79.97
N TYR B 426 11.73 -5.58 79.09
CA TYR B 426 12.06 -6.98 78.93
C TYR B 426 13.49 -7.15 78.40
N ASN B 427 13.96 -6.19 77.60
CA ASN B 427 15.33 -6.24 77.13
C ASN B 427 16.32 -6.10 78.28
N VAL B 428 16.04 -5.18 79.21
CA VAL B 428 16.90 -5.03 80.39
C VAL B 428 16.87 -6.30 81.24
N TYR B 429 15.67 -6.85 81.43
CA TYR B 429 15.50 -8.12 82.14
C TYR B 429 16.37 -9.22 81.52
N LEU B 430 16.31 -9.35 80.19
CA LEU B 430 17.06 -10.39 79.51
C LEU B 430 18.56 -10.15 79.59
N ALA B 431 18.99 -8.88 79.54
CA ALA B 431 20.41 -8.59 79.67
C ALA B 431 20.94 -9.03 81.03
N VAL B 432 20.21 -8.68 82.09
CA VAL B 432 20.62 -9.06 83.43
C VAL B 432 20.66 -10.58 83.57
N TYR B 433 19.62 -11.26 83.09
CA TYR B 433 19.61 -12.72 83.17
C TYR B 433 20.66 -13.36 82.29
N SER B 434 21.05 -12.74 81.18
CA SER B 434 22.12 -13.30 80.37
C SER B 434 23.45 -13.25 81.12
N ILE B 435 23.74 -12.11 81.75
CA ILE B 435 24.94 -12.04 82.57
C ILE B 435 24.88 -13.06 83.70
N ALA B 436 23.70 -13.20 84.32
CA ALA B 436 23.55 -14.14 85.43
C ALA B 436 23.78 -15.58 84.98
N HIS B 437 23.25 -15.95 83.81
CA HIS B 437 23.46 -17.31 83.32
C HIS B 437 24.90 -17.53 82.90
N ALA B 438 25.58 -16.51 82.39
CA ALA B 438 27.01 -16.65 82.12
C ALA B 438 27.78 -16.93 83.41
N LEU B 439 27.46 -16.20 84.48
CA LEU B 439 28.10 -16.46 85.77
C LEU B 439 27.76 -17.85 86.28
N GLN B 440 26.52 -18.30 86.07
CA GLN B 440 26.12 -19.64 86.49
C GLN B 440 26.94 -20.71 85.76
N ASP B 441 27.10 -20.55 84.45
CA ASP B 441 27.93 -21.48 83.70
C ASP B 441 29.38 -21.42 84.17
N ILE B 442 29.84 -20.26 84.63
CA ILE B 442 31.14 -20.20 85.29
C ILE B 442 31.15 -21.08 86.53
N TYR B 443 30.08 -21.00 87.33
CA TYR B 443 30.00 -21.74 88.58
C TYR B 443 29.90 -23.24 88.35
N THR B 444 28.85 -23.70 87.67
CA THR B 444 28.68 -25.12 87.40
C THR B 444 29.59 -25.55 86.25
N CYS B 445 30.90 -25.56 86.48
CA CYS B 445 31.88 -25.92 85.46
C CYS B 445 32.63 -27.16 85.92
N LEU B 446 32.50 -28.25 85.16
CA LEU B 446 33.23 -29.46 85.48
C LEU B 446 34.72 -29.24 85.17
N PRO B 447 35.61 -29.69 86.06
CA PRO B 447 37.04 -29.40 85.87
C PRO B 447 37.61 -29.95 84.58
N GLY B 448 37.07 -31.06 84.08
CA GLY B 448 37.63 -31.66 82.87
C GLY B 448 37.44 -30.81 81.64
N ARG B 449 36.23 -30.28 81.45
CA ARG B 449 35.88 -29.56 80.23
C ARG B 449 35.65 -28.08 80.57
N GLY B 450 36.38 -27.20 79.89
CA GLY B 450 36.24 -25.78 80.10
C GLY B 450 36.63 -25.00 78.86
N LEU B 451 36.23 -23.73 78.84
CA LEU B 451 36.49 -22.87 77.69
C LEU B 451 37.87 -22.24 77.71
N PHE B 452 38.59 -22.30 78.81
CA PHE B 452 39.90 -21.68 78.94
C PHE B 452 41.01 -22.71 78.83
N THR B 453 42.25 -22.22 78.98
CA THR B 453 43.45 -23.00 78.69
C THR B 453 43.45 -24.36 79.40
N ASN B 454 43.76 -25.42 78.65
CA ASN B 454 43.77 -26.78 79.15
C ASN B 454 42.40 -27.19 79.70
N GLY B 455 41.34 -26.59 79.15
CA GLY B 455 39.98 -26.94 79.51
C GLY B 455 39.65 -26.73 80.97
N SER B 456 40.29 -25.76 81.60
CA SER B 456 40.06 -25.49 83.01
C SER B 456 38.80 -24.65 83.20
N CYS B 457 38.52 -24.26 84.44
CA CYS B 457 37.39 -23.43 84.77
C CYS B 457 37.85 -22.21 85.56
N ALA B 458 37.18 -21.08 85.30
CA ALA B 458 37.47 -19.85 86.02
C ALA B 458 36.92 -19.92 87.44
N ASP B 459 37.69 -19.41 88.39
CA ASP B 459 37.26 -19.40 89.78
C ASP B 459 36.10 -18.42 89.95
N ILE B 460 34.98 -18.92 90.46
CA ILE B 460 33.82 -18.06 90.65
C ILE B 460 34.10 -17.01 91.73
N LYS B 461 34.96 -17.34 92.69
CA LYS B 461 35.30 -16.37 93.73
C LYS B 461 36.26 -15.31 93.21
N LYS B 462 37.02 -15.61 92.16
CA LYS B 462 37.99 -14.69 91.57
C LYS B 462 37.71 -14.55 90.08
N VAL B 463 36.45 -14.34 89.74
CA VAL B 463 36.03 -14.22 88.35
C VAL B 463 36.50 -12.89 87.79
N GLU B 464 36.92 -12.89 86.53
CA GLU B 464 37.36 -11.69 85.83
C GLU B 464 36.40 -11.39 84.69
N ALA B 465 36.46 -10.13 84.21
CA ALA B 465 35.50 -9.67 83.20
C ALA B 465 35.66 -10.40 81.88
N TRP B 466 36.90 -10.67 81.46
CA TRP B 466 37.11 -11.32 80.17
C TRP B 466 36.59 -12.75 80.17
N GLN B 467 36.64 -13.43 81.31
CA GLN B 467 36.02 -14.76 81.41
C GLN B 467 34.51 -14.67 81.25
N VAL B 468 33.89 -13.66 81.84
CA VAL B 468 32.46 -13.44 81.64
C VAL B 468 32.17 -13.18 80.17
N LEU B 469 33.03 -12.41 79.51
CA LEU B 469 32.87 -12.16 78.08
C LEU B 469 32.95 -13.46 77.30
N LYS B 470 33.90 -14.32 77.63
CA LYS B 470 34.07 -15.58 76.91
C LYS B 470 32.84 -16.48 77.08
N HIS B 471 32.29 -16.54 78.30
CA HIS B 471 31.08 -17.32 78.50
C HIS B 471 29.88 -16.71 77.79
N LEU B 472 29.79 -15.38 77.75
CA LEU B 472 28.69 -14.75 77.02
C LEU B 472 28.78 -15.03 75.53
N ARG B 473 30.00 -15.12 75.00
CA ARG B 473 30.18 -15.49 73.60
C ARG B 473 29.76 -16.93 73.32
N HIS B 474 29.63 -17.75 74.34
CA HIS B 474 29.24 -19.16 74.21
C HIS B 474 28.03 -19.43 75.09
N LEU B 475 27.01 -18.57 74.98
CA LEU B 475 25.87 -18.61 75.87
C LEU B 475 24.64 -19.13 75.14
N ASN B 476 23.89 -19.99 75.82
CA ASN B 476 22.63 -20.54 75.30
C ASN B 476 21.76 -20.86 76.50
N PHE B 477 20.79 -20.00 76.79
CA PHE B 477 19.91 -20.27 77.94
C PHE B 477 18.45 -20.13 77.52
N THR B 478 17.56 -20.28 78.51
CA THR B 478 16.13 -20.31 78.28
C THR B 478 15.46 -19.21 79.10
N ASN B 479 14.57 -18.47 78.45
CA ASN B 479 13.85 -17.40 79.11
C ASN B 479 12.78 -17.96 80.04
N ASN B 480 12.17 -17.06 80.81
CA ASN B 480 11.03 -17.44 81.63
C ASN B 480 9.80 -17.73 80.76
N MET B 481 9.78 -17.20 79.54
CA MET B 481 8.66 -17.40 78.63
C MET B 481 8.84 -18.59 77.71
N GLY B 482 9.92 -19.35 77.85
CA GLY B 482 10.15 -20.51 77.02
C GLY B 482 10.68 -20.17 75.64
N GLU B 483 11.85 -19.55 75.59
CA GLU B 483 12.51 -19.24 74.31
C GLU B 483 14.01 -19.33 74.52
N GLN B 484 14.72 -19.68 73.46
CA GLN B 484 16.17 -19.85 73.54
C GLN B 484 16.87 -18.54 73.25
N VAL B 485 17.76 -18.14 74.16
CA VAL B 485 18.52 -16.90 74.04
C VAL B 485 19.97 -17.26 73.76
N THR B 486 20.49 -16.72 72.66
CA THR B 486 21.85 -16.89 72.18
C THR B 486 22.29 -15.60 71.53
N PHE B 487 23.60 -15.46 71.32
CA PHE B 487 24.16 -14.34 70.58
C PHE B 487 25.01 -14.84 69.42
N ASP B 488 24.99 -14.11 68.32
CA ASP B 488 25.68 -14.51 67.11
C ASP B 488 27.15 -14.07 67.17
N GLU B 489 27.86 -14.21 66.05
CA GLU B 489 29.26 -13.80 66.00
C GLU B 489 29.41 -12.30 66.22
N CYS B 490 28.41 -11.53 65.82
CA CYS B 490 28.39 -10.09 66.03
C CYS B 490 27.67 -9.71 67.32
N GLY B 491 27.41 -10.67 68.19
CA GLY B 491 26.77 -10.41 69.46
C GLY B 491 25.39 -9.79 69.33
N ASP B 492 24.63 -10.22 68.32
CA ASP B 492 23.31 -9.69 68.05
C ASP B 492 22.25 -10.76 68.26
N LEU B 493 21.02 -10.32 68.46
CA LEU B 493 19.89 -11.19 68.72
C LEU B 493 18.77 -10.86 67.73
N VAL B 494 18.04 -11.89 67.31
CA VAL B 494 17.09 -11.77 66.21
C VAL B 494 15.67 -11.77 66.78
N GLY B 495 14.83 -10.89 66.25
CA GLY B 495 13.48 -10.78 66.75
C GLY B 495 12.51 -10.29 65.69
N ASN B 496 11.23 -10.55 65.96
CA ASN B 496 10.13 -10.17 65.07
C ASN B 496 9.94 -8.66 65.10
N TYR B 497 8.95 -8.17 64.34
CA TYR B 497 8.51 -6.79 64.47
C TYR B 497 6.99 -6.73 64.43
N SER B 498 6.43 -5.71 65.06
CA SER B 498 5.00 -5.49 65.14
C SER B 498 4.66 -4.15 64.53
N ILE B 499 3.74 -4.11 63.57
CA ILE B 499 3.35 -2.87 62.91
C ILE B 499 2.19 -2.26 63.68
N ILE B 500 2.29 -0.96 63.96
CA ILE B 500 1.26 -0.25 64.72
C ILE B 500 0.83 0.98 63.96
N ASN B 501 -0.40 1.41 64.22
CA ASN B 501 -0.97 2.60 63.62
C ASN B 501 -1.55 3.48 64.73
N TRP B 502 -1.48 4.79 64.52
CA TRP B 502 -1.86 5.77 65.53
C TRP B 502 -3.32 6.14 65.34
N HIS B 503 -4.15 5.80 66.33
CA HIS B 503 -5.57 6.14 66.34
C HIS B 503 -5.85 7.08 67.50
N LEU B 504 -6.97 7.78 67.41
CA LEU B 504 -7.39 8.68 68.48
C LEU B 504 -8.26 7.93 69.47
N SER B 505 -8.04 8.19 70.75
CA SER B 505 -8.83 7.55 71.79
C SER B 505 -10.22 8.19 71.85
N PRO B 506 -11.29 7.42 71.67
CA PRO B 506 -12.64 8.00 71.74
C PRO B 506 -13.00 8.59 73.08
N GLU B 507 -12.48 8.05 74.19
CA GLU B 507 -12.90 8.48 75.50
C GLU B 507 -11.94 9.49 76.12
N ASP B 508 -10.68 9.10 76.30
CA ASP B 508 -9.72 9.96 76.97
C ASP B 508 -9.24 11.08 76.05
N GLY B 509 -9.28 10.85 74.74
CA GLY B 509 -8.73 11.78 73.79
C GLY B 509 -7.25 11.62 73.53
N SER B 510 -6.60 10.63 74.13
CA SER B 510 -5.18 10.37 73.94
C SER B 510 -4.96 9.61 72.63
N ILE B 511 -3.74 9.13 72.44
CA ILE B 511 -3.35 8.44 71.22
C ILE B 511 -3.21 6.95 71.52
N VAL B 512 -3.88 6.13 70.73
CA VAL B 512 -3.91 4.68 70.90
C VAL B 512 -3.04 4.03 69.85
N PHE B 513 -2.30 2.99 70.24
CA PHE B 513 -1.44 2.23 69.35
C PHE B 513 -2.12 0.90 69.03
N LYS B 514 -2.58 0.74 67.80
CA LYS B 514 -3.26 -0.47 67.36
C LYS B 514 -2.37 -1.27 66.42
N GLU B 515 -2.22 -2.56 66.71
CA GLU B 515 -1.46 -3.43 65.83
C GLU B 515 -2.21 -3.70 64.53
N VAL B 516 -1.49 -3.60 63.42
CA VAL B 516 -2.10 -3.75 62.10
C VAL B 516 -1.37 -4.81 61.28
N GLY B 517 -0.32 -5.39 61.85
CA GLY B 517 0.41 -6.41 61.12
C GLY B 517 1.72 -6.74 61.82
N TYR B 518 2.56 -7.48 61.10
CA TYR B 518 3.83 -7.90 61.68
C TYR B 518 4.87 -8.10 60.58
N TYR B 519 6.11 -8.27 61.02
CA TYR B 519 7.25 -8.55 60.15
C TYR B 519 7.98 -9.77 60.70
N ASN B 520 7.94 -10.86 59.94
CA ASN B 520 8.51 -12.15 60.31
C ASN B 520 9.92 -12.25 59.74
N VAL B 521 10.93 -11.99 60.58
CA VAL B 521 12.30 -12.02 60.11
C VAL B 521 12.77 -13.44 59.77
N TYR B 522 12.10 -14.47 60.29
CA TYR B 522 12.49 -15.85 60.02
C TYR B 522 11.92 -16.39 58.71
N ALA B 523 11.14 -15.60 57.98
CA ALA B 523 10.57 -16.02 56.71
C ALA B 523 11.59 -15.76 55.59
N LYS B 524 11.15 -15.94 54.35
CA LYS B 524 11.97 -15.71 53.18
C LYS B 524 11.72 -14.29 52.66
N LYS B 525 12.69 -13.78 51.89
CA LYS B 525 12.56 -12.45 51.32
C LYS B 525 11.31 -12.35 50.46
N GLY B 526 10.58 -11.24 50.62
CA GLY B 526 9.35 -11.04 49.91
C GLY B 526 8.12 -11.65 50.56
N GLU B 527 8.29 -12.39 51.66
CA GLU B 527 7.17 -13.00 52.37
C GLU B 527 7.18 -12.67 53.86
N ARG B 528 7.97 -11.69 54.29
CA ARG B 528 8.14 -11.39 55.70
C ARG B 528 7.09 -10.43 56.24
N LEU B 529 6.48 -9.62 55.38
CA LEU B 529 5.57 -8.57 55.80
C LEU B 529 4.13 -9.05 55.74
N PHE B 530 3.36 -8.77 56.78
CA PHE B 530 1.91 -8.95 56.75
C PHE B 530 1.26 -7.69 57.29
N ILE B 531 0.33 -7.12 56.52
CA ILE B 531 -0.41 -5.94 56.92
C ILE B 531 -1.90 -6.17 56.65
N ASN B 532 -2.72 -5.77 57.62
CA ASN B 532 -4.18 -5.83 57.51
C ASN B 532 -4.66 -4.40 57.33
N GLU B 533 -4.82 -3.97 56.07
CA GLU B 533 -5.19 -2.59 55.79
C GLU B 533 -6.62 -2.26 56.21
N GLU B 534 -7.42 -3.26 56.56
CA GLU B 534 -8.75 -2.99 57.11
C GLU B 534 -8.68 -2.30 58.46
N LYS B 535 -7.57 -2.44 59.18
CA LYS B 535 -7.41 -1.83 60.49
C LYS B 535 -6.71 -0.47 60.42
N ILE B 536 -6.04 -0.16 59.31
CA ILE B 536 -5.35 1.11 59.19
C ILE B 536 -6.35 2.24 59.00
N LEU B 537 -6.05 3.39 59.60
CA LEU B 537 -6.82 4.61 59.42
C LEU B 537 -5.84 5.69 58.98
N TRP B 538 -5.80 5.95 57.67
CA TRP B 538 -4.86 6.92 57.13
C TRP B 538 -5.22 8.32 57.60
N SER B 539 -4.23 9.02 58.13
CA SER B 539 -4.39 10.31 58.80
C SER B 539 -5.32 10.23 60.01
N GLY B 540 -5.67 9.01 60.44
CA GLY B 540 -6.48 8.80 61.63
C GLY B 540 -7.96 8.62 61.37
N PHE B 541 -8.46 9.04 60.21
CA PHE B 541 -9.89 9.00 59.96
C PHE B 541 -10.22 8.31 58.63
N SER B 542 -9.38 8.50 57.62
CA SER B 542 -9.71 8.06 56.27
C SER B 542 -9.44 6.58 56.10
N ARG B 543 -10.34 5.91 55.38
CA ARG B 543 -10.17 4.51 55.00
C ARG B 543 -9.73 4.36 53.55
N GLU B 544 -9.38 5.46 52.89
CA GLU B 544 -8.91 5.45 51.51
C GLU B 544 -7.40 5.62 51.51
N VAL B 545 -6.72 4.68 50.87
CA VAL B 545 -5.26 4.72 50.82
C VAL B 545 -4.81 5.95 50.04
N PRO B 546 -3.90 6.77 50.55
CA PRO B 546 -3.50 7.99 49.84
C PRO B 546 -2.66 7.67 48.62
N PHE B 547 -2.46 8.69 47.79
CA PHE B 547 -1.74 8.58 46.54
C PHE B 547 -0.42 9.33 46.66
N SER B 548 0.71 8.62 46.47
CA SER B 548 2.03 9.20 46.67
C SER B 548 2.95 8.80 45.52
N ASN B 549 2.46 8.94 44.29
CA ASN B 549 3.27 8.74 43.10
C ASN B 549 3.57 10.11 42.48
N CYS B 550 4.73 10.24 41.87
CA CYS B 550 5.13 11.53 41.31
C CYS B 550 4.22 11.95 40.16
N SER B 551 3.82 10.99 39.33
CA SER B 551 2.99 11.27 38.17
C SER B 551 1.84 10.27 38.11
N ARG B 552 0.77 10.67 37.45
CA ARG B 552 -0.36 9.79 37.23
C ARG B 552 -0.02 8.75 36.18
N ASP B 553 -0.53 7.53 36.38
CA ASP B 553 -0.23 6.43 35.48
C ASP B 553 -0.77 6.71 34.08
N CYS B 554 0.03 6.41 33.07
CA CYS B 554 -0.36 6.63 31.68
C CYS B 554 -1.36 5.58 31.25
N LEU B 555 -2.49 6.01 30.69
CA LEU B 555 -3.52 5.10 30.24
C LEU B 555 -3.10 4.42 28.94
N ALA B 556 -3.99 3.57 28.42
CA ALA B 556 -3.70 2.87 27.17
C ALA B 556 -3.66 3.85 26.01
N GLY B 557 -2.87 3.50 25.00
CA GLY B 557 -2.69 4.35 23.84
C GLY B 557 -1.68 5.45 24.00
N THR B 558 -1.08 5.59 25.18
CA THR B 558 -0.09 6.61 25.44
C THR B 558 1.15 5.99 26.05
N ARG B 559 2.32 6.52 25.68
CA ARG B 559 3.59 6.09 26.22
C ARG B 559 4.09 7.13 27.23
N LYS B 560 5.20 6.80 27.89
CA LYS B 560 5.81 7.67 28.88
C LYS B 560 6.96 8.44 28.25
N GLY B 561 6.98 9.75 28.51
CA GLY B 561 8.00 10.64 28.00
C GLY B 561 8.84 11.23 29.12
N ILE B 562 10.13 11.40 28.84
CA ILE B 562 11.10 11.83 29.84
C ILE B 562 10.87 13.30 30.15
N ILE B 563 10.86 13.65 31.43
CA ILE B 563 10.99 15.03 31.86
C ILE B 563 12.45 15.24 32.24
N GLU B 564 13.14 16.10 31.50
CA GLU B 564 14.57 16.30 31.74
C GLU B 564 14.80 16.93 33.10
N GLY B 565 15.74 16.36 33.85
CA GLY B 565 16.07 16.88 35.17
C GLY B 565 15.26 16.29 36.30
N GLU B 566 14.48 15.24 36.05
CA GLU B 566 13.69 14.57 37.06
C GLU B 566 13.95 13.08 37.00
N PRO B 567 13.76 12.36 38.10
CA PRO B 567 14.00 10.91 38.10
C PRO B 567 13.01 10.16 37.22
N THR B 568 13.23 8.85 37.15
CA THR B 568 12.42 8.00 36.28
C THR B 568 10.94 8.00 36.68
N CYS B 569 10.66 8.23 37.96
CA CYS B 569 9.29 8.15 38.45
C CYS B 569 8.40 9.19 37.80
N CYS B 570 8.94 10.39 37.56
CA CYS B 570 8.17 11.50 37.02
C CYS B 570 8.30 11.51 35.50
N PHE B 571 7.18 11.50 34.79
CA PHE B 571 7.17 11.42 33.34
C PHE B 571 5.96 12.19 32.81
N GLU B 572 5.74 12.08 31.50
CA GLU B 572 4.57 12.64 30.85
C GLU B 572 3.89 11.55 30.04
N CYS B 573 2.61 11.75 29.74
CA CYS B 573 1.86 10.85 28.87
C CYS B 573 1.81 11.46 27.46
N VAL B 574 2.34 10.71 26.49
CA VAL B 574 2.40 11.17 25.10
C VAL B 574 1.62 10.18 24.24
N GLU B 575 0.68 10.69 23.43
CA GLU B 575 -0.14 9.84 22.60
C GLU B 575 0.70 9.16 21.52
N CYS B 576 0.42 7.89 21.26
CA CYS B 576 1.15 7.14 20.26
C CYS B 576 0.87 7.71 18.87
N PRO B 577 1.84 7.63 17.95
CA PRO B 577 1.61 8.13 16.59
C PRO B 577 0.77 7.13 15.79
N ASP B 578 0.41 7.57 14.58
CA ASP B 578 -0.50 6.80 13.75
C ASP B 578 0.09 5.45 13.39
N GLY B 579 -0.75 4.41 13.41
CA GLY B 579 -0.31 3.07 13.12
C GLY B 579 0.39 2.38 14.27
N GLU B 580 0.33 2.94 15.48
CA GLU B 580 1.00 2.40 16.65
C GLU B 580 0.00 2.27 17.78
N TYR B 581 0.11 1.20 18.55
CA TYR B 581 -0.85 0.90 19.61
C TYR B 581 -0.13 0.66 20.93
N SER B 582 -0.87 0.85 22.02
CA SER B 582 -0.37 0.67 23.38
C SER B 582 -1.52 0.17 24.25
N ASP B 583 -1.62 -1.16 24.39
CA ASP B 583 -2.71 -1.74 25.15
C ASP B 583 -2.47 -1.61 26.66
N GLU B 584 -1.22 -1.72 27.10
CA GLU B 584 -0.90 -1.81 28.51
C GLU B 584 -0.71 -0.44 29.14
N THR B 585 -1.13 -0.33 30.40
CA THR B 585 -0.86 0.84 31.21
C THR B 585 0.63 0.93 31.53
N ASP B 586 1.15 2.15 31.53
CA ASP B 586 2.57 2.42 31.80
C ASP B 586 3.46 1.70 30.78
N ALA B 587 3.28 2.10 29.53
CA ALA B 587 4.06 1.58 28.42
C ALA B 587 5.18 2.56 28.07
N SER B 588 6.40 2.03 27.93
CA SER B 588 7.56 2.86 27.63
C SER B 588 7.86 2.94 26.15
N ALA B 589 7.12 2.23 25.29
CA ALA B 589 7.34 2.28 23.86
C ALA B 589 6.06 1.90 23.14
N CYS B 590 5.67 2.71 22.16
CA CYS B 590 4.51 2.39 21.34
C CYS B 590 4.81 1.18 20.46
N ASN B 591 3.78 0.36 20.24
CA ASN B 591 3.92 -0.92 19.56
C ASN B 591 3.42 -0.81 18.13
N LYS B 592 4.14 -1.47 17.22
CA LYS B 592 3.84 -1.41 15.79
C LYS B 592 2.86 -2.52 15.45
N CYS B 593 1.73 -2.15 14.84
CA CYS B 593 0.84 -3.17 14.31
C CYS B 593 1.53 -3.97 13.22
N PRO B 594 1.30 -5.28 13.15
CA PRO B 594 1.86 -6.07 12.07
C PRO B 594 1.29 -5.63 10.72
N ASP B 595 1.84 -6.22 9.67
CA ASP B 595 1.37 -5.91 8.33
C ASP B 595 -0.11 -6.29 8.19
N ASP B 596 -0.83 -5.48 7.41
CA ASP B 596 -2.27 -5.58 7.18
C ASP B 596 -3.10 -5.12 8.37
N PHE B 597 -2.49 -4.44 9.35
CA PHE B 597 -3.20 -3.91 10.50
C PHE B 597 -2.78 -2.46 10.75
N TRP B 598 -3.69 -1.69 11.34
CA TRP B 598 -3.47 -0.28 11.61
C TRP B 598 -4.03 0.08 12.98
N SER B 599 -3.58 1.23 13.48
CA SER B 599 -4.02 1.70 14.79
C SER B 599 -5.48 2.10 14.77
N ASN B 600 -6.04 2.26 15.97
CA ASN B 600 -7.45 2.61 16.12
C ASN B 600 -7.58 4.13 16.18
N GLU B 601 -8.78 4.61 16.51
CA GLU B 601 -8.96 6.01 16.86
C GLU B 601 -8.43 6.33 18.24
N ASN B 602 -8.42 5.35 19.15
CA ASN B 602 -7.87 5.52 20.49
C ASN B 602 -6.44 5.01 20.61
N HIS B 603 -5.89 4.46 19.54
CA HIS B 603 -4.49 4.02 19.49
C HIS B 603 -4.19 2.94 20.52
N THR B 604 -5.19 2.10 20.80
CA THR B 604 -5.05 1.06 21.81
C THR B 604 -4.67 -0.30 21.23
N SER B 605 -5.45 -0.78 20.26
CA SER B 605 -5.22 -2.07 19.63
C SER B 605 -5.11 -1.89 18.11
N CYS B 606 -5.05 -3.01 17.41
CA CYS B 606 -4.91 -3.01 15.96
C CYS B 606 -6.19 -3.51 15.31
N ILE B 607 -6.58 -2.86 14.21
CA ILE B 607 -7.68 -3.31 13.37
C ILE B 607 -7.11 -3.66 12.00
N ALA B 608 -7.53 -4.81 11.47
CA ALA B 608 -7.09 -5.23 10.15
C ALA B 608 -7.51 -4.20 9.10
N LYS B 609 -6.59 -3.93 8.18
CA LYS B 609 -6.86 -2.94 7.13
C LYS B 609 -8.02 -3.38 6.26
N GLU B 610 -8.81 -2.41 5.81
CA GLU B 610 -9.92 -2.71 4.92
C GLU B 610 -9.44 -2.81 3.48
N ILE B 611 -10.05 -3.70 2.72
CA ILE B 611 -9.67 -4.00 1.35
C ILE B 611 -10.65 -3.32 0.41
N GLU B 612 -10.13 -2.57 -0.54
CA GLU B 612 -10.94 -1.79 -1.48
C GLU B 612 -10.92 -2.45 -2.86
N PHE B 613 -12.10 -2.73 -3.38
CA PHE B 613 -12.30 -3.27 -4.72
C PHE B 613 -13.78 -3.19 -5.05
N LEU B 614 -14.09 -3.23 -6.35
CA LEU B 614 -15.48 -3.16 -6.79
C LEU B 614 -16.11 -4.54 -6.66
N SER B 615 -17.02 -4.69 -5.69
CA SER B 615 -17.60 -5.98 -5.37
C SER B 615 -18.97 -6.15 -6.00
N TRP B 616 -19.34 -7.41 -6.25
CA TRP B 616 -20.63 -7.72 -6.84
C TRP B 616 -21.80 -7.33 -5.94
N THR B 617 -21.57 -7.26 -4.63
CA THR B 617 -22.60 -6.88 -3.68
C THR B 617 -22.71 -5.38 -3.46
N GLU B 618 -21.64 -4.64 -3.73
CA GLU B 618 -21.68 -3.20 -3.61
C GLU B 618 -22.67 -2.63 -4.62
N PRO B 619 -23.42 -1.58 -4.26
CA PRO B 619 -24.45 -1.06 -5.18
C PRO B 619 -23.92 -0.61 -6.54
N PHE B 620 -22.70 -0.10 -6.60
CA PHE B 620 -22.18 0.35 -7.88
C PHE B 620 -21.92 -0.82 -8.81
N GLY B 621 -21.33 -1.90 -8.29
CA GLY B 621 -21.20 -3.12 -9.07
C GLY B 621 -22.54 -3.69 -9.49
N ILE B 622 -23.55 -3.56 -8.62
CA ILE B 622 -24.90 -4.00 -8.97
C ILE B 622 -25.42 -3.20 -10.15
N ALA B 623 -25.23 -1.88 -10.12
CA ALA B 623 -25.69 -1.04 -11.23
C ALA B 623 -25.00 -1.44 -12.52
N LEU B 624 -23.69 -1.66 -12.47
CA LEU B 624 -22.96 -2.06 -13.68
C LEU B 624 -23.45 -3.42 -14.19
N THR B 625 -23.70 -4.36 -13.28
CA THR B 625 -24.17 -5.68 -13.68
C THR B 625 -25.53 -5.60 -14.37
N LEU B 626 -26.47 -4.86 -13.77
CA LEU B 626 -27.79 -4.73 -14.38
C LEU B 626 -27.72 -4.01 -15.73
N PHE B 627 -26.85 -3.01 -15.86
CA PHE B 627 -26.73 -2.34 -17.15
C PHE B 627 -26.16 -3.28 -18.21
N ALA B 628 -25.16 -4.09 -17.85
CA ALA B 628 -24.60 -5.03 -18.81
C ALA B 628 -25.64 -6.07 -19.22
N VAL B 629 -26.42 -6.57 -18.26
CA VAL B 629 -27.46 -7.55 -18.58
C VAL B 629 -28.52 -6.92 -19.48
N LEU B 630 -28.89 -5.67 -19.21
CA LEU B 630 -29.85 -4.97 -20.06
C LEU B 630 -29.33 -4.83 -21.47
N GLY B 631 -28.04 -4.49 -21.61
CA GLY B 631 -27.45 -4.39 -22.94
C GLY B 631 -27.48 -5.71 -23.69
N ILE B 632 -27.15 -6.79 -22.99
CA ILE B 632 -27.18 -8.12 -23.61
C ILE B 632 -28.60 -8.47 -24.03
N PHE B 633 -29.58 -8.15 -23.18
CA PHE B 633 -30.98 -8.40 -23.52
C PHE B 633 -31.40 -7.64 -24.77
N LEU B 634 -31.04 -6.36 -24.86
CA LEU B 634 -31.41 -5.56 -26.03
C LEU B 634 -30.73 -6.08 -27.29
N THR B 635 -29.47 -6.48 -27.18
CA THR B 635 -28.77 -7.04 -28.33
C THR B 635 -29.46 -8.32 -28.81
N ALA B 636 -29.86 -9.18 -27.88
CA ALA B 636 -30.57 -10.40 -28.26
C ALA B 636 -31.91 -10.08 -28.90
N PHE B 637 -32.60 -9.07 -28.39
CA PHE B 637 -33.88 -8.66 -28.98
C PHE B 637 -33.68 -8.20 -30.43
N VAL B 638 -32.64 -7.40 -30.67
CA VAL B 638 -32.36 -6.93 -32.03
C VAL B 638 -32.04 -8.09 -32.95
N LEU B 639 -31.21 -9.03 -32.47
CA LEU B 639 -30.87 -10.19 -33.29
C LEU B 639 -32.11 -11.02 -33.62
N GLY B 640 -33.00 -11.20 -32.64
CA GLY B 640 -34.23 -11.92 -32.91
C GLY B 640 -35.13 -11.22 -33.91
N VAL B 641 -35.19 -9.89 -33.83
CA VAL B 641 -35.98 -9.12 -34.78
C VAL B 641 -35.45 -9.33 -36.19
N PHE B 642 -34.12 -9.28 -36.36
CA PHE B 642 -33.56 -9.52 -37.68
C PHE B 642 -33.82 -10.95 -38.16
N ILE B 643 -33.68 -11.93 -37.26
CA ILE B 643 -33.91 -13.32 -37.67
C ILE B 643 -35.36 -13.51 -38.11
N LYS B 644 -36.30 -12.87 -37.44
CA LYS B 644 -37.69 -12.94 -37.87
C LYS B 644 -37.88 -12.23 -39.20
N PHE B 645 -37.57 -10.94 -39.26
CA PHE B 645 -37.72 -10.17 -40.49
C PHE B 645 -36.48 -10.27 -41.37
N ARG B 646 -35.97 -11.48 -41.59
CA ARG B 646 -34.78 -11.63 -42.41
C ARG B 646 -35.04 -11.28 -43.87
N ASN B 647 -36.22 -11.62 -44.39
CA ASN B 647 -36.52 -11.41 -45.80
C ASN B 647 -36.95 -9.98 -46.10
N THR B 648 -37.10 -9.14 -45.09
CA THR B 648 -37.52 -7.76 -45.30
C THR B 648 -36.51 -7.02 -46.16
N PRO B 649 -36.98 -6.19 -47.11
CA PRO B 649 -36.04 -5.46 -47.97
C PRO B 649 -35.07 -4.57 -47.21
N ILE B 650 -35.51 -3.94 -46.13
CA ILE B 650 -34.61 -3.09 -45.34
C ILE B 650 -33.57 -3.94 -44.62
N VAL B 651 -33.99 -5.07 -44.06
CA VAL B 651 -33.04 -5.95 -43.41
C VAL B 651 -32.08 -6.55 -44.44
N LYS B 652 -32.60 -6.87 -45.63
CA LYS B 652 -31.75 -7.40 -46.69
C LYS B 652 -30.72 -6.37 -47.14
N ALA B 653 -31.11 -5.09 -47.16
CA ALA B 653 -30.24 -4.00 -47.60
C ALA B 653 -28.90 -4.02 -46.88
N THR B 654 -28.93 -3.89 -45.56
CA THR B 654 -27.73 -4.07 -44.76
C THR B 654 -27.29 -5.53 -44.79
N ASN B 655 -25.98 -5.74 -44.85
CA ASN B 655 -25.44 -7.10 -44.90
C ASN B 655 -25.88 -7.89 -43.68
N ARG B 656 -26.73 -8.90 -43.91
CA ARG B 656 -27.32 -9.62 -42.78
C ARG B 656 -26.31 -10.54 -42.10
N GLU B 657 -25.40 -11.13 -42.88
CA GLU B 657 -24.37 -11.97 -42.29
C GLU B 657 -23.44 -11.14 -41.41
N LEU B 658 -22.93 -10.03 -41.95
CA LEU B 658 -22.09 -9.15 -41.16
C LEU B 658 -22.86 -8.51 -40.02
N SER B 659 -24.16 -8.27 -40.19
CA SER B 659 -24.96 -7.76 -39.09
C SER B 659 -25.07 -8.78 -37.96
N TYR B 660 -25.25 -10.06 -38.30
CA TYR B 660 -25.27 -11.11 -37.29
C TYR B 660 -23.94 -11.17 -36.55
N LEU B 661 -22.83 -11.14 -37.29
CA LEU B 661 -21.52 -11.19 -36.67
C LEU B 661 -21.29 -9.97 -35.78
N LEU B 662 -21.75 -8.79 -36.22
CA LEU B 662 -21.60 -7.58 -35.43
C LEU B 662 -22.42 -7.67 -34.14
N LEU B 663 -23.62 -8.22 -34.22
CA LEU B 663 -24.44 -8.38 -33.02
C LEU B 663 -23.81 -9.36 -32.04
N PHE B 664 -23.21 -10.44 -32.56
CA PHE B 664 -22.47 -11.36 -31.69
C PHE B 664 -21.30 -10.65 -31.02
N SER B 665 -20.57 -9.83 -31.78
CA SER B 665 -19.45 -9.09 -31.20
C SER B 665 -19.93 -8.06 -30.18
N LEU B 666 -21.11 -7.50 -30.37
CA LEU B 666 -21.68 -6.60 -29.37
C LEU B 666 -22.04 -7.36 -28.09
N LEU B 667 -22.56 -8.57 -28.22
CA LEU B 667 -22.77 -9.40 -27.04
C LEU B 667 -21.46 -9.64 -26.31
N CYS B 668 -20.38 -9.91 -27.07
CA CYS B 668 -19.07 -10.07 -26.46
C CYS B 668 -18.61 -8.79 -25.78
N CYS B 669 -18.85 -7.63 -26.40
CA CYS B 669 -18.47 -6.35 -25.80
C CYS B 669 -19.18 -6.13 -24.48
N PHE B 670 -20.49 -6.40 -24.44
CA PHE B 670 -21.25 -6.22 -23.20
C PHE B 670 -20.80 -7.21 -22.14
N SER B 671 -20.44 -8.43 -22.54
CA SER B 671 -19.99 -9.42 -21.57
C SER B 671 -18.55 -9.18 -21.10
N SER B 672 -17.77 -8.41 -21.85
CA SER B 672 -16.39 -8.16 -21.43
C SER B 672 -16.32 -7.15 -20.30
N SER B 673 -17.41 -6.43 -20.05
CA SER B 673 -17.41 -5.48 -18.94
C SER B 673 -17.50 -6.19 -17.60
N LEU B 674 -18.16 -7.36 -17.58
CA LEU B 674 -18.32 -8.10 -16.34
C LEU B 674 -17.01 -8.67 -15.81
N PHE B 675 -15.95 -8.64 -16.62
CA PHE B 675 -14.65 -9.08 -16.14
C PHE B 675 -14.08 -8.10 -15.12
N PHE B 676 -14.32 -6.80 -15.32
CA PHE B 676 -13.77 -5.80 -14.42
C PHE B 676 -14.37 -5.90 -13.03
N ILE B 677 -15.69 -6.13 -12.96
CA ILE B 677 -16.35 -6.23 -11.66
C ILE B 677 -15.86 -7.48 -10.94
N GLY B 678 -15.59 -7.33 -9.65
CA GLY B 678 -15.08 -8.41 -8.84
C GLY B 678 -13.65 -8.20 -8.42
N GLU B 679 -13.21 -9.00 -7.45
CA GLU B 679 -11.85 -8.90 -6.95
C GLU B 679 -10.88 -9.39 -8.02
N PRO B 680 -9.92 -8.56 -8.44
CA PRO B 680 -9.01 -8.96 -9.52
C PRO B 680 -8.17 -10.19 -9.21
N GLN B 681 -8.40 -11.25 -9.97
CA GLN B 681 -7.52 -12.41 -9.98
C GLN B 681 -6.52 -12.28 -11.13
N ASP B 682 -5.59 -13.23 -11.20
CA ASP B 682 -4.58 -13.18 -12.25
C ASP B 682 -5.21 -13.36 -13.63
N TRP B 683 -6.12 -14.32 -13.76
CA TRP B 683 -6.74 -14.57 -15.06
C TRP B 683 -7.66 -13.44 -15.47
N THR B 684 -8.37 -12.83 -14.51
CA THR B 684 -9.24 -11.71 -14.84
C THR B 684 -8.44 -10.53 -15.37
N CYS B 685 -7.32 -10.20 -14.72
CA CYS B 685 -6.45 -9.13 -15.21
C CYS B 685 -5.88 -9.49 -16.57
N ARG B 686 -5.52 -10.76 -16.76
CA ARG B 686 -4.95 -11.18 -18.04
C ARG B 686 -5.96 -11.10 -19.16
N LEU B 687 -7.25 -11.25 -18.85
CA LEU B 687 -8.27 -11.38 -19.87
C LEU B 687 -9.07 -10.10 -20.14
N ARG B 688 -9.12 -9.16 -19.19
CA ARG B 688 -10.06 -8.05 -19.31
C ARG B 688 -9.82 -7.18 -20.54
N GLN B 689 -8.59 -6.68 -20.74
CA GLN B 689 -8.30 -5.82 -21.89
C GLN B 689 -8.45 -6.49 -23.25
N PRO B 690 -7.86 -7.67 -23.50
CA PRO B 690 -7.97 -8.25 -24.86
C PRO B 690 -9.40 -8.54 -25.27
N ALA B 691 -10.27 -8.91 -24.33
CA ALA B 691 -11.66 -9.19 -24.65
C ALA B 691 -12.31 -8.00 -25.34
N PHE B 692 -12.34 -6.86 -24.65
CA PHE B 692 -12.97 -5.67 -25.22
C PHE B 692 -12.23 -5.21 -26.47
N GLY B 693 -10.89 -5.26 -26.46
CA GLY B 693 -10.16 -4.82 -27.63
C GLY B 693 -10.54 -5.59 -28.88
N ILE B 694 -10.47 -6.91 -28.80
CA ILE B 694 -10.77 -7.76 -29.93
C ILE B 694 -12.23 -7.60 -30.35
N SER B 695 -13.14 -7.54 -29.37
CA SER B 695 -14.56 -7.46 -29.70
C SER B 695 -14.89 -6.15 -30.42
N PHE B 696 -14.36 -5.03 -29.93
CA PHE B 696 -14.66 -3.75 -30.58
C PHE B 696 -13.99 -3.66 -31.95
N VAL B 697 -12.78 -4.21 -32.08
CA VAL B 697 -12.15 -4.26 -33.40
C VAL B 697 -12.99 -5.08 -34.36
N LEU B 698 -13.60 -6.16 -33.85
CA LEU B 698 -14.45 -7.00 -34.69
C LEU B 698 -15.67 -6.22 -35.17
N CYS B 699 -16.31 -5.47 -34.26
CA CYS B 699 -17.45 -4.64 -34.65
C CYS B 699 -17.06 -3.62 -35.72
N ILE B 700 -15.94 -2.94 -35.50
CA ILE B 700 -15.50 -1.90 -36.44
C ILE B 700 -15.17 -2.51 -37.80
N SER B 701 -14.54 -3.69 -37.80
CA SER B 701 -14.23 -4.37 -39.06
C SER B 701 -15.48 -4.76 -39.80
N CYS B 702 -16.50 -5.24 -39.09
CA CYS B 702 -17.75 -5.57 -39.73
C CYS B 702 -18.37 -4.34 -40.39
N ILE B 703 -18.35 -3.21 -39.68
CA ILE B 703 -18.91 -1.97 -40.24
C ILE B 703 -18.15 -1.57 -41.50
N LEU B 704 -16.82 -1.61 -41.44
CA LEU B 704 -15.99 -1.20 -42.56
C LEU B 704 -16.25 -2.07 -43.78
N VAL B 705 -16.30 -3.39 -43.59
CA VAL B 705 -16.53 -4.30 -44.71
C VAL B 705 -17.91 -4.07 -45.32
N LYS B 706 -18.92 -3.87 -44.46
CA LYS B 706 -20.27 -3.60 -44.95
C LYS B 706 -20.30 -2.39 -45.86
N THR B 707 -19.75 -1.27 -45.36
CA THR B 707 -19.80 -0.03 -46.15
C THR B 707 -18.98 -0.16 -47.43
N ASN B 708 -17.83 -0.82 -47.36
CA ASN B 708 -17.01 -0.99 -48.55
C ASN B 708 -17.74 -1.83 -49.60
N ARG B 709 -18.43 -2.89 -49.17
CA ARG B 709 -19.17 -3.73 -50.10
C ARG B 709 -20.25 -2.91 -50.81
N VAL B 710 -21.02 -2.14 -50.06
CA VAL B 710 -22.09 -1.35 -50.68
C VAL B 710 -21.51 -0.34 -51.66
N LEU B 711 -20.42 0.34 -51.27
CA LEU B 711 -19.80 1.32 -52.14
C LEU B 711 -19.28 0.68 -53.42
N LEU B 712 -18.63 -0.47 -53.31
CA LEU B 712 -18.11 -1.15 -54.49
C LEU B 712 -19.23 -1.58 -55.41
N VAL B 713 -20.37 -2.00 -54.85
CA VAL B 713 -21.49 -2.38 -55.70
C VAL B 713 -22.01 -1.18 -56.46
N PHE B 714 -22.18 -0.05 -55.77
CA PHE B 714 -22.71 1.13 -56.47
C PHE B 714 -21.70 1.74 -57.44
N GLU B 715 -20.41 1.47 -57.26
CA GLU B 715 -19.43 2.08 -58.16
C GLU B 715 -19.44 1.45 -59.54
N ALA B 716 -19.85 0.18 -59.64
CA ALA B 716 -19.87 -0.50 -60.92
C ALA B 716 -20.98 0.03 -61.82
N LYS B 717 -20.68 0.13 -63.12
CA LYS B 717 -21.67 0.56 -64.10
C LYS B 717 -21.56 -0.27 -65.38
N ILE B 718 -20.90 -1.41 -65.30
CA ILE B 718 -20.76 -2.32 -66.43
C ILE B 718 -21.03 -3.73 -65.89
N PRO B 719 -21.58 -4.66 -66.69
CA PRO B 719 -21.66 -6.05 -66.23
C PRO B 719 -20.30 -6.53 -65.73
N THR B 720 -20.23 -6.78 -64.42
CA THR B 720 -18.93 -6.85 -63.76
C THR B 720 -18.37 -8.28 -63.83
N SER B 721 -17.06 -8.35 -64.08
CA SER B 721 -16.36 -9.62 -64.16
C SER B 721 -15.30 -9.75 -63.08
N PHE B 722 -14.42 -8.76 -62.97
CA PHE B 722 -13.29 -8.87 -62.04
C PHE B 722 -13.67 -8.34 -60.65
N HIS B 723 -14.28 -7.16 -60.58
CA HIS B 723 -14.68 -6.60 -59.30
C HIS B 723 -15.81 -7.39 -58.65
N ARG B 724 -16.47 -8.28 -59.40
CA ARG B 724 -17.45 -9.18 -58.81
C ARG B 724 -16.78 -10.13 -57.82
N LYS B 725 -15.52 -10.48 -58.08
CA LYS B 725 -14.74 -11.31 -57.18
C LYS B 725 -14.44 -10.57 -55.89
N TRP B 726 -14.64 -9.25 -55.89
CA TRP B 726 -14.31 -8.39 -54.75
C TRP B 726 -15.50 -8.13 -53.83
N TRP B 727 -16.65 -8.75 -54.07
CA TRP B 727 -17.78 -8.62 -53.15
C TRP B 727 -18.42 -9.99 -52.90
N GLY B 728 -17.60 -10.99 -52.65
CA GLY B 728 -18.07 -12.29 -52.22
C GLY B 728 -18.11 -12.39 -50.70
N LEU B 729 -19.06 -13.17 -50.19
CA LEU B 729 -19.28 -13.22 -48.75
C LEU B 729 -18.05 -13.73 -48.00
N ASN B 730 -17.45 -14.82 -48.50
CA ASN B 730 -16.28 -15.39 -47.85
C ASN B 730 -15.12 -14.41 -47.86
N LEU B 731 -15.01 -13.60 -48.91
CA LEU B 731 -13.96 -12.59 -48.95
C LEU B 731 -14.20 -11.51 -47.89
N GLN B 732 -15.47 -11.14 -47.68
CA GLN B 732 -15.79 -10.19 -46.62
C GLN B 732 -15.38 -10.73 -45.27
N PHE B 733 -15.72 -12.00 -45.00
CA PHE B 733 -15.33 -12.61 -43.74
C PHE B 733 -13.81 -12.70 -43.62
N LEU B 734 -13.12 -12.92 -44.73
CA LEU B 734 -11.66 -12.96 -44.71
C LEU B 734 -11.09 -11.60 -44.33
N LEU B 735 -11.65 -10.52 -44.85
CA LEU B 735 -11.16 -9.18 -44.49
C LEU B 735 -11.37 -8.89 -43.01
N VAL B 736 -12.57 -9.24 -42.50
CA VAL B 736 -12.82 -9.12 -41.07
C VAL B 736 -11.78 -9.92 -40.30
N PHE B 737 -11.44 -11.11 -40.80
CA PHE B 737 -10.43 -11.94 -40.17
C PHE B 737 -9.08 -11.25 -40.15
N LEU B 738 -8.69 -10.60 -41.25
CA LEU B 738 -7.41 -9.91 -41.26
C LEU B 738 -7.32 -8.87 -40.16
N CYS B 739 -8.36 -8.04 -40.04
CA CYS B 739 -8.33 -6.99 -39.02
C CYS B 739 -8.27 -7.58 -37.62
N THR B 740 -9.22 -8.47 -37.30
CA THR B 740 -9.24 -9.05 -35.96
C THR B 740 -8.00 -9.91 -35.72
N PHE B 741 -7.35 -10.38 -36.78
CA PHE B 741 -6.18 -11.22 -36.64
C PHE B 741 -4.96 -10.40 -36.26
N MET B 742 -4.82 -9.20 -36.85
CA MET B 742 -3.79 -8.29 -36.36
C MET B 742 -4.00 -8.00 -34.88
N GLN B 743 -5.26 -7.75 -34.50
CA GLN B 743 -5.52 -7.47 -33.08
C GLN B 743 -5.15 -8.66 -32.19
N ILE B 744 -5.53 -9.88 -32.58
CA ILE B 744 -5.29 -11.03 -31.72
C ILE B 744 -3.81 -11.36 -31.69
N VAL B 745 -3.08 -11.10 -32.78
CA VAL B 745 -1.64 -11.29 -32.77
C VAL B 745 -0.99 -10.38 -31.74
N ILE B 746 -1.39 -9.11 -31.73
CA ILE B 746 -0.83 -8.17 -30.75
C ILE B 746 -1.16 -8.64 -29.34
N CYS B 747 -2.40 -9.06 -29.12
CA CYS B 747 -2.81 -9.50 -27.78
C CYS B 747 -2.05 -10.74 -27.33
N VAL B 748 -1.84 -11.70 -28.24
CA VAL B 748 -1.15 -12.93 -27.90
C VAL B 748 0.31 -12.65 -27.57
N ILE B 749 0.97 -11.81 -28.37
CA ILE B 749 2.35 -11.46 -28.07
C ILE B 749 2.44 -10.75 -26.72
N TRP B 750 1.45 -9.90 -26.42
CA TRP B 750 1.43 -9.22 -25.12
C TRP B 750 1.32 -10.23 -23.98
N LEU B 751 0.35 -11.14 -24.06
CA LEU B 751 0.12 -12.08 -22.97
C LEU B 751 1.21 -13.13 -22.88
N TYR B 752 2.01 -13.31 -23.93
CA TYR B 752 3.08 -14.29 -23.88
C TYR B 752 4.40 -13.68 -23.39
N THR B 753 4.66 -12.42 -23.74
CA THR B 753 5.92 -11.80 -23.36
C THR B 753 5.89 -11.27 -21.92
N ALA B 754 5.00 -10.31 -21.65
CA ALA B 754 4.91 -9.63 -20.35
C ALA B 754 3.45 -9.63 -19.90
N PRO B 755 2.97 -10.72 -19.31
CA PRO B 755 1.56 -10.79 -18.93
C PRO B 755 1.26 -9.91 -17.74
N PRO B 756 0.03 -9.42 -17.62
CA PRO B 756 -0.35 -8.64 -16.44
C PRO B 756 -0.57 -9.54 -15.24
N SER B 757 -0.61 -8.92 -14.07
CA SER B 757 -0.74 -9.64 -12.81
C SER B 757 -1.68 -8.87 -11.88
N SER B 758 -1.85 -9.39 -10.68
CA SER B 758 -2.65 -8.75 -9.65
C SER B 758 -1.74 -8.34 -8.50
N TYR B 759 -1.88 -7.09 -8.05
CA TYR B 759 -0.98 -6.51 -7.05
C TYR B 759 -1.79 -6.01 -5.85
N ARG B 760 -1.19 -6.14 -4.67
CA ARG B 760 -1.78 -5.68 -3.42
C ARG B 760 -1.03 -4.41 -2.98
N ASN B 761 -1.54 -3.26 -3.37
CA ASN B 761 -0.91 -1.98 -3.06
C ASN B 761 -1.29 -1.54 -1.65
N GLN B 762 -0.29 -1.21 -0.85
CA GLN B 762 -0.49 -0.65 0.48
C GLN B 762 0.32 0.63 0.68
N GLU B 763 0.80 1.24 -0.41
CA GLU B 763 1.60 2.45 -0.32
C GLU B 763 0.86 3.70 -0.78
N LEU B 764 -0.24 3.55 -1.52
CA LEU B 764 -1.06 4.71 -1.86
C LEU B 764 -1.67 5.33 -0.61
N GLU B 765 -2.16 4.50 0.31
CA GLU B 765 -2.60 4.92 1.62
C GLU B 765 -2.14 3.89 2.65
N ASP B 766 -2.30 4.24 3.92
CA ASP B 766 -1.85 3.37 4.99
C ASP B 766 -2.97 2.59 5.66
N GLU B 767 -4.20 3.08 5.63
CA GLU B 767 -5.32 2.42 6.28
C GLU B 767 -6.12 1.54 5.33
N ILE B 768 -5.72 1.44 4.06
CA ILE B 768 -6.53 0.80 3.04
C ILE B 768 -5.61 -0.02 2.13
N ILE B 769 -6.04 -1.24 1.78
CA ILE B 769 -5.30 -2.11 0.87
C ILE B 769 -6.06 -2.13 -0.45
N PHE B 770 -5.39 -1.74 -1.53
CA PHE B 770 -5.99 -1.74 -2.86
C PHE B 770 -5.55 -2.98 -3.62
N ILE B 771 -6.51 -3.80 -4.03
CA ILE B 771 -6.24 -4.91 -4.94
C ILE B 771 -6.46 -4.41 -6.37
N THR B 772 -5.43 -4.47 -7.19
CA THR B 772 -5.48 -3.88 -8.53
C THR B 772 -4.82 -4.81 -9.54
N CYS B 773 -5.01 -4.47 -10.82
CA CYS B 773 -4.35 -5.18 -11.90
C CYS B 773 -3.18 -4.35 -12.42
N HIS B 774 -2.01 -4.96 -12.45
CA HIS B 774 -0.81 -4.33 -13.00
C HIS B 774 -0.60 -4.87 -14.42
N GLU B 775 -0.71 -3.98 -15.40
CA GLU B 775 -0.46 -4.35 -16.78
C GLU B 775 1.02 -4.71 -16.97
N GLY B 776 1.27 -5.70 -17.81
CA GLY B 776 2.63 -6.13 -18.07
C GLY B 776 3.51 -5.04 -18.66
N SER B 777 3.17 -4.60 -19.86
CA SER B 777 3.90 -3.53 -20.54
C SER B 777 2.91 -2.49 -21.02
N LEU B 778 3.18 -1.22 -20.71
CA LEU B 778 2.30 -0.15 -21.17
C LEU B 778 2.32 0.00 -22.68
N MET B 779 3.42 -0.43 -23.32
CA MET B 779 3.53 -0.29 -24.77
C MET B 779 2.47 -1.12 -25.49
N ALA B 780 2.21 -2.34 -25.02
CA ALA B 780 1.20 -3.19 -25.65
C ALA B 780 -0.19 -2.57 -25.52
N LEU B 781 -0.51 -2.05 -24.33
CA LEU B 781 -1.80 -1.40 -24.15
C LEU B 781 -1.94 -0.19 -25.07
N GLY B 782 -0.86 0.59 -25.19
CA GLY B 782 -0.87 1.70 -26.12
C GLY B 782 -1.10 1.24 -27.55
N PHE B 783 -0.52 0.10 -27.93
CA PHE B 783 -0.73 -0.42 -29.26
C PHE B 783 -2.19 -0.81 -29.51
N LEU B 784 -2.81 -1.47 -28.53
CA LEU B 784 -4.23 -1.81 -28.67
C LEU B 784 -5.06 -0.55 -28.84
N ILE B 785 -4.82 0.46 -28.00
CA ILE B 785 -5.60 1.69 -28.06
C ILE B 785 -5.40 2.38 -29.41
N GLY B 786 -4.16 2.44 -29.87
CA GLY B 786 -3.87 3.09 -31.13
C GLY B 786 -4.52 2.39 -32.31
N TYR B 787 -4.49 1.05 -32.30
CA TYR B 787 -5.12 0.30 -33.38
C TYR B 787 -6.62 0.54 -33.41
N THR B 788 -7.25 0.53 -32.24
CA THR B 788 -8.70 0.79 -32.19
C THR B 788 -9.02 2.18 -32.70
N CYS B 789 -8.23 3.19 -32.30
CA CYS B 789 -8.48 4.55 -32.78
C CYS B 789 -8.25 4.67 -34.28
N LEU B 790 -7.25 3.96 -34.79
CA LEU B 790 -6.98 3.96 -36.23
C LEU B 790 -8.18 3.42 -37.01
N LEU B 791 -8.73 2.29 -36.54
CA LEU B 791 -9.90 1.73 -37.21
C LEU B 791 -11.10 2.66 -37.10
N ALA B 792 -11.25 3.35 -35.96
CA ALA B 792 -12.34 4.31 -35.83
C ALA B 792 -12.22 5.46 -36.82
N ALA B 793 -11.00 5.97 -37.01
CA ALA B 793 -10.80 7.03 -38.00
C ALA B 793 -11.07 6.54 -39.42
N ILE B 794 -10.69 5.29 -39.72
CA ILE B 794 -11.01 4.74 -41.02
C ILE B 794 -12.51 4.63 -41.20
N CYS B 795 -13.23 4.31 -40.12
CA CYS B 795 -14.69 4.33 -40.18
C CYS B 795 -15.21 5.72 -40.49
N PHE B 796 -14.61 6.75 -39.90
CA PHE B 796 -14.97 8.12 -40.24
C PHE B 796 -14.84 8.38 -41.73
N PHE B 797 -13.70 7.98 -42.30
CA PHE B 797 -13.47 8.22 -43.73
C PHE B 797 -14.46 7.47 -44.60
N PHE B 798 -14.75 6.21 -44.26
CA PHE B 798 -15.70 5.44 -45.05
C PHE B 798 -17.10 6.03 -44.95
N ALA B 799 -17.51 6.44 -43.76
CA ALA B 799 -18.81 7.09 -43.61
C ALA B 799 -18.88 8.37 -44.41
N PHE B 800 -17.77 9.08 -44.52
CA PHE B 800 -17.74 10.24 -45.42
C PHE B 800 -18.00 9.81 -46.85
N LYS B 801 -17.26 8.80 -47.34
CA LYS B 801 -17.41 8.39 -48.73
C LYS B 801 -18.78 7.82 -49.06
N SER B 802 -19.51 7.29 -48.07
CA SER B 802 -20.79 6.65 -48.35
C SER B 802 -21.98 7.57 -48.15
N ARG B 803 -21.78 8.89 -48.16
CA ARG B 803 -22.90 9.80 -47.90
C ARG B 803 -23.84 9.89 -49.09
N LYS B 804 -23.30 9.91 -50.30
CA LYS B 804 -24.12 10.05 -51.52
C LYS B 804 -24.64 8.71 -52.01
N LEU B 805 -25.46 8.07 -51.19
CA LEU B 805 -26.08 6.78 -51.47
C LEU B 805 -27.58 6.88 -51.21
N PRO B 806 -28.37 5.99 -51.79
CA PRO B 806 -29.83 6.02 -51.56
C PRO B 806 -30.18 5.81 -50.10
N GLU B 807 -31.46 5.99 -49.80
CA GLU B 807 -31.93 6.05 -48.42
C GLU B 807 -31.71 4.72 -47.70
N ASN B 808 -32.06 3.61 -48.33
CA ASN B 808 -31.91 2.30 -47.69
C ASN B 808 -30.47 1.86 -47.57
N PHE B 809 -29.55 2.46 -48.33
CA PHE B 809 -28.15 2.04 -48.32
C PHE B 809 -27.23 3.13 -47.79
N ASN B 810 -27.76 4.06 -47.01
CA ASN B 810 -27.00 5.16 -46.45
C ASN B 810 -26.94 5.04 -44.94
N GLU B 811 -25.72 5.09 -44.39
CA GLU B 811 -25.54 5.00 -42.95
C GLU B 811 -24.46 5.95 -42.43
N ALA B 812 -24.21 7.08 -43.13
CA ALA B 812 -23.05 7.90 -42.81
C ALA B 812 -23.17 8.55 -41.44
N LYS B 813 -24.29 9.22 -41.15
CA LYS B 813 -24.39 9.97 -39.92
C LYS B 813 -24.58 9.09 -38.69
N PHE B 814 -24.82 7.79 -38.89
CA PHE B 814 -24.92 6.88 -37.77
C PHE B 814 -23.56 6.30 -37.40
N ILE B 815 -22.76 5.91 -38.39
CA ILE B 815 -21.38 5.52 -38.14
C ILE B 815 -20.62 6.68 -37.53
N THR B 816 -20.81 7.88 -38.09
CA THR B 816 -20.13 9.06 -37.58
C THR B 816 -20.45 9.31 -36.13
N PHE B 817 -21.72 9.20 -35.76
CA PHE B 817 -22.11 9.51 -34.39
C PHE B 817 -21.68 8.42 -33.42
N SER B 818 -21.68 7.15 -33.86
CA SER B 818 -21.17 6.10 -33.00
C SER B 818 -19.68 6.31 -32.71
N MET B 819 -18.89 6.65 -33.72
CA MET B 819 -17.47 6.89 -33.49
C MET B 819 -17.25 8.15 -32.66
N LEU B 820 -18.09 9.17 -32.85
CA LEU B 820 -17.99 10.38 -32.04
C LEU B 820 -18.26 10.07 -30.58
N ILE B 821 -19.29 9.26 -30.30
CA ILE B 821 -19.59 8.88 -28.92
C ILE B 821 -18.41 8.11 -28.33
N PHE B 822 -17.85 7.18 -29.10
CA PHE B 822 -16.68 6.43 -28.66
C PHE B 822 -15.55 7.35 -28.25
N PHE B 823 -15.19 8.29 -29.12
CA PHE B 823 -14.05 9.16 -28.87
C PHE B 823 -14.31 10.10 -27.69
N ILE B 824 -15.51 10.69 -27.64
CA ILE B 824 -15.81 11.63 -26.56
C ILE B 824 -15.78 10.91 -25.22
N VAL B 825 -16.38 9.72 -25.16
CA VAL B 825 -16.42 8.96 -23.91
C VAL B 825 -14.99 8.59 -23.48
N TRP B 826 -14.18 8.10 -24.42
CA TRP B 826 -12.84 7.68 -24.02
C TRP B 826 -11.90 8.84 -23.77
N ILE B 827 -12.20 10.04 -24.26
CA ILE B 827 -11.33 11.18 -24.01
C ILE B 827 -11.71 11.94 -22.74
N SER B 828 -12.99 11.99 -22.39
CA SER B 828 -13.40 12.63 -21.16
C SER B 828 -12.91 11.90 -19.90
N PHE B 829 -12.57 10.62 -20.00
CA PHE B 829 -12.16 9.84 -18.85
C PHE B 829 -10.64 9.80 -18.65
N ILE B 830 -9.86 10.49 -19.50
CA ILE B 830 -8.41 10.50 -19.33
C ILE B 830 -7.99 11.09 -17.98
N PRO B 831 -8.51 12.24 -17.54
CA PRO B 831 -8.13 12.74 -16.20
C PRO B 831 -8.44 11.76 -15.08
N ALA B 832 -9.59 11.09 -15.15
CA ALA B 832 -9.95 10.12 -14.13
C ALA B 832 -8.98 8.96 -14.11
N TYR B 833 -8.62 8.42 -15.29
CA TYR B 833 -7.68 7.32 -15.34
C TYR B 833 -6.29 7.75 -14.87
N ALA B 834 -5.95 9.03 -15.07
CA ALA B 834 -4.63 9.50 -14.64
C ALA B 834 -4.62 9.91 -13.17
N SER B 835 -5.78 10.04 -12.53
CA SER B 835 -5.84 10.55 -11.17
C SER B 835 -6.72 9.70 -10.25
N THR B 836 -6.72 8.37 -10.41
CA THR B 836 -7.56 7.52 -9.59
C THR B 836 -6.91 6.15 -9.46
N TYR B 837 -7.18 5.50 -8.32
CA TYR B 837 -6.76 4.13 -8.06
C TYR B 837 -7.92 3.37 -7.44
N GLY B 838 -7.81 2.05 -7.45
CA GLY B 838 -8.81 1.22 -6.81
C GLY B 838 -10.09 1.06 -7.60
N LYS B 839 -11.17 0.68 -6.91
CA LYS B 839 -12.40 0.27 -7.58
C LYS B 839 -12.84 1.28 -8.63
N PHE B 840 -12.72 2.58 -8.30
CA PHE B 840 -13.22 3.62 -9.18
C PHE B 840 -12.62 3.52 -10.58
N VAL B 841 -11.31 3.27 -10.69
CA VAL B 841 -10.71 3.21 -12.02
C VAL B 841 -11.36 2.08 -12.82
N SER B 842 -11.53 0.92 -12.19
CA SER B 842 -12.24 -0.17 -12.86
C SER B 842 -13.65 0.26 -13.22
N ALA B 843 -14.33 0.94 -12.28
CA ALA B 843 -15.64 1.49 -12.57
C ALA B 843 -15.60 2.32 -13.84
N VAL B 844 -14.62 3.21 -13.95
CA VAL B 844 -14.52 4.07 -15.13
C VAL B 844 -14.49 3.21 -16.38
N GLU B 845 -13.62 2.19 -16.37
CA GLU B 845 -13.50 1.32 -17.54
C GLU B 845 -14.86 0.79 -17.93
N VAL B 846 -15.58 0.21 -16.97
CA VAL B 846 -16.87 -0.38 -17.28
C VAL B 846 -17.77 0.65 -17.94
N ILE B 847 -17.87 1.84 -17.32
CA ILE B 847 -18.76 2.85 -17.86
C ILE B 847 -18.38 3.15 -19.30
N ALA B 848 -17.09 3.41 -19.53
CA ALA B 848 -16.65 3.71 -20.88
C ALA B 848 -17.07 2.60 -21.83
N ILE B 849 -16.74 1.36 -21.47
CA ILE B 849 -17.12 0.22 -22.29
C ILE B 849 -18.61 0.30 -22.60
N LEU B 850 -19.44 0.31 -21.56
CA LEU B 850 -20.88 0.31 -21.75
C LEU B 850 -21.28 1.43 -22.70
N ALA B 851 -20.78 2.64 -22.42
CA ALA B 851 -21.17 3.79 -23.21
C ALA B 851 -20.87 3.53 -24.68
N ALA B 852 -19.63 3.15 -24.98
CA ALA B 852 -19.26 2.90 -26.37
C ALA B 852 -20.21 1.88 -26.97
N SER B 853 -20.37 0.74 -26.28
CA SER B 853 -21.23 -0.31 -26.81
C SER B 853 -22.61 0.24 -27.11
N PHE B 854 -23.21 0.92 -26.14
CA PHE B 854 -24.57 1.39 -26.33
C PHE B 854 -24.64 2.31 -27.53
N GLY B 855 -23.68 3.24 -27.63
CA GLY B 855 -23.66 4.17 -28.73
C GLY B 855 -23.74 3.39 -30.03
N LEU B 856 -22.81 2.44 -30.18
CA LEU B 856 -22.78 1.61 -31.39
C LEU B 856 -24.18 1.09 -31.68
N LEU B 857 -24.75 0.36 -30.74
CA LEU B 857 -26.06 -0.25 -30.96
C LEU B 857 -27.08 0.83 -31.30
N ALA B 858 -27.15 1.86 -30.45
CA ALA B 858 -28.20 2.86 -30.62
C ALA B 858 -28.02 3.63 -31.92
N CYS B 859 -26.79 3.63 -32.45
CA CYS B 859 -26.57 4.35 -33.69
C CYS B 859 -26.84 3.48 -34.91
N ILE B 860 -26.63 2.17 -34.78
CA ILE B 860 -26.63 1.33 -35.97
C ILE B 860 -27.96 0.63 -36.21
N PHE B 861 -28.62 0.14 -35.18
CA PHE B 861 -29.78 -0.74 -35.37
C PHE B 861 -31.10 -0.15 -34.91
N PHE B 862 -31.14 0.65 -33.86
CA PHE B 862 -32.40 1.04 -33.23
C PHE B 862 -33.34 1.71 -34.23
N ASN B 863 -32.81 2.67 -35.00
CA ASN B 863 -33.64 3.32 -36.02
C ASN B 863 -34.30 2.29 -36.93
N LYS B 864 -33.52 1.34 -37.46
CA LYS B 864 -34.09 0.35 -38.34
C LYS B 864 -35.16 -0.46 -37.63
N ILE B 865 -34.93 -0.80 -36.36
CA ILE B 865 -35.94 -1.51 -35.59
C ILE B 865 -37.22 -0.69 -35.53
N TYR B 866 -37.07 0.62 -35.30
CA TYR B 866 -38.23 1.51 -35.26
C TYR B 866 -39.03 1.42 -36.56
N ILE B 867 -38.33 1.19 -37.67
CA ILE B 867 -39.01 1.07 -38.97
C ILE B 867 -39.72 -0.27 -39.07
N ILE B 868 -39.09 -1.33 -38.57
CA ILE B 868 -39.59 -2.68 -38.82
C ILE B 868 -40.88 -2.93 -38.04
N LEU B 869 -40.90 -2.56 -36.76
CA LEU B 869 -42.05 -2.88 -35.93
C LEU B 869 -43.16 -1.84 -36.10
N PHE B 870 -42.86 -0.58 -35.78
CA PHE B 870 -43.80 0.50 -36.05
C PHE B 870 -43.55 1.05 -37.45
N LYS B 871 -44.61 1.58 -38.05
CA LYS B 871 -44.59 1.97 -39.46
C LYS B 871 -44.08 0.83 -40.32
N PRO B 872 -44.77 -0.32 -40.36
CA PRO B 872 -44.32 -1.44 -41.20
C PRO B 872 -44.73 -1.34 -42.66
N SER B 873 -45.37 -0.26 -43.06
CA SER B 873 -45.77 -0.03 -44.44
C SER B 873 -44.63 0.43 -45.32
N ARG B 874 -43.46 0.69 -44.73
CA ARG B 874 -42.26 1.04 -45.47
C ARG B 874 -41.41 -0.17 -45.81
N ASN B 875 -41.88 -1.38 -45.47
CA ASN B 875 -41.11 -2.61 -45.65
C ASN B 875 -41.47 -3.22 -47.01
N THR B 876 -41.14 -2.49 -48.07
CA THR B 876 -41.53 -2.86 -49.42
C THR B 876 -40.31 -2.85 -50.33
N ILE B 877 -40.25 -3.83 -51.23
CA ILE B 877 -39.21 -3.86 -52.25
C ILE B 877 -39.32 -2.65 -53.16
N GLU B 878 -40.56 -2.23 -53.44
CA GLU B 878 -40.79 -1.16 -54.42
C GLU B 878 -40.19 0.16 -53.95
N GLU B 879 -40.32 0.48 -52.67
CA GLU B 879 -39.74 1.73 -52.16
C GLU B 879 -38.22 1.71 -52.26
N VAL B 880 -37.61 0.56 -51.94
CA VAL B 880 -36.15 0.45 -52.00
C VAL B 880 -35.67 0.64 -53.43
N ARG B 881 -36.31 -0.04 -54.38
CA ARG B 881 -35.90 0.09 -55.78
C ARG B 881 -36.17 1.50 -56.29
N CYS B 882 -37.25 2.13 -55.84
CA CYS B 882 -37.54 3.50 -56.26
C CYS B 882 -36.45 4.46 -55.78
N SER B 883 -36.00 4.29 -54.53
CA SER B 883 -34.92 5.14 -54.04
C SER B 883 -33.62 4.88 -54.78
N THR B 884 -33.28 3.60 -54.99
CA THR B 884 -32.05 3.29 -55.71
C THR B 884 -32.10 3.78 -57.15
N ALA B 885 -33.29 3.86 -57.74
CA ALA B 885 -33.45 4.52 -59.03
C ALA B 885 -33.24 6.02 -58.88
N ALA B 886 -33.79 6.62 -57.83
CA ALA B 886 -33.60 8.04 -57.59
C ALA B 886 -32.15 8.41 -57.35
N HIS B 887 -31.29 7.41 -57.08
CA HIS B 887 -29.87 7.68 -56.95
C HIS B 887 -29.31 8.36 -58.20
N ALA B 888 -29.36 7.69 -59.34
CA ALA B 888 -28.76 8.18 -60.58
C ALA B 888 -29.73 8.02 -61.75
N PHE B 889 -30.98 8.43 -61.53
CA PHE B 889 -32.01 8.39 -62.57
C PHE B 889 -33.06 9.47 -62.29
N THR C 4 8.43 -38.15 -77.43
CA THR C 4 7.23 -37.99 -76.61
C THR C 4 6.07 -37.45 -77.43
N LEU C 5 6.32 -36.39 -78.20
CA LEU C 5 5.33 -35.79 -79.07
C LEU C 5 5.95 -35.50 -80.43
N SER C 6 5.12 -35.53 -81.47
CA SER C 6 5.59 -35.21 -82.82
C SER C 6 5.57 -33.71 -83.06
N ALA C 7 6.37 -33.26 -84.03
CA ALA C 7 6.43 -31.84 -84.34
C ALA C 7 5.07 -31.31 -84.76
N GLU C 8 4.35 -32.09 -85.58
CA GLU C 8 2.98 -31.73 -85.93
C GLU C 8 2.12 -31.64 -84.67
N ASP C 9 2.38 -32.51 -83.69
CA ASP C 9 1.62 -32.47 -82.45
C ASP C 9 1.86 -31.17 -81.69
N LYS C 10 3.13 -30.75 -81.57
CA LYS C 10 3.39 -29.46 -80.93
C LYS C 10 2.72 -28.33 -81.70
N ALA C 11 2.80 -28.37 -83.04
CA ALA C 11 2.19 -27.31 -83.84
C ALA C 11 0.68 -27.23 -83.58
N ALA C 12 0.03 -28.40 -83.49
CA ALA C 12 -1.39 -28.44 -83.17
C ALA C 12 -1.65 -27.86 -81.78
N VAL C 13 -0.76 -28.18 -80.82
CA VAL C 13 -0.94 -27.67 -79.46
C VAL C 13 -0.85 -26.15 -79.43
N GLU C 14 0.17 -25.57 -80.08
CA GLU C 14 0.28 -24.10 -80.04
C GLU C 14 -0.84 -23.46 -80.85
N ARG C 15 -1.30 -24.11 -81.91
CA ARG C 15 -2.44 -23.56 -82.65
C ARG C 15 -3.68 -23.54 -81.79
N SER C 16 -3.91 -24.61 -81.02
CA SER C 16 -5.04 -24.64 -80.09
C SER C 16 -4.91 -23.55 -79.05
N LYS C 17 -3.70 -23.34 -78.54
CA LYS C 17 -3.49 -22.31 -77.53
C LYS C 17 -3.75 -20.92 -78.09
N MET C 18 -3.30 -20.67 -79.32
CA MET C 18 -3.58 -19.38 -79.95
C MET C 18 -5.08 -19.18 -80.16
N ILE C 19 -5.77 -20.24 -80.59
CA ILE C 19 -7.22 -20.14 -80.80
C ILE C 19 -7.91 -19.83 -79.48
N ASP C 20 -7.51 -20.50 -78.40
CA ASP C 20 -8.12 -20.27 -77.10
C ASP C 20 -7.83 -18.86 -76.60
N ARG C 21 -6.61 -18.36 -76.82
CA ARG C 21 -6.29 -17.00 -76.42
C ARG C 21 -7.14 -15.98 -77.16
N ASN C 22 -7.31 -16.17 -78.47
CA ASN C 22 -8.17 -15.29 -79.24
C ASN C 22 -9.62 -15.36 -78.74
N LEU C 23 -10.08 -16.56 -78.38
CA LEU C 23 -11.42 -16.71 -77.84
C LEU C 23 -11.56 -15.95 -76.52
N ARG C 24 -10.54 -16.00 -75.68
CA ARG C 24 -10.57 -15.26 -74.42
C ARG C 24 -10.64 -13.76 -74.67
N GLU C 25 -9.84 -13.26 -75.62
CA GLU C 25 -9.89 -11.84 -75.94
C GLU C 25 -11.27 -11.44 -76.46
N ASP C 26 -11.86 -12.28 -77.33
CA ASP C 26 -13.16 -11.95 -77.89
C ASP C 26 -14.25 -11.98 -76.82
N GLY C 27 -14.17 -12.92 -75.89
CA GLY C 27 -15.13 -12.95 -74.80
C GLY C 27 -15.02 -11.74 -73.90
N GLU C 28 -13.78 -11.35 -73.58
CA GLU C 28 -13.55 -10.15 -72.77
C GLU C 28 -14.10 -8.92 -73.48
N LYS C 29 -13.88 -8.82 -74.79
CA LYS C 29 -14.45 -7.69 -75.55
C LYS C 29 -15.96 -7.72 -75.53
N ALA C 30 -16.56 -8.90 -75.74
CA ALA C 30 -18.02 -9.00 -75.82
C ALA C 30 -18.67 -8.77 -74.46
N ALA C 31 -17.89 -8.89 -73.38
CA ALA C 31 -18.46 -8.69 -72.05
C ALA C 31 -18.87 -7.25 -71.80
N LYS C 32 -18.25 -6.30 -72.49
CA LYS C 32 -18.35 -4.89 -72.10
C LYS C 32 -19.49 -4.11 -72.76
N GLU C 33 -20.41 -4.78 -73.46
CA GLU C 33 -21.47 -4.07 -74.15
C GLU C 33 -22.83 -4.47 -73.61
N VAL C 34 -23.80 -3.61 -73.87
CA VAL C 34 -25.17 -3.76 -73.39
C VAL C 34 -26.03 -4.23 -74.56
N LYS C 35 -26.78 -5.29 -74.36
CA LYS C 35 -27.64 -5.87 -75.40
C LYS C 35 -29.09 -5.57 -75.05
N LEU C 36 -29.78 -4.87 -75.93
CA LEU C 36 -31.16 -4.45 -75.71
C LEU C 36 -32.04 -5.01 -76.82
N LEU C 37 -33.18 -5.60 -76.44
CA LEU C 37 -34.07 -6.24 -77.39
C LEU C 37 -35.25 -5.32 -77.71
N LEU C 38 -35.38 -4.93 -78.97
CA LEU C 38 -36.35 -3.93 -79.39
C LEU C 38 -37.57 -4.65 -79.97
N LEU C 39 -38.75 -4.31 -79.45
CA LEU C 39 -40.00 -4.93 -79.83
C LEU C 39 -41.10 -3.88 -79.96
N GLY C 40 -42.13 -4.25 -80.72
CA GLY C 40 -43.25 -3.38 -81.00
C GLY C 40 -43.96 -3.79 -82.27
N ALA C 41 -44.38 -2.81 -83.06
CA ALA C 41 -45.00 -3.06 -84.36
C ALA C 41 -44.44 -2.08 -85.37
N GLY C 42 -44.79 -2.28 -86.64
CA GLY C 42 -44.30 -1.39 -87.67
C GLY C 42 -44.76 0.04 -87.47
N GLU C 43 -46.07 0.23 -87.22
CA GLU C 43 -46.62 1.54 -86.89
C GLU C 43 -46.71 1.72 -85.38
N SER C 44 -45.59 1.51 -84.70
CA SER C 44 -45.52 1.65 -83.25
C SER C 44 -44.51 2.71 -82.83
N GLY C 45 -44.02 3.50 -83.78
CA GLY C 45 -42.97 4.45 -83.48
C GLY C 45 -41.62 3.77 -83.34
N LYS C 46 -41.57 2.50 -83.72
CA LYS C 46 -40.32 1.74 -83.61
C LYS C 46 -39.23 2.37 -84.48
N ASN C 47 -39.56 2.66 -85.74
CA ASN C 47 -38.59 3.31 -86.62
C ASN C 47 -38.23 4.69 -86.09
N THR C 48 -39.22 5.45 -85.61
CA THR C 48 -38.95 6.78 -85.10
C THR C 48 -38.05 6.73 -83.86
N ILE C 49 -38.27 5.75 -82.98
CA ILE C 49 -37.44 5.64 -81.78
C ILE C 49 -36.03 5.17 -82.14
N VAL C 50 -35.90 4.30 -83.15
CA VAL C 50 -34.57 4.03 -83.68
C VAL C 50 -33.92 5.31 -84.19
N LYS C 51 -34.71 6.18 -84.81
CA LYS C 51 -34.19 7.47 -85.25
C LYS C 51 -33.73 8.32 -84.06
N GLN C 52 -34.51 8.30 -82.98
CA GLN C 52 -34.08 8.97 -81.75
C GLN C 52 -32.78 8.39 -81.22
N MET C 53 -32.58 7.08 -81.42
CA MET C 53 -31.35 6.43 -81.01
C MET C 53 -30.13 6.92 -81.78
N LYS C 54 -30.29 7.39 -83.00
CA LYS C 54 -29.16 7.70 -83.85
C LYS C 54 -29.56 8.66 -84.96
N THR C 181 -31.88 -7.61 -97.13
CA THR C 181 -32.69 -8.80 -96.91
C THR C 181 -33.39 -8.74 -95.57
N THR C 182 -34.35 -9.63 -95.35
CA THR C 182 -35.05 -9.69 -94.08
C THR C 182 -34.15 -10.29 -93.00
N GLY C 183 -34.70 -10.40 -91.79
CA GLY C 183 -33.96 -10.98 -90.70
C GLY C 183 -33.80 -10.02 -89.54
N ILE C 184 -33.09 -10.45 -88.51
CA ILE C 184 -32.82 -9.58 -87.37
C ILE C 184 -31.92 -8.44 -87.80
N VAL C 185 -32.21 -7.23 -87.34
CA VAL C 185 -31.43 -6.05 -87.66
C VAL C 185 -30.64 -5.64 -86.42
N GLU C 186 -29.35 -5.38 -86.60
CA GLU C 186 -28.44 -5.10 -85.50
C GLU C 186 -27.98 -3.64 -85.57
N THR C 187 -28.06 -2.94 -84.45
CA THR C 187 -27.69 -1.53 -84.38
C THR C 187 -26.73 -1.29 -83.21
N HIS C 188 -25.73 -0.44 -83.45
CA HIS C 188 -24.72 -0.10 -82.46
C HIS C 188 -24.69 1.40 -82.24
N PHE C 189 -24.54 1.83 -80.99
CA PHE C 189 -24.17 3.22 -80.75
C PHE C 189 -23.52 3.38 -79.39
N THR C 190 -22.61 4.34 -79.30
CA THR C 190 -21.90 4.63 -78.06
C THR C 190 -22.50 5.89 -77.44
N PHE C 191 -22.77 5.82 -76.12
CA PHE C 191 -23.29 6.97 -75.39
C PHE C 191 -22.77 6.91 -73.96
N LYS C 192 -22.02 7.95 -73.58
CA LYS C 192 -21.39 8.00 -72.26
C LYS C 192 -20.57 6.75 -71.98
N ASP C 193 -19.73 6.38 -72.95
CA ASP C 193 -18.75 5.30 -72.80
C ASP C 193 -19.43 3.94 -72.61
N LEU C 194 -20.63 3.78 -73.15
CA LEU C 194 -21.31 2.49 -73.13
C LEU C 194 -21.73 2.15 -74.56
N TYR C 195 -21.51 0.89 -74.93
CA TYR C 195 -21.72 0.43 -76.31
C TYR C 195 -23.04 -0.33 -76.37
N PHE C 196 -24.12 0.39 -76.69
CA PHE C 196 -25.43 -0.22 -76.79
C PHE C 196 -25.63 -0.94 -78.11
N LYS C 197 -26.11 -2.18 -78.03
CA LYS C 197 -26.45 -3.01 -79.17
C LYS C 197 -27.93 -3.35 -79.09
N MET C 198 -28.65 -3.14 -80.19
CA MET C 198 -30.08 -3.38 -80.22
C MET C 198 -30.45 -4.27 -81.41
N PHE C 199 -31.42 -5.16 -81.18
CA PHE C 199 -31.78 -6.21 -82.13
C PHE C 199 -33.27 -6.06 -82.47
N ASP C 200 -33.54 -5.63 -83.69
CA ASP C 200 -34.91 -5.54 -84.20
C ASP C 200 -35.31 -6.87 -84.82
N VAL C 201 -36.40 -7.45 -84.33
CA VAL C 201 -36.89 -8.73 -84.80
C VAL C 201 -38.32 -8.62 -85.36
N GLY C 202 -38.69 -7.44 -85.84
CA GLY C 202 -40.00 -7.28 -86.45
C GLY C 202 -40.14 -7.98 -87.78
N ALA C 203 -39.02 -8.25 -88.45
CA ALA C 203 -39.05 -8.96 -89.73
C ALA C 203 -39.35 -10.44 -89.58
N GLN C 204 -39.38 -10.97 -88.36
CA GLN C 204 -39.61 -12.39 -88.14
C GLN C 204 -41.12 -12.66 -88.16
N ARG C 205 -41.61 -13.10 -89.31
CA ARG C 205 -43.02 -13.45 -89.47
C ARG C 205 -43.14 -14.97 -89.34
N SER C 206 -43.11 -15.45 -88.10
CA SER C 206 -43.20 -16.88 -87.81
C SER C 206 -43.46 -17.09 -86.33
N GLU C 207 -43.48 -18.34 -85.89
CA GLU C 207 -43.77 -18.63 -84.49
C GLU C 207 -42.65 -18.13 -83.61
N ARG C 208 -43.00 -17.31 -82.62
CA ARG C 208 -42.02 -16.70 -81.72
C ARG C 208 -41.64 -17.61 -80.58
N LYS C 209 -42.33 -18.73 -80.40
CA LYS C 209 -42.04 -19.67 -79.33
C LYS C 209 -40.87 -20.60 -79.65
N LYS C 210 -40.06 -20.25 -80.66
CA LYS C 210 -38.98 -21.10 -81.12
C LYS C 210 -37.65 -20.37 -81.20
N TRP C 211 -37.64 -19.05 -81.05
CA TRP C 211 -36.39 -18.30 -81.15
C TRP C 211 -36.29 -17.22 -80.09
N ILE C 212 -37.33 -17.06 -79.27
CA ILE C 212 -37.34 -16.01 -78.26
C ILE C 212 -36.45 -16.36 -77.07
N HIS C 213 -36.12 -17.63 -76.89
CA HIS C 213 -35.20 -18.03 -75.83
C HIS C 213 -33.75 -17.74 -76.18
N CYS C 214 -33.49 -17.28 -77.40
CA CYS C 214 -32.17 -16.80 -77.78
C CYS C 214 -31.82 -15.49 -77.10
N PHE C 215 -32.81 -14.62 -76.88
CA PHE C 215 -32.63 -13.35 -76.19
C PHE C 215 -32.86 -13.45 -74.70
N GLU C 216 -32.63 -14.62 -74.11
CA GLU C 216 -32.85 -14.78 -72.67
C GLU C 216 -31.93 -13.87 -71.88
N GLY C 217 -30.65 -13.79 -72.26
CA GLY C 217 -29.71 -12.92 -71.59
C GLY C 217 -29.56 -11.54 -72.18
N VAL C 218 -30.60 -10.71 -72.08
CA VAL C 218 -30.53 -9.32 -72.53
C VAL C 218 -30.72 -8.41 -71.34
N THR C 219 -30.07 -7.25 -71.37
CA THR C 219 -30.18 -6.32 -70.26
C THR C 219 -31.60 -5.78 -70.14
N ALA C 220 -32.21 -5.40 -71.25
CA ALA C 220 -33.54 -4.81 -71.19
C ALA C 220 -34.28 -5.04 -72.50
N ILE C 221 -35.60 -4.94 -72.41
CA ILE C 221 -36.50 -5.07 -73.56
C ILE C 221 -37.17 -3.73 -73.78
N ILE C 222 -36.88 -3.09 -74.90
CA ILE C 222 -37.45 -1.79 -75.24
C ILE C 222 -38.70 -2.02 -76.06
N PHE C 223 -39.85 -1.61 -75.52
CA PHE C 223 -41.14 -1.87 -76.13
C PHE C 223 -41.79 -0.57 -76.57
N CYS C 224 -42.10 -0.48 -77.86
CA CYS C 224 -42.69 0.72 -78.43
C CYS C 224 -44.19 0.53 -78.59
N VAL C 225 -44.97 1.50 -78.10
CA VAL C 225 -46.43 1.48 -78.21
C VAL C 225 -46.87 2.85 -78.66
N ALA C 226 -47.60 2.91 -79.77
CA ALA C 226 -48.06 4.18 -80.33
C ALA C 226 -49.38 4.58 -79.65
N LEU C 227 -49.37 5.72 -78.97
CA LEU C 227 -50.55 6.17 -78.26
C LEU C 227 -51.71 6.52 -79.20
N SER C 228 -51.40 6.98 -80.41
CA SER C 228 -52.43 7.39 -81.36
C SER C 228 -53.16 6.23 -82.00
N ASP C 229 -52.96 5.00 -81.53
CA ASP C 229 -53.54 3.83 -82.14
C ASP C 229 -54.83 3.37 -81.46
N TYR C 230 -55.33 4.13 -80.48
CA TYR C 230 -56.58 3.75 -79.84
C TYR C 230 -57.76 3.99 -80.78
N ASP C 231 -57.71 5.06 -81.56
CA ASP C 231 -58.77 5.33 -82.52
C ASP C 231 -58.68 4.40 -83.72
N LEU C 232 -57.46 3.99 -84.08
CA LEU C 232 -57.27 3.13 -85.24
C LEU C 232 -57.70 1.70 -84.93
N VAL C 233 -57.94 0.94 -86.00
CA VAL C 233 -58.33 -0.46 -85.90
C VAL C 233 -57.52 -1.26 -86.92
N LEU C 234 -57.07 -2.44 -86.51
CA LEU C 234 -56.36 -3.33 -87.40
C LEU C 234 -57.30 -3.88 -88.46
N ALA C 235 -56.89 -3.77 -89.73
CA ALA C 235 -57.77 -4.18 -90.82
C ALA C 235 -57.89 -5.69 -90.92
N GLU C 236 -56.99 -6.44 -90.27
CA GLU C 236 -57.05 -7.90 -90.32
C GLU C 236 -58.34 -8.43 -89.71
N ASP C 237 -58.76 -7.87 -88.57
CA ASP C 237 -59.96 -8.31 -87.88
C ASP C 237 -61.15 -7.38 -88.07
N GLU C 238 -60.90 -6.09 -88.33
CA GLU C 238 -61.91 -5.05 -88.48
C GLU C 238 -62.70 -4.78 -87.21
N GLU C 239 -62.40 -5.50 -86.12
CA GLU C 239 -62.98 -5.21 -84.81
C GLU C 239 -61.91 -5.20 -83.73
N MET C 240 -60.65 -4.99 -84.11
CA MET C 240 -59.50 -5.16 -83.24
C MET C 240 -58.73 -3.85 -83.20
N ASN C 241 -58.80 -3.14 -82.08
CA ASN C 241 -57.99 -1.95 -81.91
C ASN C 241 -56.52 -2.34 -81.85
N ARG C 242 -55.67 -1.55 -82.50
CA ARG C 242 -54.24 -1.84 -82.44
C ARG C 242 -53.69 -1.67 -81.05
N MET C 243 -54.34 -0.85 -80.21
CA MET C 243 -53.91 -0.72 -78.83
C MET C 243 -54.12 -2.01 -78.06
N HIS C 244 -55.23 -2.71 -78.31
CA HIS C 244 -55.45 -3.99 -77.66
C HIS C 244 -54.43 -5.03 -78.11
N ALA C 245 -54.07 -5.02 -79.39
CA ALA C 245 -53.03 -5.92 -79.87
C ALA C 245 -51.68 -5.59 -79.24
N SER C 246 -51.37 -4.30 -79.10
CA SER C 246 -50.15 -3.90 -78.41
C SER C 246 -50.15 -4.37 -76.98
N MET C 247 -51.29 -4.25 -76.30
CA MET C 247 -51.41 -4.73 -74.93
C MET C 247 -51.17 -6.23 -74.86
N LYS C 248 -51.75 -6.98 -75.80
CA LYS C 248 -51.57 -8.43 -75.81
C LYS C 248 -50.11 -8.79 -76.02
N LEU C 249 -49.44 -8.12 -76.96
CA LEU C 249 -48.04 -8.43 -77.24
C LEU C 249 -47.16 -8.09 -76.04
N PHE C 250 -47.42 -6.94 -75.42
CA PHE C 250 -46.65 -6.52 -74.25
C PHE C 250 -46.84 -7.51 -73.10
N ASP C 251 -48.07 -7.95 -72.86
CA ASP C 251 -48.32 -8.92 -71.80
C ASP C 251 -47.64 -10.25 -72.10
N SER C 252 -47.69 -10.69 -73.36
CA SER C 252 -47.10 -11.96 -73.73
C SER C 252 -45.59 -11.94 -73.53
N ILE C 253 -44.94 -10.84 -73.94
CA ILE C 253 -43.49 -10.79 -73.83
C ILE C 253 -43.05 -10.39 -72.42
N CYS C 254 -43.95 -9.84 -71.61
CA CYS C 254 -43.58 -9.41 -70.26
C CYS C 254 -43.60 -10.58 -69.29
N ASN C 255 -44.64 -11.41 -69.33
CA ASN C 255 -44.80 -12.55 -68.44
C ASN C 255 -44.29 -13.84 -69.05
N ASN C 256 -43.37 -13.76 -70.00
CA ASN C 256 -42.78 -14.97 -70.57
C ASN C 256 -41.97 -15.70 -69.53
N LYS C 257 -41.85 -17.02 -69.70
CA LYS C 257 -41.10 -17.85 -68.77
C LYS C 257 -39.61 -17.54 -68.78
N TRP C 258 -39.10 -16.93 -69.84
CA TRP C 258 -37.68 -16.64 -69.96
C TRP C 258 -37.32 -15.27 -69.41
N PHE C 259 -38.21 -14.28 -69.58
CA PHE C 259 -37.96 -12.93 -69.08
C PHE C 259 -38.56 -12.72 -67.70
N THR C 260 -38.23 -13.61 -66.75
CA THR C 260 -38.73 -13.49 -65.40
C THR C 260 -37.95 -12.49 -64.56
N GLU C 261 -36.77 -12.06 -65.02
CA GLU C 261 -35.95 -11.12 -64.27
C GLU C 261 -35.40 -10.02 -65.17
N THR C 262 -36.07 -9.75 -66.29
CA THR C 262 -35.60 -8.79 -67.28
C THR C 262 -36.50 -7.57 -67.24
N SER C 263 -35.88 -6.38 -67.29
CA SER C 263 -36.63 -5.13 -67.22
C SER C 263 -37.12 -4.73 -68.61
N ILE C 264 -38.21 -3.97 -68.62
CA ILE C 264 -38.85 -3.51 -69.84
C ILE C 264 -38.92 -1.99 -69.81
N ILE C 265 -38.49 -1.36 -70.90
CA ILE C 265 -38.49 0.09 -71.04
C ILE C 265 -39.58 0.42 -72.04
N LEU C 266 -40.66 1.04 -71.56
CA LEU C 266 -41.80 1.35 -72.41
C LEU C 266 -41.63 2.72 -73.04
N PHE C 267 -42.05 2.84 -74.30
CA PHE C 267 -41.98 4.09 -75.05
C PHE C 267 -43.38 4.34 -75.62
N LEU C 268 -44.10 5.28 -75.01
CA LEU C 268 -45.42 5.68 -75.49
C LEU C 268 -45.24 6.78 -76.52
N ASN C 269 -45.40 6.45 -77.79
CA ASN C 269 -45.02 7.29 -78.91
C ASN C 269 -46.20 8.11 -79.44
N LYS C 270 -45.86 9.07 -80.30
CA LYS C 270 -46.83 9.90 -80.99
C LYS C 270 -47.79 10.58 -80.01
N LYS C 271 -47.20 11.23 -79.00
CA LYS C 271 -47.99 11.92 -78.00
C LYS C 271 -48.76 13.09 -78.59
N ASP C 272 -48.23 13.70 -79.65
CA ASP C 272 -48.92 14.86 -80.25
C ASP C 272 -50.19 14.45 -80.98
N LEU C 273 -50.12 13.42 -81.83
CA LEU C 273 -51.35 12.96 -82.49
C LEU C 273 -52.39 12.55 -81.46
N PHE C 274 -51.95 11.94 -80.36
CA PHE C 274 -52.86 11.67 -79.26
C PHE C 274 -53.43 12.97 -78.68
N GLU C 275 -52.61 14.02 -78.60
CA GLU C 275 -53.05 15.28 -78.03
C GLU C 275 -54.19 15.89 -78.84
N GLU C 276 -54.09 15.88 -80.17
CA GLU C 276 -55.24 16.37 -80.94
C GLU C 276 -56.40 15.39 -80.95
N LYS C 277 -56.13 14.09 -81.10
CA LYS C 277 -57.23 13.15 -81.27
C LYS C 277 -58.03 12.93 -79.99
N ILE C 278 -57.44 13.16 -78.82
CA ILE C 278 -58.21 13.10 -77.59
C ILE C 278 -59.15 14.30 -77.50
N LYS C 279 -58.71 15.45 -78.05
CA LYS C 279 -59.62 16.58 -78.19
C LYS C 279 -60.76 16.24 -79.14
N ARG C 280 -60.46 15.50 -80.21
CA ARG C 280 -61.53 15.05 -81.10
C ARG C 280 -62.36 13.94 -80.49
N SER C 281 -61.71 12.81 -80.13
CA SER C 281 -62.47 11.66 -79.64
C SER C 281 -62.00 11.26 -78.25
N PRO C 282 -62.91 10.83 -77.38
CA PRO C 282 -62.49 10.37 -76.05
C PRO C 282 -61.82 9.01 -76.11
N LEU C 283 -61.08 8.70 -75.04
CA LEU C 283 -60.41 7.42 -74.92
C LEU C 283 -61.39 6.26 -74.68
N THR C 284 -62.66 6.56 -74.43
CA THR C 284 -63.65 5.51 -74.18
C THR C 284 -63.79 4.59 -75.40
N ILE C 285 -63.40 5.07 -76.58
CA ILE C 285 -63.48 4.28 -77.81
C ILE C 285 -62.64 3.02 -77.67
N CYS C 286 -61.49 3.13 -76.99
CA CYS C 286 -60.62 1.98 -76.79
C CYS C 286 -60.98 1.21 -75.53
N TYR C 287 -60.92 1.88 -74.38
CA TYR C 287 -61.32 1.25 -73.13
C TYR C 287 -62.72 1.71 -72.75
N PRO C 288 -63.72 0.84 -72.76
CA PRO C 288 -65.11 1.29 -72.52
C PRO C 288 -65.35 1.84 -71.13
N GLU C 289 -64.50 1.55 -70.15
CA GLU C 289 -64.71 1.97 -68.78
C GLU C 289 -63.76 3.09 -68.35
N TYR C 290 -63.37 3.96 -69.28
CA TYR C 290 -62.40 5.01 -68.97
C TYR C 290 -62.91 5.95 -67.88
N THR C 291 -64.11 6.50 -68.08
CA THR C 291 -64.74 7.41 -67.12
C THR C 291 -63.83 8.59 -66.80
N GLY C 292 -63.58 9.41 -67.82
CA GLY C 292 -62.72 10.56 -67.65
C GLY C 292 -62.99 11.62 -68.70
N SER C 293 -62.28 12.74 -68.55
CA SER C 293 -62.43 13.86 -69.48
C SER C 293 -61.62 13.62 -70.75
N ASN C 294 -61.47 14.65 -71.58
CA ASN C 294 -60.76 14.55 -72.84
C ASN C 294 -59.39 15.24 -72.81
N THR C 295 -58.87 15.48 -71.62
CA THR C 295 -57.57 16.13 -71.48
C THR C 295 -56.45 15.13 -71.71
N TYR C 296 -55.29 15.64 -72.11
CA TYR C 296 -54.16 14.78 -72.48
C TYR C 296 -53.64 14.01 -71.27
N GLU C 297 -53.55 14.66 -70.11
CA GLU C 297 -52.86 14.07 -68.97
C GLU C 297 -53.61 12.88 -68.41
N GLU C 298 -54.92 13.01 -68.23
CA GLU C 298 -55.69 11.90 -67.67
C GLU C 298 -55.58 10.67 -68.54
N ALA C 299 -55.79 10.83 -69.85
CA ALA C 299 -55.73 9.69 -70.75
C ALA C 299 -54.33 9.12 -70.84
N ALA C 300 -53.29 9.97 -70.83
CA ALA C 300 -51.93 9.47 -70.88
C ALA C 300 -51.61 8.62 -69.65
N ALA C 301 -51.95 9.13 -68.46
CA ALA C 301 -51.72 8.36 -67.24
C ALA C 301 -52.55 7.09 -67.23
N TYR C 302 -53.75 7.15 -67.81
CA TYR C 302 -54.61 5.97 -67.84
C TYR C 302 -54.02 4.88 -68.71
N ILE C 303 -53.50 5.23 -69.89
CA ILE C 303 -52.91 4.23 -70.76
C ILE C 303 -51.63 3.68 -70.12
N GLN C 304 -50.84 4.55 -69.48
CA GLN C 304 -49.65 4.09 -68.79
C GLN C 304 -50.01 3.09 -67.69
N CYS C 305 -51.05 3.39 -66.91
CA CYS C 305 -51.46 2.49 -65.84
C CYS C 305 -51.97 1.17 -66.39
N GLN C 306 -52.78 1.23 -67.45
CA GLN C 306 -53.32 0.00 -68.02
C GLN C 306 -52.22 -0.87 -68.59
N PHE C 307 -51.13 -0.25 -69.07
CA PHE C 307 -50.01 -1.04 -69.54
C PHE C 307 -49.21 -1.62 -68.38
N GLU C 308 -48.96 -0.83 -67.34
CA GLU C 308 -48.06 -1.29 -66.28
C GLU C 308 -48.74 -2.31 -65.37
N ASP C 309 -50.07 -2.26 -65.26
CA ASP C 309 -50.77 -3.21 -64.41
C ASP C 309 -50.78 -4.61 -64.99
N LEU C 310 -50.32 -4.76 -66.23
CA LEU C 310 -50.25 -6.07 -66.88
C LEU C 310 -48.99 -6.81 -66.49
N ASN C 311 -48.20 -6.21 -65.60
CA ASN C 311 -46.98 -6.82 -65.09
C ASN C 311 -47.34 -7.63 -63.85
N ARG C 312 -47.65 -8.91 -64.07
CA ARG C 312 -48.03 -9.78 -62.95
C ARG C 312 -46.86 -10.04 -62.02
N ARG C 313 -45.63 -9.97 -62.52
CA ARG C 313 -44.44 -10.25 -61.71
C ARG C 313 -43.88 -8.93 -61.19
N LYS C 314 -44.45 -8.45 -60.09
CA LYS C 314 -44.10 -7.16 -59.52
C LYS C 314 -42.95 -7.25 -58.52
N ASP C 315 -42.12 -8.27 -58.63
CA ASP C 315 -41.04 -8.41 -57.67
C ASP C 315 -39.65 -8.41 -58.30
N THR C 316 -39.46 -9.12 -59.42
CA THR C 316 -38.14 -9.36 -59.98
C THR C 316 -37.91 -8.63 -61.30
N LYS C 317 -38.78 -7.69 -61.65
CA LYS C 317 -38.59 -6.90 -62.87
C LYS C 317 -39.27 -5.55 -62.68
N GLU C 318 -38.84 -4.59 -63.50
CA GLU C 318 -39.32 -3.22 -63.41
C GLU C 318 -39.60 -2.69 -64.81
N ILE C 319 -40.61 -1.82 -64.89
CA ILE C 319 -40.99 -1.17 -66.14
C ILE C 319 -40.70 0.32 -66.02
N TYR C 320 -39.93 0.84 -66.97
CA TYR C 320 -39.62 2.26 -67.05
C TYR C 320 -40.32 2.84 -68.26
N THR C 321 -41.15 3.85 -68.04
CA THR C 321 -42.04 4.38 -69.06
C THR C 321 -41.67 5.81 -69.42
N HIS C 322 -41.72 6.11 -70.72
CA HIS C 322 -41.43 7.45 -71.22
C HIS C 322 -42.54 7.84 -72.19
N PHE C 323 -42.45 9.07 -72.70
CA PHE C 323 -43.41 9.58 -73.66
C PHE C 323 -42.75 10.10 -74.94
N THR C 324 -41.42 9.98 -75.04
CA THR C 324 -40.66 10.20 -76.27
C THR C 324 -40.94 11.55 -76.92
N CYS C 325 -41.01 11.54 -78.25
CA CYS C 325 -41.28 12.72 -79.08
C CYS C 325 -40.28 13.81 -78.72
N SER C 326 -40.69 15.08 -78.69
CA SER C 326 -39.84 16.23 -78.35
C SER C 326 -38.76 16.47 -79.39
N THR C 327 -38.67 15.58 -80.38
CA THR C 327 -37.69 15.70 -81.48
C THR C 327 -36.28 15.96 -80.95
N ASP C 328 -35.94 15.28 -79.85
CA ASP C 328 -34.67 15.53 -79.17
C ASP C 328 -33.93 14.22 -78.89
N THR C 329 -32.84 14.32 -78.14
CA THR C 329 -32.03 13.17 -77.76
C THR C 329 -32.26 12.72 -76.32
N LYS C 330 -33.35 13.16 -75.68
CA LYS C 330 -33.62 12.71 -74.32
C LYS C 330 -33.96 11.23 -74.26
N ASN C 331 -34.33 10.63 -75.39
CA ASN C 331 -34.68 9.21 -75.39
C ASN C 331 -33.46 8.33 -75.09
N VAL C 332 -32.32 8.63 -75.71
CA VAL C 332 -31.12 7.85 -75.43
C VAL C 332 -30.66 8.09 -74.01
N GLN C 333 -30.87 9.31 -73.49
CA GLN C 333 -30.55 9.59 -72.10
C GLN C 333 -31.38 8.75 -71.16
N PHE C 334 -32.69 8.64 -71.43
CA PHE C 334 -33.56 7.82 -70.61
C PHE C 334 -33.14 6.36 -70.66
N VAL C 335 -32.80 5.88 -71.87
CA VAL C 335 -32.36 4.49 -72.01
C VAL C 335 -31.08 4.26 -71.22
N PHE C 336 -30.14 5.20 -71.29
CA PHE C 336 -28.89 5.07 -70.57
C PHE C 336 -29.12 5.01 -69.06
N ASP C 337 -29.95 5.93 -68.55
CA ASP C 337 -30.20 5.95 -67.12
C ASP C 337 -30.91 4.68 -66.66
N ALA C 338 -31.89 4.22 -67.43
CA ALA C 338 -32.61 3.00 -67.06
C ALA C 338 -31.70 1.78 -67.11
N VAL C 339 -30.82 1.71 -68.10
CA VAL C 339 -29.88 0.59 -68.16
C VAL C 339 -28.91 0.63 -66.98
N THR C 340 -28.46 1.83 -66.60
CA THR C 340 -27.59 1.94 -65.42
C THR C 340 -28.30 1.46 -64.16
N ASP C 341 -29.57 1.83 -64.02
CA ASP C 341 -30.36 1.36 -62.88
C ASP C 341 -30.50 -0.16 -62.91
N VAL C 342 -30.76 -0.73 -64.10
CA VAL C 342 -30.91 -2.17 -64.21
C VAL C 342 -29.62 -2.87 -63.81
N ILE C 343 -28.47 -2.36 -64.27
CA ILE C 343 -27.20 -2.97 -63.94
C ILE C 343 -26.95 -2.92 -62.44
N ILE C 344 -27.20 -1.75 -61.83
CA ILE C 344 -26.96 -1.61 -60.40
C ILE C 344 -27.85 -2.56 -59.61
N LYS C 345 -29.13 -2.64 -59.97
CA LYS C 345 -30.03 -3.52 -59.24
C LYS C 345 -29.68 -4.99 -59.46
N ASN C 346 -29.17 -5.34 -60.65
CA ASN C 346 -28.72 -6.70 -60.87
C ASN C 346 -27.56 -7.04 -59.96
N ASN C 347 -26.61 -6.12 -59.82
CA ASN C 347 -25.50 -6.34 -58.88
C ASN C 347 -26.00 -6.45 -57.44
N LEU C 348 -26.97 -5.62 -57.07
CA LEU C 348 -27.52 -5.69 -55.72
C LEU C 348 -28.20 -7.03 -55.45
N LYS C 349 -28.98 -7.54 -56.41
CA LYS C 349 -29.58 -8.85 -56.24
C LYS C 349 -28.53 -9.94 -56.17
N GLU C 350 -27.48 -9.84 -57.01
CA GLU C 350 -26.42 -10.83 -56.97
C GLU C 350 -25.71 -10.84 -55.62
N CYS C 351 -25.60 -9.67 -54.99
CA CYS C 351 -25.06 -9.59 -53.64
C CYS C 351 -26.07 -9.95 -52.56
N GLY C 352 -27.34 -10.09 -52.90
CA GLY C 352 -28.38 -10.33 -51.92
C GLY C 352 -28.88 -9.09 -51.22
N LEU C 353 -28.40 -7.91 -51.59
CA LEU C 353 -28.72 -6.68 -50.88
C LEU C 353 -30.02 -6.07 -51.36
N TYR C 354 -30.82 -6.83 -52.10
CA TYR C 354 -32.07 -6.31 -52.63
C TYR C 354 -33.05 -7.43 -52.92
N GLU D 11 -66.83 -26.82 -108.07
CA GLU D 11 -67.00 -28.08 -107.36
C GLU D 11 -66.00 -28.20 -106.22
N LEU D 12 -65.86 -27.12 -105.43
CA LEU D 12 -64.93 -27.13 -104.32
C LEU D 12 -65.35 -28.16 -103.27
N GLU D 13 -66.65 -28.24 -102.97
CA GLU D 13 -67.14 -29.24 -102.03
C GLU D 13 -66.92 -30.66 -102.56
N GLN D 14 -67.03 -30.85 -103.88
CA GLN D 14 -66.70 -32.14 -104.48
C GLN D 14 -65.24 -32.48 -104.25
N LEU D 15 -64.34 -31.49 -104.38
CA LEU D 15 -62.93 -31.72 -104.10
C LEU D 15 -62.70 -32.06 -102.63
N ARG D 16 -63.43 -31.40 -101.72
CA ARG D 16 -63.32 -31.72 -100.31
C ARG D 16 -63.75 -33.16 -100.05
N GLN D 17 -64.87 -33.58 -100.66
CA GLN D 17 -65.33 -34.95 -100.49
C GLN D 17 -64.34 -35.95 -101.06
N GLU D 18 -63.75 -35.62 -102.21
CA GLU D 18 -62.75 -36.50 -102.82
C GLU D 18 -61.54 -36.65 -101.92
N ALA D 19 -61.06 -35.53 -101.35
CA ALA D 19 -59.93 -35.59 -100.43
C ALA D 19 -60.26 -36.40 -99.18
N GLU D 20 -61.49 -36.24 -98.66
CA GLU D 20 -61.92 -37.03 -97.51
C GLU D 20 -61.94 -38.52 -97.85
N GLN D 21 -62.42 -38.86 -99.04
CA GLN D 21 -62.43 -40.26 -99.47
C GLN D 21 -61.01 -40.81 -99.58
N LEU D 22 -60.09 -40.01 -100.13
CA LEU D 22 -58.70 -40.44 -100.22
C LEU D 22 -58.11 -40.69 -98.84
N ARG D 23 -58.37 -39.77 -97.90
CA ARG D 23 -57.86 -39.96 -96.54
C ARG D 23 -58.47 -41.19 -95.89
N ASN D 24 -59.77 -41.42 -96.11
CA ASN D 24 -60.43 -42.58 -95.53
C ASN D 24 -59.83 -43.87 -96.07
N GLN D 25 -59.59 -43.94 -97.37
CA GLN D 25 -59.05 -45.17 -97.94
C GLN D 25 -57.60 -45.37 -97.52
N ILE D 26 -56.84 -44.28 -97.36
CA ILE D 26 -55.47 -44.40 -96.85
C ILE D 26 -55.49 -44.93 -95.41
N ARG D 27 -56.41 -44.41 -94.59
CA ARG D 27 -56.52 -44.90 -93.22
C ARG D 27 -56.94 -46.37 -93.19
N ASP D 28 -57.84 -46.76 -94.08
CA ASP D 28 -58.25 -48.17 -94.16
C ASP D 28 -57.07 -49.05 -94.54
N ALA D 29 -56.25 -48.59 -95.49
CA ALA D 29 -55.06 -49.36 -95.86
C ALA D 29 -54.10 -49.47 -94.69
N ARG D 30 -53.90 -48.38 -93.96
CA ARG D 30 -53.02 -48.41 -92.80
C ARG D 30 -53.52 -49.40 -91.75
N LYS D 31 -54.83 -49.39 -91.49
CA LYS D 31 -55.41 -50.32 -90.54
C LYS D 31 -55.25 -51.76 -91.00
N ALA D 32 -55.45 -52.00 -92.30
CA ALA D 32 -55.32 -53.35 -92.83
C ALA D 32 -53.87 -53.84 -92.75
N CYS D 33 -52.92 -52.92 -92.84
CA CYS D 33 -51.51 -53.31 -92.72
C CYS D 33 -51.19 -53.88 -91.35
N GLY D 34 -51.85 -53.38 -90.31
CA GLY D 34 -51.59 -53.82 -88.96
C GLY D 34 -52.05 -55.24 -88.68
N ASP D 35 -51.11 -56.16 -88.56
CA ASP D 35 -51.42 -57.52 -88.15
C ASP D 35 -50.68 -57.94 -86.89
N SER D 36 -49.79 -57.11 -86.38
CA SER D 36 -48.98 -57.41 -85.20
C SER D 36 -48.39 -56.08 -84.73
N THR D 37 -47.47 -56.15 -83.77
CA THR D 37 -46.75 -54.98 -83.28
C THR D 37 -45.28 -55.33 -83.16
N LEU D 38 -44.42 -54.30 -83.21
CA LEU D 38 -42.99 -54.52 -83.12
C LEU D 38 -42.60 -55.17 -81.81
N THR D 39 -43.21 -54.74 -80.71
CA THR D 39 -42.90 -55.29 -79.40
C THR D 39 -43.22 -56.77 -79.33
N GLN D 40 -44.35 -57.18 -79.93
CA GLN D 40 -44.74 -58.59 -79.89
C GLN D 40 -43.68 -59.46 -80.54
N ILE D 41 -43.17 -59.04 -81.70
CA ILE D 41 -42.19 -59.84 -82.41
C ILE D 41 -40.85 -59.81 -81.68
N THR D 42 -40.47 -58.65 -81.13
CA THR D 42 -39.18 -58.56 -80.47
C THR D 42 -39.20 -59.05 -79.03
N ALA D 43 -40.34 -59.50 -78.51
CA ALA D 43 -40.42 -59.99 -77.14
C ALA D 43 -39.44 -61.12 -76.88
N GLY D 44 -39.17 -61.95 -77.89
CA GLY D 44 -38.28 -63.08 -77.69
C GLY D 44 -36.82 -62.70 -77.64
N LEU D 45 -36.49 -61.46 -78.05
CA LEU D 45 -35.10 -61.05 -78.16
C LEU D 45 -34.53 -60.70 -76.79
N ASP D 46 -33.23 -60.91 -76.62
CA ASP D 46 -32.59 -60.76 -75.31
C ASP D 46 -32.36 -59.28 -74.98
N PRO D 47 -32.60 -58.87 -73.74
CA PRO D 47 -32.43 -57.46 -73.37
C PRO D 47 -30.99 -57.01 -73.47
N VAL D 48 -30.82 -55.70 -73.72
CA VAL D 48 -29.49 -55.11 -73.78
C VAL D 48 -28.86 -55.05 -72.39
N GLY D 49 -29.68 -54.87 -71.35
CA GLY D 49 -29.18 -54.66 -70.02
C GLY D 49 -28.72 -53.23 -69.80
N ARG D 50 -28.14 -52.98 -68.64
CA ARG D 50 -27.68 -51.64 -68.30
C ARG D 50 -26.51 -51.24 -69.20
N ILE D 51 -26.56 -50.00 -69.66
CA ILE D 51 -25.51 -49.42 -70.50
C ILE D 51 -24.96 -48.21 -69.76
N GLN D 52 -23.65 -48.21 -69.51
CA GLN D 52 -23.00 -47.15 -68.76
C GLN D 52 -21.88 -46.57 -69.59
N MET D 53 -21.91 -45.25 -69.79
CA MET D 53 -20.88 -44.54 -70.53
C MET D 53 -20.33 -43.42 -69.67
N ARG D 54 -19.03 -43.18 -69.78
CA ARG D 54 -18.35 -42.17 -68.99
C ARG D 54 -17.88 -41.03 -69.88
N THR D 55 -17.78 -39.85 -69.28
CA THR D 55 -17.34 -38.66 -70.01
C THR D 55 -15.84 -38.75 -70.22
N ARG D 56 -15.44 -39.18 -71.42
CA ARG D 56 -14.02 -39.31 -71.72
C ARG D 56 -13.38 -37.95 -71.98
N ARG D 57 -13.91 -37.21 -72.95
CA ARG D 57 -13.40 -35.90 -73.32
C ARG D 57 -14.45 -34.84 -73.08
N THR D 58 -14.03 -33.72 -72.51
CA THR D 58 -14.89 -32.55 -72.32
C THR D 58 -14.26 -31.38 -73.04
N LEU D 59 -15.05 -30.72 -73.89
CA LEU D 59 -14.57 -29.66 -74.76
C LEU D 59 -15.02 -28.31 -74.21
N ARG D 60 -14.08 -27.38 -74.07
CA ARG D 60 -14.34 -26.08 -73.49
C ARG D 60 -13.85 -24.99 -74.42
N GLY D 61 -14.46 -23.81 -74.34
CA GLY D 61 -14.10 -22.71 -75.20
C GLY D 61 -15.27 -21.85 -75.63
N HIS D 62 -16.47 -22.44 -75.69
CA HIS D 62 -17.66 -21.66 -75.99
C HIS D 62 -18.09 -20.88 -74.76
N LEU D 63 -18.46 -19.61 -74.97
CA LEU D 63 -18.83 -18.70 -73.90
C LEU D 63 -20.31 -18.35 -73.96
N ALA D 64 -21.13 -19.25 -74.48
CA ALA D 64 -22.58 -19.06 -74.58
C ALA D 64 -23.20 -20.41 -74.87
N LYS D 65 -24.52 -20.42 -75.02
CA LYS D 65 -25.23 -21.66 -75.29
C LYS D 65 -24.78 -22.26 -76.63
N ILE D 66 -24.55 -23.57 -76.62
CA ILE D 66 -24.23 -24.31 -77.84
C ILE D 66 -25.54 -24.82 -78.42
N TYR D 67 -25.85 -24.40 -79.65
CA TYR D 67 -27.11 -24.83 -80.26
C TYR D 67 -26.97 -25.97 -81.24
N ALA D 68 -25.77 -26.25 -81.75
CA ALA D 68 -25.67 -27.27 -82.78
C ALA D 68 -24.28 -27.89 -82.76
N MET D 69 -24.19 -29.07 -83.38
CA MET D 69 -22.92 -29.75 -83.60
C MET D 69 -23.14 -30.74 -84.74
N HIS D 70 -22.04 -31.25 -85.27
CA HIS D 70 -22.09 -32.24 -86.34
C HIS D 70 -20.72 -32.91 -86.45
N TRP D 71 -20.71 -34.23 -86.39
CA TRP D 71 -19.48 -34.98 -86.50
C TRP D 71 -18.96 -34.92 -87.94
N GLY D 72 -17.77 -35.48 -88.15
CA GLY D 72 -17.21 -35.60 -89.48
C GLY D 72 -17.23 -37.04 -89.95
N THR D 73 -16.98 -37.26 -91.24
CA THR D 73 -16.96 -38.62 -91.76
C THR D 73 -15.76 -39.40 -91.20
N ASP D 74 -14.67 -38.71 -90.89
CA ASP D 74 -13.52 -39.38 -90.30
C ASP D 74 -13.77 -39.80 -88.86
N SER D 75 -14.89 -39.37 -88.28
CA SER D 75 -15.29 -39.69 -86.91
C SER D 75 -14.32 -39.16 -85.87
N ARG D 76 -13.52 -38.15 -86.23
CA ARG D 76 -12.56 -37.57 -85.30
C ARG D 76 -12.80 -36.08 -85.12
N LEU D 77 -13.07 -35.38 -86.21
CA LEU D 77 -13.26 -33.93 -86.20
C LEU D 77 -14.74 -33.61 -86.14
N LEU D 78 -15.10 -32.63 -85.32
CA LEU D 78 -16.48 -32.17 -85.27
C LEU D 78 -16.52 -30.65 -85.23
N VAL D 79 -17.73 -30.10 -85.38
CA VAL D 79 -17.96 -28.67 -85.41
C VAL D 79 -19.03 -28.32 -84.38
N SER D 80 -18.88 -27.16 -83.76
CA SER D 80 -19.83 -26.69 -82.76
C SER D 80 -20.18 -25.24 -83.03
N ALA D 81 -21.46 -24.92 -82.93
CA ALA D 81 -21.98 -23.58 -83.13
C ALA D 81 -22.67 -23.09 -81.86
N SER D 82 -22.37 -21.86 -81.48
CA SER D 82 -22.87 -21.30 -80.23
C SER D 82 -23.33 -19.86 -80.46
N GLN D 83 -24.11 -19.37 -79.52
CA GLN D 83 -24.69 -18.03 -79.58
C GLN D 83 -23.72 -16.94 -79.21
N ASP D 84 -22.46 -17.25 -78.97
CA ASP D 84 -21.43 -16.24 -78.83
C ASP D 84 -20.91 -15.75 -80.17
N GLY D 85 -21.31 -16.38 -81.26
CA GLY D 85 -20.91 -15.97 -82.59
C GLY D 85 -19.60 -16.58 -83.04
N LYS D 86 -19.42 -17.88 -82.78
CA LYS D 86 -18.24 -18.60 -83.21
C LYS D 86 -18.65 -19.95 -83.79
N LEU D 87 -17.76 -20.52 -84.58
CA LEU D 87 -17.93 -21.86 -85.12
C LEU D 87 -16.62 -22.59 -84.93
N ILE D 88 -16.55 -23.48 -83.93
CA ILE D 88 -15.28 -24.07 -83.51
C ILE D 88 -15.21 -25.50 -84.01
N ILE D 89 -14.05 -25.87 -84.56
CA ILE D 89 -13.81 -27.22 -85.08
C ILE D 89 -12.83 -27.92 -84.16
N TRP D 90 -13.24 -29.05 -83.60
CA TRP D 90 -12.49 -29.77 -82.59
C TRP D 90 -11.96 -31.09 -83.13
N ASP D 91 -10.71 -31.36 -82.78
CA ASP D 91 -10.09 -32.69 -82.93
C ASP D 91 -10.37 -33.42 -81.62
N SER D 92 -11.43 -34.24 -81.62
CA SER D 92 -11.89 -34.84 -80.38
C SER D 92 -10.86 -35.80 -79.78
N TYR D 93 -9.99 -36.35 -80.62
CA TYR D 93 -9.00 -37.32 -80.12
C TYR D 93 -8.08 -36.69 -79.10
N THR D 94 -7.58 -35.49 -79.39
CA THR D 94 -6.62 -34.82 -78.52
C THR D 94 -7.17 -33.57 -77.86
N THR D 95 -8.42 -33.21 -78.15
CA THR D 95 -9.14 -32.03 -77.67
C THR D 95 -8.58 -30.75 -78.28
N ASN D 96 -7.59 -30.83 -79.15
CA ASN D 96 -7.02 -29.64 -79.76
C ASN D 96 -8.02 -29.01 -80.71
N LYS D 97 -8.18 -27.69 -80.61
CA LYS D 97 -9.01 -26.98 -81.57
C LYS D 97 -8.27 -26.85 -82.89
N VAL D 98 -9.01 -26.97 -83.99
CA VAL D 98 -8.41 -26.82 -85.32
C VAL D 98 -8.68 -25.45 -85.90
N HIS D 99 -9.95 -25.03 -85.95
CA HIS D 99 -10.30 -23.70 -86.42
C HIS D 99 -11.32 -23.09 -85.48
N ALA D 100 -11.36 -21.76 -85.47
CA ALA D 100 -12.44 -21.02 -84.82
C ALA D 100 -12.86 -19.92 -85.79
N ILE D 101 -14.03 -20.08 -86.37
CA ILE D 101 -14.53 -19.21 -87.43
C ILE D 101 -15.39 -18.13 -86.79
N PRO D 102 -15.02 -16.86 -86.88
CA PRO D 102 -15.95 -15.79 -86.48
C PRO D 102 -17.11 -15.70 -87.46
N LEU D 103 -18.25 -15.23 -86.96
CA LEU D 103 -19.48 -15.25 -87.73
C LEU D 103 -20.04 -13.84 -87.86
N ARG D 104 -20.75 -13.60 -88.96
CA ARG D 104 -21.39 -12.31 -89.18
C ARG D 104 -22.46 -12.04 -88.13
N SER D 105 -23.22 -13.07 -87.80
CA SER D 105 -24.28 -12.96 -86.79
C SER D 105 -24.07 -14.00 -85.70
N SER D 106 -24.55 -13.66 -84.50
CA SER D 106 -24.41 -14.51 -83.34
C SER D 106 -25.62 -15.40 -83.09
N TRP D 107 -26.70 -15.21 -83.83
CA TRP D 107 -27.95 -15.93 -83.60
C TRP D 107 -28.00 -17.23 -84.39
N VAL D 108 -26.95 -18.04 -84.23
CA VAL D 108 -26.83 -19.29 -84.97
C VAL D 108 -27.69 -20.36 -84.33
N MET D 109 -28.42 -21.11 -85.15
CA MET D 109 -29.27 -22.18 -84.68
C MET D 109 -28.97 -23.52 -85.30
N THR D 110 -28.02 -23.62 -86.24
CA THR D 110 -27.68 -24.89 -86.83
C THR D 110 -26.30 -24.83 -87.46
N CYS D 111 -25.70 -26.00 -87.64
CA CYS D 111 -24.43 -26.16 -88.32
C CYS D 111 -24.36 -27.55 -88.93
N ALA D 112 -23.46 -27.71 -89.89
CA ALA D 112 -23.29 -29.00 -90.57
C ALA D 112 -21.85 -29.13 -91.02
N TYR D 113 -21.43 -30.36 -91.25
CA TYR D 113 -20.08 -30.69 -91.65
C TYR D 113 -20.13 -31.43 -92.97
N ALA D 114 -19.35 -30.98 -93.95
CA ALA D 114 -19.40 -31.59 -95.26
C ALA D 114 -18.91 -33.03 -95.20
N PRO D 115 -19.56 -33.96 -95.90
CA PRO D 115 -19.16 -35.36 -95.81
C PRO D 115 -17.76 -35.63 -96.33
N SER D 116 -17.20 -34.73 -97.13
CA SER D 116 -15.81 -34.84 -97.55
C SER D 116 -14.85 -34.22 -96.54
N GLY D 117 -15.32 -33.29 -95.71
CA GLY D 117 -14.48 -32.59 -94.77
C GLY D 117 -13.95 -31.27 -95.26
N ASN D 118 -14.43 -30.77 -96.41
CA ASN D 118 -13.89 -29.56 -97.01
C ASN D 118 -14.73 -28.33 -96.74
N PHE D 119 -15.93 -28.47 -96.18
CA PHE D 119 -16.82 -27.34 -96.00
C PHE D 119 -17.63 -27.50 -94.73
N VAL D 120 -18.14 -26.39 -94.23
CA VAL D 120 -19.11 -26.37 -93.14
C VAL D 120 -20.19 -25.35 -93.49
N ALA D 121 -21.32 -25.43 -92.79
CA ALA D 121 -22.42 -24.53 -93.05
C ALA D 121 -23.01 -24.04 -91.73
N CYS D 122 -23.63 -22.87 -91.77
CA CYS D 122 -24.31 -22.37 -90.58
C CYS D 122 -25.42 -21.41 -90.98
N GLY D 123 -26.44 -21.33 -90.12
CA GLY D 123 -27.56 -20.44 -90.33
C GLY D 123 -28.25 -20.13 -89.03
N GLY D 124 -29.25 -19.28 -89.09
CA GLY D 124 -29.93 -18.83 -87.89
C GLY D 124 -31.02 -17.81 -88.13
N LEU D 125 -31.04 -16.74 -87.34
CA LEU D 125 -32.09 -15.74 -87.42
C LEU D 125 -31.87 -14.72 -88.52
N ASP D 126 -30.77 -14.81 -89.26
CA ASP D 126 -30.55 -13.96 -90.41
C ASP D 126 -31.14 -14.53 -91.70
N ASN D 127 -31.76 -15.72 -91.61
CA ASN D 127 -32.42 -16.36 -92.75
C ASN D 127 -31.46 -16.65 -93.88
N ILE D 128 -30.18 -16.83 -93.56
CA ILE D 128 -29.14 -17.04 -94.57
C ILE D 128 -28.32 -18.25 -94.17
N CYS D 129 -28.10 -19.15 -95.13
CA CYS D 129 -27.13 -20.23 -94.97
C CYS D 129 -25.78 -19.76 -95.50
N SER D 130 -24.73 -20.02 -94.73
CA SER D 130 -23.38 -19.58 -95.06
C SER D 130 -22.48 -20.79 -95.12
N ILE D 131 -21.67 -20.88 -96.18
CA ILE D 131 -20.77 -22.00 -96.42
C ILE D 131 -19.34 -21.51 -96.22
N TYR D 132 -18.58 -22.25 -95.43
CA TYR D 132 -17.19 -21.93 -95.12
C TYR D 132 -16.30 -23.06 -95.60
N SER D 133 -15.26 -22.69 -96.36
CA SER D 133 -14.33 -23.67 -96.93
C SER D 133 -13.18 -23.87 -95.96
N LEU D 134 -13.08 -25.07 -95.41
CA LEU D 134 -12.05 -25.34 -94.41
C LEU D 134 -10.65 -25.20 -94.99
N LYS D 135 -10.43 -25.73 -96.20
CA LYS D 135 -9.13 -25.59 -96.84
C LYS D 135 -9.14 -24.29 -97.65
N THR D 136 -8.18 -23.42 -97.39
CA THR D 136 -8.09 -22.13 -98.04
C THR D 136 -6.65 -21.79 -98.37
N ARG D 137 -6.44 -21.19 -99.54
CA ARG D 137 -5.15 -20.58 -99.85
C ARG D 137 -4.95 -19.28 -99.08
N GLU D 138 -6.02 -18.71 -98.55
CA GLU D 138 -5.97 -17.48 -97.77
C GLU D 138 -5.83 -17.73 -96.28
N GLY D 139 -5.64 -18.97 -95.86
CA GLY D 139 -5.43 -19.29 -94.47
C GLY D 139 -6.70 -19.23 -93.63
N ASN D 140 -7.33 -18.07 -93.61
CA ASN D 140 -8.58 -17.92 -92.89
C ASN D 140 -9.69 -18.69 -93.58
N VAL D 141 -10.67 -19.14 -92.80
CA VAL D 141 -11.83 -19.83 -93.36
C VAL D 141 -12.86 -18.78 -93.74
N ARG D 142 -12.70 -18.20 -94.92
CA ARG D 142 -13.58 -17.12 -95.35
C ARG D 142 -14.82 -17.68 -96.04
N VAL D 143 -15.86 -16.86 -96.08
CA VAL D 143 -17.14 -17.29 -96.64
C VAL D 143 -16.95 -17.64 -98.11
N SER D 144 -17.42 -18.83 -98.49
CA SER D 144 -17.41 -19.23 -99.88
C SER D 144 -18.75 -19.06 -100.58
N ARG D 145 -19.84 -18.98 -99.81
CA ARG D 145 -21.17 -18.88 -100.41
C ARG D 145 -22.22 -18.44 -99.40
N GLU D 146 -23.08 -17.52 -99.82
CA GLU D 146 -24.25 -17.12 -99.06
C GLU D 146 -25.49 -17.58 -99.83
N LEU D 147 -26.52 -17.99 -99.09
CA LEU D 147 -27.73 -18.55 -99.69
C LEU D 147 -28.96 -17.83 -99.16
N PRO D 148 -29.22 -16.62 -99.65
CA PRO D 148 -30.45 -15.92 -99.25
C PRO D 148 -31.67 -16.49 -99.97
N GLY D 149 -32.84 -16.12 -99.48
CA GLY D 149 -34.08 -16.52 -100.11
C GLY D 149 -35.15 -16.97 -99.14
N HIS D 150 -34.76 -17.57 -98.02
CA HIS D 150 -35.73 -17.90 -96.99
C HIS D 150 -36.19 -16.63 -96.28
N THR D 151 -37.45 -16.65 -95.85
CA THR D 151 -38.03 -15.54 -95.11
C THR D 151 -38.31 -15.90 -93.65
N GLY D 152 -37.66 -16.94 -93.14
CA GLY D 152 -37.80 -17.32 -91.75
C GLY D 152 -36.47 -17.84 -91.25
N TYR D 153 -36.40 -18.04 -89.93
CA TYR D 153 -35.17 -18.54 -89.33
C TYR D 153 -34.81 -19.89 -89.92
N LEU D 154 -33.53 -20.10 -90.19
CA LEU D 154 -33.08 -21.34 -90.79
C LEU D 154 -32.81 -22.36 -89.70
N SER D 155 -33.58 -23.44 -89.68
CA SER D 155 -33.59 -24.37 -88.55
C SER D 155 -32.54 -25.47 -88.69
N CYS D 156 -32.45 -26.10 -89.85
CA CYS D 156 -31.50 -27.18 -90.08
C CYS D 156 -30.92 -27.07 -91.48
N CYS D 157 -29.82 -27.78 -91.70
CA CYS D 157 -29.15 -27.79 -92.99
C CYS D 157 -28.23 -29.00 -93.07
N ARG D 158 -28.14 -29.59 -94.26
CA ARG D 158 -27.33 -30.78 -94.49
C ARG D 158 -26.76 -30.75 -95.89
N PHE D 159 -25.67 -31.48 -96.10
CA PHE D 159 -24.98 -31.53 -97.38
C PHE D 159 -25.35 -32.82 -98.11
N LEU D 160 -25.64 -32.70 -99.41
CA LEU D 160 -25.67 -33.90 -100.25
C LEU D 160 -24.28 -34.18 -100.83
N ASP D 161 -23.63 -33.15 -101.34
CA ASP D 161 -22.25 -33.22 -101.81
C ASP D 161 -21.63 -31.84 -101.67
N ASP D 162 -20.49 -31.65 -102.33
CA ASP D 162 -19.79 -30.37 -102.22
C ASP D 162 -20.58 -29.23 -102.85
N ASN D 163 -21.55 -29.54 -103.71
CA ASN D 163 -22.25 -28.52 -104.49
C ASN D 163 -23.76 -28.61 -104.29
N GLN D 164 -24.22 -29.18 -103.18
CA GLN D 164 -25.65 -29.35 -102.95
C GLN D 164 -25.92 -29.36 -101.45
N ILE D 165 -26.89 -28.57 -101.03
CA ILE D 165 -27.22 -28.42 -99.62
C ILE D 165 -28.73 -28.26 -99.47
N ILE D 166 -29.30 -28.99 -98.51
CA ILE D 166 -30.72 -28.89 -98.17
C ILE D 166 -30.83 -28.05 -96.90
N THR D 167 -31.78 -27.13 -96.88
CA THR D 167 -32.06 -26.32 -95.71
C THR D 167 -33.56 -26.33 -95.41
N SER D 168 -33.88 -26.20 -94.13
CA SER D 168 -35.24 -26.02 -93.67
C SER D 168 -35.33 -24.68 -92.94
N SER D 169 -36.54 -24.17 -92.79
CA SER D 169 -36.71 -22.82 -92.27
C SER D 169 -38.07 -22.68 -91.61
N GLY D 170 -38.24 -21.56 -90.92
CA GLY D 170 -39.52 -21.20 -90.32
C GLY D 170 -40.53 -20.66 -91.29
N ASP D 171 -40.15 -20.43 -92.55
CA ASP D 171 -41.11 -20.09 -93.58
C ASP D 171 -41.83 -21.30 -94.13
N THR D 172 -41.75 -22.44 -93.43
CA THR D 172 -42.57 -23.62 -93.67
C THR D 172 -42.16 -24.36 -94.94
N THR D 173 -41.00 -24.04 -95.52
CA THR D 173 -40.53 -24.70 -96.72
C THR D 173 -39.09 -25.16 -96.55
N CYS D 174 -38.77 -26.30 -97.17
CA CYS D 174 -37.40 -26.75 -97.32
C CYS D 174 -36.92 -26.42 -98.73
N ALA D 175 -35.61 -26.56 -98.96
CA ALA D 175 -35.09 -26.18 -100.26
C ALA D 175 -33.76 -26.88 -100.52
N LEU D 176 -33.55 -27.28 -101.76
CA LEU D 176 -32.25 -27.70 -102.26
C LEU D 176 -31.58 -26.55 -102.99
N TRP D 177 -30.26 -26.49 -102.89
CA TRP D 177 -29.52 -25.35 -103.40
C TRP D 177 -28.39 -25.83 -104.32
N ASP D 178 -28.04 -24.99 -105.28
CA ASP D 178 -26.85 -25.17 -106.09
C ASP D 178 -25.81 -24.18 -105.59
N ILE D 179 -24.78 -24.68 -104.91
CA ILE D 179 -23.86 -23.80 -104.18
C ILE D 179 -23.12 -22.90 -105.15
N GLU D 180 -22.61 -23.45 -106.25
CA GLU D 180 -21.93 -22.62 -107.24
C GLU D 180 -22.88 -21.61 -107.87
N THR D 181 -24.10 -22.06 -108.20
CA THR D 181 -25.07 -21.16 -108.81
C THR D 181 -25.63 -20.17 -107.79
N GLY D 182 -25.93 -20.65 -106.58
CA GLY D 182 -26.54 -19.79 -105.58
C GLY D 182 -28.03 -19.65 -105.68
N GLN D 183 -28.67 -20.46 -106.52
CA GLN D 183 -30.12 -20.47 -106.66
C GLN D 183 -30.64 -21.83 -106.26
N GLN D 184 -31.84 -21.85 -105.69
CA GLN D 184 -32.44 -23.10 -105.25
C GLN D 184 -32.97 -23.85 -106.46
N THR D 185 -32.60 -25.13 -106.58
CA THR D 185 -33.09 -25.93 -107.69
C THR D 185 -34.47 -26.51 -107.41
N VAL D 186 -34.68 -27.02 -106.19
CA VAL D 186 -35.91 -27.70 -105.81
C VAL D 186 -36.43 -27.08 -104.52
N GLY D 187 -37.72 -26.78 -104.49
CA GLY D 187 -38.32 -26.19 -103.30
C GLY D 187 -39.48 -27.00 -102.76
N PHE D 188 -39.36 -27.47 -101.53
CA PHE D 188 -40.34 -28.37 -100.92
C PHE D 188 -41.28 -27.56 -100.05
N ALA D 189 -42.53 -27.46 -100.47
CA ALA D 189 -43.59 -26.82 -99.69
C ALA D 189 -44.69 -27.84 -99.44
N GLY D 190 -45.46 -27.63 -98.38
CA GLY D 190 -46.50 -28.56 -98.03
C GLY D 190 -46.73 -28.72 -96.53
N HIS D 191 -45.75 -28.33 -95.73
CA HIS D 191 -45.99 -28.25 -94.29
C HIS D 191 -46.94 -27.09 -93.99
N SER D 192 -47.45 -27.06 -92.77
CA SER D 192 -48.29 -25.97 -92.30
C SER D 192 -47.70 -25.23 -91.11
N GLY D 193 -46.52 -25.65 -90.64
CA GLY D 193 -45.88 -24.99 -89.53
C GLY D 193 -44.37 -24.93 -89.76
N ASP D 194 -43.69 -24.28 -88.83
CA ASP D 194 -42.26 -24.06 -88.98
C ASP D 194 -41.51 -25.38 -88.97
N VAL D 195 -40.80 -25.68 -90.05
CA VAL D 195 -40.02 -26.91 -90.11
C VAL D 195 -38.80 -26.75 -89.22
N MET D 196 -38.60 -27.70 -88.32
CA MET D 196 -37.58 -27.54 -87.29
C MET D 196 -36.39 -28.46 -87.44
N SER D 197 -36.51 -29.55 -88.19
CA SER D 197 -35.38 -30.46 -88.37
C SER D 197 -35.57 -31.27 -89.63
N LEU D 198 -34.49 -31.85 -90.10
CA LEU D 198 -34.51 -32.75 -91.24
C LEU D 198 -33.43 -33.80 -91.03
N SER D 199 -33.57 -34.93 -91.73
CA SER D 199 -32.65 -36.04 -91.58
C SER D 199 -32.42 -36.68 -92.95
N LEU D 200 -31.26 -36.39 -93.53
CA LEU D 200 -30.92 -36.98 -94.82
C LEU D 200 -30.63 -38.47 -94.69
N ALA D 201 -31.12 -39.25 -95.65
CA ALA D 201 -30.86 -40.67 -95.69
C ALA D 201 -29.41 -40.94 -96.06
N PRO D 202 -28.87 -42.09 -95.64
CA PRO D 202 -27.48 -42.41 -96.02
C PRO D 202 -27.25 -42.49 -97.51
N ASP D 203 -28.24 -42.96 -98.27
CA ASP D 203 -28.08 -43.03 -99.72
C ASP D 203 -28.21 -41.65 -100.36
N GLY D 204 -28.82 -40.71 -99.66
CA GLY D 204 -28.90 -39.34 -100.13
C GLY D 204 -30.01 -39.06 -101.11
N ARG D 205 -30.95 -39.98 -101.30
CA ARG D 205 -31.99 -39.81 -102.30
C ARG D 205 -33.29 -39.29 -101.71
N THR D 206 -33.56 -39.53 -100.42
CA THR D 206 -34.76 -39.01 -99.78
C THR D 206 -34.37 -38.38 -98.46
N PHE D 207 -35.30 -37.61 -97.89
CA PHE D 207 -35.10 -37.02 -96.58
C PHE D 207 -36.44 -36.71 -95.94
N VAL D 208 -36.49 -36.82 -94.62
CA VAL D 208 -37.69 -36.52 -93.85
C VAL D 208 -37.48 -35.19 -93.15
N SER D 209 -38.59 -34.50 -92.89
CA SER D 209 -38.51 -33.21 -92.21
C SER D 209 -39.74 -33.02 -91.34
N GLY D 210 -39.53 -32.78 -90.05
CA GLY D 210 -40.61 -32.58 -89.12
C GLY D 210 -40.86 -31.11 -88.85
N ALA D 211 -42.12 -30.76 -88.59
CA ALA D 211 -42.47 -29.36 -88.45
C ALA D 211 -43.31 -29.14 -87.21
N CYS D 212 -43.54 -27.87 -86.90
CA CYS D 212 -44.39 -27.48 -85.79
C CYS D 212 -45.85 -27.84 -86.03
N ASP D 213 -46.23 -28.21 -87.25
CA ASP D 213 -47.55 -28.70 -87.57
C ASP D 213 -47.81 -30.10 -87.01
N ALA D 214 -46.90 -30.59 -86.16
CA ALA D 214 -47.02 -31.90 -85.53
C ALA D 214 -47.07 -33.01 -86.57
N SER D 215 -46.29 -32.86 -87.64
CA SER D 215 -46.25 -33.88 -88.68
C SER D 215 -44.86 -33.93 -89.30
N ILE D 216 -44.56 -35.09 -89.87
CA ILE D 216 -43.32 -35.34 -90.61
C ILE D 216 -43.69 -35.61 -92.05
N LYS D 217 -42.87 -35.17 -92.98
CA LYS D 217 -43.08 -35.44 -94.39
C LYS D 217 -41.81 -35.97 -95.02
N LEU D 218 -41.98 -36.89 -95.96
CA LEU D 218 -40.89 -37.51 -96.68
C LEU D 218 -40.81 -36.93 -98.09
N TRP D 219 -39.63 -36.45 -98.46
CA TRP D 219 -39.41 -35.84 -99.76
C TRP D 219 -38.30 -36.55 -100.51
N ASP D 220 -38.46 -36.60 -101.83
CA ASP D 220 -37.42 -37.07 -102.74
C ASP D 220 -36.83 -35.84 -103.43
N VAL D 221 -35.51 -35.72 -103.41
CA VAL D 221 -34.92 -34.51 -103.98
C VAL D 221 -34.67 -34.71 -105.47
N ARG D 222 -35.76 -34.74 -106.24
CA ARG D 222 -35.70 -34.54 -107.68
C ARG D 222 -36.97 -33.84 -108.16
N ASP D 223 -38.01 -33.83 -107.32
CA ASP D 223 -39.38 -33.63 -107.80
C ASP D 223 -40.17 -32.59 -107.02
N SER D 224 -39.73 -32.21 -105.82
CA SER D 224 -40.46 -31.25 -104.99
C SER D 224 -41.90 -31.71 -104.74
N MET D 225 -42.11 -33.01 -104.61
CA MET D 225 -43.43 -33.58 -104.38
C MET D 225 -43.36 -34.49 -103.17
N CYS D 226 -44.22 -34.24 -102.18
CA CYS D 226 -44.21 -35.04 -100.97
C CYS D 226 -44.69 -36.45 -101.28
N ARG D 227 -43.99 -37.44 -100.72
CA ARG D 227 -44.33 -38.84 -100.97
C ARG D 227 -45.15 -39.46 -99.85
N GLN D 228 -44.80 -39.22 -98.60
CA GLN D 228 -45.58 -39.71 -97.47
C GLN D 228 -45.64 -38.64 -96.40
N THR D 229 -46.72 -38.68 -95.62
CA THR D 229 -46.90 -37.80 -94.47
C THR D 229 -47.24 -38.65 -93.26
N PHE D 230 -46.55 -38.42 -92.15
CA PHE D 230 -46.77 -39.15 -90.91
C PHE D 230 -47.25 -38.22 -89.82
N ILE D 231 -48.25 -38.67 -89.08
CA ILE D 231 -48.82 -37.95 -87.95
C ILE D 231 -48.79 -38.89 -86.74
N GLY D 232 -49.19 -38.36 -85.59
CA GLY D 232 -49.21 -39.14 -84.36
C GLY D 232 -48.72 -38.37 -83.15
N HIS D 233 -47.81 -37.42 -83.38
CA HIS D 233 -47.35 -36.56 -82.31
C HIS D 233 -48.40 -35.50 -81.99
N GLU D 234 -48.42 -35.06 -80.73
CA GLU D 234 -49.37 -34.07 -80.28
C GLU D 234 -48.81 -32.65 -80.26
N SER D 235 -47.49 -32.49 -80.36
CA SER D 235 -46.86 -31.19 -80.25
C SER D 235 -45.79 -31.04 -81.33
N ASP D 236 -45.01 -29.98 -81.21
CA ASP D 236 -44.02 -29.64 -82.21
C ASP D 236 -42.96 -30.74 -82.32
N ILE D 237 -42.51 -31.01 -83.54
CA ILE D 237 -41.47 -32.00 -83.79
C ILE D 237 -40.13 -31.27 -83.68
N ASN D 238 -39.37 -31.59 -82.64
CA ASN D 238 -38.13 -30.86 -82.41
C ASN D 238 -36.94 -31.47 -83.14
N ALA D 239 -36.91 -32.78 -83.31
CA ALA D 239 -35.79 -33.44 -83.96
C ALA D 239 -36.22 -34.76 -84.57
N VAL D 240 -35.57 -35.13 -85.66
CA VAL D 240 -35.79 -36.41 -86.32
C VAL D 240 -34.44 -37.05 -86.57
N ALA D 241 -34.42 -38.39 -86.55
CA ALA D 241 -33.23 -39.15 -86.85
C ALA D 241 -33.66 -40.31 -87.73
N PHE D 242 -32.76 -40.77 -88.60
CA PHE D 242 -33.17 -41.69 -89.65
C PHE D 242 -32.49 -43.03 -89.44
N PHE D 243 -33.28 -44.10 -89.45
CA PHE D 243 -32.80 -45.42 -89.04
C PHE D 243 -31.67 -45.88 -89.96
N PRO D 244 -30.68 -46.60 -89.41
CA PRO D 244 -29.54 -47.02 -90.24
C PRO D 244 -29.93 -47.85 -91.46
N ASN D 245 -30.95 -48.70 -91.34
CA ASN D 245 -31.36 -49.52 -92.47
C ASN D 245 -31.80 -48.67 -93.64
N GLY D 246 -32.48 -47.57 -93.37
CA GLY D 246 -32.95 -46.68 -94.41
C GLY D 246 -34.45 -46.71 -94.63
N TYR D 247 -35.22 -47.51 -93.89
CA TYR D 247 -36.65 -47.62 -94.10
C TYR D 247 -37.44 -47.26 -92.85
N ALA D 248 -36.81 -46.61 -91.88
CA ALA D 248 -37.50 -46.18 -90.67
C ALA D 248 -36.86 -44.89 -90.17
N PHE D 249 -37.48 -44.29 -89.17
CA PHE D 249 -36.94 -43.06 -88.58
C PHE D 249 -37.64 -42.78 -87.26
N THR D 250 -36.90 -42.24 -86.30
CA THR D 250 -37.45 -41.85 -85.03
C THR D 250 -37.60 -40.33 -84.96
N THR D 251 -38.54 -39.90 -84.13
CA THR D 251 -38.83 -38.48 -83.94
C THR D 251 -38.97 -38.18 -82.46
N GLY D 252 -38.41 -37.06 -82.02
CA GLY D 252 -38.68 -36.52 -80.71
C GLY D 252 -39.56 -35.30 -80.82
N SER D 253 -40.20 -34.93 -79.72
CA SER D 253 -41.15 -33.83 -79.75
C SER D 253 -41.35 -33.27 -78.35
N ASP D 254 -42.23 -32.26 -78.27
CA ASP D 254 -42.49 -31.57 -77.00
C ASP D 254 -43.43 -32.32 -76.08
N ASP D 255 -44.12 -33.35 -76.56
CA ASP D 255 -45.00 -34.13 -75.69
C ASP D 255 -44.24 -35.16 -74.87
N ALA D 256 -42.93 -35.00 -74.74
CA ALA D 256 -42.08 -35.86 -73.89
C ALA D 256 -42.07 -37.31 -74.38
N THR D 257 -42.25 -37.51 -75.68
CA THR D 257 -42.21 -38.85 -76.26
C THR D 257 -41.38 -38.85 -77.51
N CYS D 258 -40.81 -40.02 -77.81
CA CYS D 258 -40.21 -40.30 -79.11
C CYS D 258 -41.07 -41.37 -79.79
N ARG D 259 -41.03 -41.40 -81.11
CA ARG D 259 -41.82 -42.37 -81.85
C ARG D 259 -41.02 -42.91 -83.02
N LEU D 260 -41.16 -44.20 -83.29
CA LEU D 260 -40.48 -44.86 -84.39
C LEU D 260 -41.50 -45.11 -85.51
N PHE D 261 -41.23 -44.56 -86.68
CA PHE D 261 -42.08 -44.70 -87.85
C PHE D 261 -41.37 -45.57 -88.87
N ASP D 262 -42.13 -46.42 -89.56
CA ASP D 262 -41.62 -47.26 -90.63
C ASP D 262 -42.15 -46.77 -91.96
N LEU D 263 -41.24 -46.56 -92.92
CA LEU D 263 -41.64 -46.06 -94.23
C LEU D 263 -42.49 -47.06 -94.99
N ARG D 264 -42.11 -48.33 -94.97
CA ARG D 264 -42.75 -49.35 -95.80
C ARG D 264 -44.06 -49.87 -95.23
N ALA D 265 -44.43 -49.45 -94.02
CA ALA D 265 -45.74 -49.73 -93.47
C ALA D 265 -46.60 -48.49 -93.32
N ASP D 266 -46.00 -47.30 -93.46
CA ASP D 266 -46.71 -46.02 -93.41
C ASP D 266 -47.51 -45.89 -92.11
N GLN D 267 -46.83 -46.09 -90.99
CA GLN D 267 -47.43 -45.97 -89.68
C GLN D 267 -46.34 -46.10 -88.62
N GLU D 268 -46.73 -45.91 -87.37
CA GLU D 268 -45.80 -46.04 -86.26
C GLU D 268 -45.46 -47.51 -86.02
N LEU D 269 -44.40 -47.72 -85.24
CA LEU D 269 -44.05 -49.04 -84.77
C LEU D 269 -43.85 -49.13 -83.26
N LEU D 270 -43.51 -48.03 -82.60
CA LEU D 270 -43.26 -48.05 -81.16
C LEU D 270 -43.18 -46.62 -80.65
N MET D 271 -43.57 -46.43 -79.40
CA MET D 271 -43.47 -45.15 -78.71
C MET D 271 -42.56 -45.31 -77.50
N TYR D 272 -41.69 -44.32 -77.29
CA TYR D 272 -40.73 -44.31 -76.19
C TYR D 272 -41.07 -43.15 -75.28
N SER D 273 -41.60 -43.47 -74.10
CA SER D 273 -41.91 -42.46 -73.09
C SER D 273 -41.95 -43.15 -71.73
N HIS D 274 -42.09 -42.34 -70.68
CA HIS D 274 -42.22 -42.86 -69.33
C HIS D 274 -43.04 -41.87 -68.51
N ASP D 275 -43.61 -42.37 -67.41
CA ASP D 275 -44.46 -41.54 -66.57
C ASP D 275 -43.67 -40.44 -65.87
N ASN D 276 -42.38 -40.68 -65.61
CA ASN D 276 -41.55 -39.74 -64.87
C ASN D 276 -40.88 -38.71 -65.77
N ILE D 277 -41.31 -38.58 -67.01
CA ILE D 277 -40.75 -37.63 -67.96
C ILE D 277 -41.87 -36.71 -68.43
N ILE D 278 -41.67 -35.41 -68.28
CA ILE D 278 -42.64 -34.43 -68.72
C ILE D 278 -42.04 -33.38 -69.65
N CYS D 279 -40.74 -33.13 -69.61
CA CYS D 279 -40.11 -32.14 -70.45
C CYS D 279 -39.96 -32.65 -71.88
N GLY D 280 -39.82 -31.70 -72.80
CA GLY D 280 -39.70 -32.05 -74.20
C GLY D 280 -38.32 -32.56 -74.57
N ILE D 281 -38.23 -33.11 -75.77
CA ILE D 281 -36.98 -33.62 -76.34
C ILE D 281 -36.39 -32.58 -77.26
N THR D 282 -35.08 -32.38 -77.16
CA THR D 282 -34.37 -31.45 -78.03
C THR D 282 -33.67 -32.12 -79.20
N SER D 283 -33.21 -33.36 -79.03
CA SER D 283 -32.49 -34.05 -80.09
C SER D 283 -32.61 -35.56 -79.89
N VAL D 284 -32.61 -36.29 -81.01
CA VAL D 284 -32.58 -37.74 -80.99
C VAL D 284 -31.51 -38.21 -81.96
N ALA D 285 -30.95 -39.39 -81.68
CA ALA D 285 -29.99 -40.03 -82.57
C ALA D 285 -30.00 -41.52 -82.32
N PHE D 286 -29.56 -42.27 -83.33
CA PHE D 286 -29.47 -43.71 -83.27
C PHE D 286 -28.02 -44.12 -83.04
N SER D 287 -27.82 -45.42 -82.79
CA SER D 287 -26.49 -46.00 -82.72
C SER D 287 -26.16 -46.58 -84.10
N ARG D 288 -25.03 -47.28 -84.19
CA ARG D 288 -24.59 -47.79 -85.48
C ARG D 288 -25.47 -48.93 -85.96
N SER D 289 -25.77 -49.89 -85.07
CA SER D 289 -26.62 -51.01 -85.46
C SER D 289 -28.08 -50.60 -85.53
N GLY D 290 -28.45 -49.57 -84.78
CA GLY D 290 -29.84 -49.13 -84.68
C GLY D 290 -30.54 -49.59 -83.43
N ARG D 291 -29.89 -50.38 -82.58
CA ARG D 291 -30.54 -50.90 -81.39
C ARG D 291 -30.79 -49.82 -80.35
N LEU D 292 -29.93 -48.81 -80.27
CA LEU D 292 -30.00 -47.80 -79.23
C LEU D 292 -30.61 -46.53 -79.78
N LEU D 293 -31.56 -45.96 -79.04
CA LEU D 293 -32.10 -44.64 -79.34
C LEU D 293 -31.67 -43.70 -78.22
N LEU D 294 -30.79 -42.76 -78.55
CA LEU D 294 -30.30 -41.78 -77.58
C LEU D 294 -31.07 -40.49 -77.80
N ALA D 295 -31.74 -40.00 -76.76
CA ALA D 295 -32.56 -38.81 -76.87
C ALA D 295 -32.25 -37.84 -75.74
N GLY D 296 -32.06 -36.57 -76.09
CA GLY D 296 -31.75 -35.55 -75.12
C GLY D 296 -32.97 -34.74 -74.72
N TYR D 297 -33.08 -34.36 -73.45
CA TYR D 297 -34.29 -33.76 -72.94
C TYR D 297 -33.97 -32.38 -72.37
N ASP D 298 -35.02 -31.69 -71.93
CA ASP D 298 -34.86 -30.41 -71.25
C ASP D 298 -34.49 -30.54 -69.79
N ASP D 299 -34.61 -31.74 -69.21
CA ASP D 299 -34.25 -31.97 -67.82
C ASP D 299 -32.80 -32.41 -67.68
N PHE D 300 -31.94 -31.98 -68.61
CA PHE D 300 -30.49 -32.04 -68.46
C PHE D 300 -29.95 -33.45 -68.66
N ASN D 301 -30.78 -34.34 -69.21
CA ASN D 301 -30.45 -35.75 -69.29
C ASN D 301 -30.57 -36.26 -70.72
N CYS D 302 -29.74 -37.24 -71.06
CA CYS D 302 -29.83 -37.94 -72.34
C CYS D 302 -30.14 -39.40 -72.04
N ASN D 303 -31.37 -39.82 -72.30
CA ASN D 303 -31.81 -41.17 -72.00
C ASN D 303 -31.61 -42.10 -73.19
N ILE D 304 -31.24 -43.34 -72.90
CA ILE D 304 -30.98 -44.36 -73.92
C ILE D 304 -32.09 -45.40 -73.82
N TRP D 305 -32.76 -45.66 -74.93
CA TRP D 305 -33.81 -46.65 -75.00
C TRP D 305 -33.40 -47.79 -75.91
N ASP D 306 -33.79 -49.00 -75.55
CA ASP D 306 -33.74 -50.10 -76.50
C ASP D 306 -34.76 -49.85 -77.59
N ALA D 307 -34.26 -49.51 -78.79
CA ALA D 307 -35.15 -49.16 -79.89
C ALA D 307 -36.06 -50.30 -80.29
N MET D 308 -35.69 -51.55 -80.00
CA MET D 308 -36.51 -52.69 -80.37
C MET D 308 -37.51 -53.09 -79.29
N LYS D 309 -37.40 -52.53 -78.10
CA LYS D 309 -38.34 -52.89 -77.04
C LYS D 309 -39.01 -51.70 -76.38
N GLY D 310 -38.29 -50.60 -76.18
CA GLY D 310 -38.85 -49.40 -75.59
C GLY D 310 -38.51 -49.21 -74.13
N ASP D 311 -37.79 -50.13 -73.51
CA ASP D 311 -37.40 -50.00 -72.11
C ASP D 311 -36.12 -49.19 -72.00
N ARG D 312 -36.09 -48.25 -71.06
CA ARG D 312 -34.92 -47.40 -70.90
C ARG D 312 -33.71 -48.24 -70.51
N ALA D 313 -32.54 -47.82 -71.00
CA ALA D 313 -31.34 -48.63 -70.83
C ALA D 313 -30.16 -47.84 -70.26
N GLY D 314 -30.36 -46.61 -69.86
CA GLY D 314 -29.26 -45.84 -69.29
C GLY D 314 -29.51 -44.36 -69.43
N VAL D 315 -28.75 -43.59 -68.65
CA VAL D 315 -28.85 -42.14 -68.65
C VAL D 315 -27.45 -41.55 -68.77
N LEU D 316 -27.32 -40.50 -69.56
CA LEU D 316 -26.13 -39.67 -69.59
C LEU D 316 -26.48 -38.38 -68.88
N ALA D 317 -25.85 -38.13 -67.75
CA ALA D 317 -26.06 -36.95 -66.93
C ALA D 317 -24.72 -36.30 -66.65
N GLY D 318 -24.73 -34.98 -66.48
CA GLY D 318 -23.49 -34.26 -66.32
C GLY D 318 -23.50 -32.90 -66.99
N HIS D 319 -24.60 -32.58 -67.65
CA HIS D 319 -24.83 -31.23 -68.16
C HIS D 319 -25.70 -30.47 -67.18
N ASP D 320 -25.33 -29.22 -66.94
CA ASP D 320 -26.06 -28.38 -65.99
C ASP D 320 -27.23 -27.65 -66.63
N ASN D 321 -27.35 -27.68 -67.96
CA ASN D 321 -28.47 -27.03 -68.63
C ASN D 321 -28.96 -27.89 -69.79
N ARG D 322 -29.85 -27.35 -70.62
CA ARG D 322 -30.52 -28.12 -71.66
C ARG D 322 -29.52 -28.82 -72.58
N VAL D 323 -29.78 -30.09 -72.87
CA VAL D 323 -28.97 -30.86 -73.81
C VAL D 323 -29.49 -30.56 -75.21
N SER D 324 -28.88 -29.58 -75.86
CA SER D 324 -29.39 -29.11 -77.14
C SER D 324 -29.19 -30.13 -78.24
N CYS D 325 -27.98 -30.67 -78.36
CA CYS D 325 -27.60 -31.41 -79.54
C CYS D 325 -26.90 -32.71 -79.17
N LEU D 326 -27.01 -33.69 -80.07
CA LEU D 326 -26.61 -35.07 -79.80
C LEU D 326 -26.19 -35.70 -81.10
N GLY D 327 -25.03 -36.36 -81.11
CA GLY D 327 -24.55 -36.96 -82.34
C GLY D 327 -23.66 -38.18 -82.17
N VAL D 328 -23.81 -39.18 -83.05
CA VAL D 328 -23.06 -40.43 -82.97
C VAL D 328 -22.16 -40.53 -84.18
N THR D 329 -20.94 -41.00 -83.97
CA THR D 329 -19.94 -41.05 -85.03
C THR D 329 -20.35 -42.05 -86.11
N ASP D 330 -19.72 -41.92 -87.29
CA ASP D 330 -19.99 -42.84 -88.39
C ASP D 330 -19.55 -44.24 -88.06
N ASP D 331 -18.38 -44.40 -87.44
CA ASP D 331 -17.97 -45.73 -86.99
C ASP D 331 -18.75 -46.16 -85.75
N GLY D 332 -19.57 -45.27 -85.18
CA GLY D 332 -20.44 -45.63 -84.09
C GLY D 332 -19.75 -45.90 -82.78
N MET D 333 -18.61 -45.26 -82.53
CA MET D 333 -17.80 -45.60 -81.38
C MET D 333 -18.02 -44.68 -80.18
N ALA D 334 -18.48 -43.44 -80.42
CA ALA D 334 -18.67 -42.50 -79.33
C ALA D 334 -19.86 -41.60 -79.62
N VAL D 335 -20.37 -40.99 -78.56
CA VAL D 335 -21.49 -40.06 -78.63
C VAL D 335 -21.01 -38.70 -78.17
N ALA D 336 -21.51 -37.63 -78.79
CA ALA D 336 -21.15 -36.28 -78.42
C ALA D 336 -22.42 -35.50 -78.09
N THR D 337 -22.41 -34.85 -76.93
CA THR D 337 -23.54 -34.06 -76.46
C THR D 337 -23.12 -32.62 -76.25
N GLY D 338 -24.00 -31.71 -76.65
CA GLY D 338 -23.76 -30.29 -76.47
C GLY D 338 -24.96 -29.63 -75.83
N SER D 339 -24.68 -28.76 -74.86
CA SER D 339 -25.71 -28.26 -73.98
C SER D 339 -25.62 -26.75 -73.87
N TRP D 340 -26.62 -26.17 -73.20
CA TRP D 340 -26.71 -24.74 -72.95
C TRP D 340 -25.69 -24.30 -71.91
N ASP D 341 -25.02 -25.25 -71.27
CA ASP D 341 -23.96 -24.93 -70.32
C ASP D 341 -22.64 -24.63 -71.00
N SER D 342 -22.61 -24.59 -72.33
CA SER D 342 -21.46 -24.24 -73.16
C SER D 342 -20.37 -25.30 -73.19
N PHE D 343 -20.69 -26.54 -72.81
CA PHE D 343 -19.70 -27.62 -72.80
C PHE D 343 -20.17 -28.76 -73.68
N LEU D 344 -19.29 -29.23 -74.56
CA LEU D 344 -19.47 -30.48 -75.27
C LEU D 344 -18.79 -31.60 -74.51
N LYS D 345 -19.43 -32.76 -74.51
CA LYS D 345 -18.90 -33.95 -73.85
C LYS D 345 -18.95 -35.12 -74.80
N ILE D 346 -18.03 -36.05 -74.61
CA ILE D 346 -17.92 -37.24 -75.44
C ILE D 346 -18.03 -38.47 -74.54
N TRP D 347 -19.09 -39.24 -74.72
CA TRP D 347 -19.38 -40.43 -73.95
C TRP D 347 -19.00 -41.66 -74.76
N ASN D 348 -18.35 -42.60 -74.10
CA ASN D 348 -17.75 -43.73 -74.80
C ASN D 348 -17.42 -44.90 -73.88
N ILE E 9 -58.52 -22.58 -105.08
CA ILE E 9 -59.15 -23.81 -105.52
C ILE E 9 -58.13 -24.71 -106.19
N ALA E 10 -57.16 -24.08 -106.88
CA ALA E 10 -56.06 -24.84 -107.46
C ALA E 10 -55.24 -25.55 -106.39
N GLN E 11 -55.09 -24.93 -105.22
CA GLN E 11 -54.43 -25.59 -104.11
C GLN E 11 -55.18 -26.85 -103.70
N ALA E 12 -56.51 -26.79 -103.72
CA ALA E 12 -57.31 -27.98 -103.43
C ALA E 12 -57.06 -29.08 -104.45
N ARG E 13 -56.97 -28.71 -105.73
CA ARG E 13 -56.70 -29.71 -106.77
C ARG E 13 -55.33 -30.33 -106.58
N LYS E 14 -54.32 -29.52 -106.26
CA LYS E 14 -52.99 -30.06 -106.00
C LYS E 14 -52.99 -30.99 -104.79
N LEU E 15 -53.71 -30.61 -103.74
CA LEU E 15 -53.79 -31.46 -102.55
C LEU E 15 -54.48 -32.78 -102.88
N VAL E 16 -55.54 -32.73 -103.69
CA VAL E 16 -56.24 -33.95 -104.08
C VAL E 16 -55.32 -34.86 -104.89
N GLU E 17 -54.57 -34.28 -105.82
CA GLU E 17 -53.65 -35.08 -106.63
C GLU E 17 -52.56 -35.70 -105.77
N GLN E 18 -52.01 -34.93 -104.83
CA GLN E 18 -50.97 -35.45 -103.95
C GLN E 18 -51.51 -36.58 -103.08
N LEU E 19 -52.73 -36.42 -102.57
CA LEU E 19 -53.34 -37.48 -101.77
C LEU E 19 -53.62 -38.72 -102.62
N LYS E 20 -53.98 -38.52 -103.89
CA LYS E 20 -54.13 -39.67 -104.79
C LYS E 20 -52.82 -40.41 -104.95
N MET E 21 -51.73 -39.66 -105.14
CA MET E 21 -50.42 -40.30 -105.29
C MET E 21 -50.03 -41.03 -104.01
N GLU E 22 -50.31 -40.44 -102.85
CA GLU E 22 -49.98 -41.08 -101.58
C GLU E 22 -50.84 -42.31 -101.33
N ALA E 23 -52.05 -42.31 -101.88
CA ALA E 23 -52.95 -43.45 -101.70
C ALA E 23 -52.39 -44.71 -102.34
N ASN E 24 -51.76 -44.55 -103.51
CA ASN E 24 -51.27 -45.70 -104.26
C ASN E 24 -49.94 -46.23 -103.76
N ILE E 25 -49.48 -45.80 -102.58
CA ILE E 25 -48.21 -46.31 -102.07
C ILE E 25 -48.36 -47.79 -101.74
N ASP E 26 -47.51 -48.62 -102.33
CA ASP E 26 -47.48 -50.03 -101.95
C ASP E 26 -47.02 -50.15 -100.52
N ARG E 27 -47.77 -50.92 -99.73
CA ARG E 27 -47.49 -51.07 -98.31
C ARG E 27 -47.22 -52.52 -97.98
N ILE E 28 -46.65 -52.73 -96.79
CA ILE E 28 -46.28 -54.05 -96.30
C ILE E 28 -46.93 -54.19 -94.94
N LYS E 29 -47.02 -55.41 -94.42
CA LYS E 29 -47.58 -55.65 -93.10
C LYS E 29 -46.49 -55.46 -92.05
N VAL E 30 -46.92 -55.12 -90.83
CA VAL E 30 -46.02 -54.76 -89.74
C VAL E 30 -45.02 -55.87 -89.47
N SER E 31 -45.43 -57.12 -89.68
CA SER E 31 -44.59 -58.26 -89.35
C SER E 31 -43.28 -58.22 -90.13
N LYS E 32 -43.36 -57.99 -91.45
CA LYS E 32 -42.16 -58.02 -92.27
C LYS E 32 -41.23 -56.86 -91.96
N ALA E 33 -41.78 -55.67 -91.73
CA ALA E 33 -40.95 -54.52 -91.39
C ALA E 33 -40.26 -54.73 -90.05
N ALA E 34 -40.99 -55.25 -89.06
CA ALA E 34 -40.40 -55.53 -87.75
C ALA E 34 -39.30 -56.57 -87.88
N ALA E 35 -39.55 -57.60 -88.69
CA ALA E 35 -38.53 -58.63 -88.91
C ALA E 35 -37.28 -58.04 -89.54
N ASP E 36 -37.46 -57.12 -90.51
CA ASP E 36 -36.32 -56.52 -91.17
C ASP E 36 -35.51 -55.67 -90.20
N LEU E 37 -36.19 -54.88 -89.35
CA LEU E 37 -35.47 -54.07 -88.38
C LEU E 37 -34.71 -54.95 -87.38
N MET E 38 -35.36 -55.99 -86.86
CA MET E 38 -34.71 -56.88 -85.92
C MET E 38 -33.54 -57.61 -86.55
N ALA E 39 -33.70 -58.03 -87.81
CA ALA E 39 -32.62 -58.70 -88.52
C ALA E 39 -31.42 -57.78 -88.71
N TYR E 40 -31.68 -56.51 -89.06
CA TYR E 40 -30.59 -55.55 -89.20
C TYR E 40 -29.87 -55.37 -87.88
N CYS E 41 -30.63 -55.19 -86.80
CA CYS E 41 -30.01 -55.00 -85.48
C CYS E 41 -29.15 -56.18 -85.08
N GLU E 42 -29.67 -57.39 -85.30
CA GLU E 42 -28.91 -58.60 -84.96
C GLU E 42 -27.67 -58.75 -85.84
N ALA E 43 -27.81 -58.44 -87.14
CA ALA E 43 -26.70 -58.64 -88.06
C ALA E 43 -25.56 -57.67 -87.82
N HIS E 44 -25.84 -56.44 -87.40
CA HIS E 44 -24.80 -55.45 -87.20
C HIS E 44 -24.54 -55.17 -85.72
N ALA E 45 -24.78 -56.17 -84.87
CA ALA E 45 -24.62 -55.96 -83.44
C ALA E 45 -23.16 -55.97 -83.01
N LYS E 46 -22.34 -56.83 -83.63
CA LYS E 46 -20.96 -56.98 -83.20
C LYS E 46 -20.14 -55.73 -83.46
N GLU E 47 -20.53 -54.93 -84.45
CA GLU E 47 -19.85 -53.68 -84.77
C GLU E 47 -20.55 -52.46 -84.20
N ASP E 48 -21.16 -52.57 -83.02
CA ASP E 48 -21.82 -51.46 -82.34
C ASP E 48 -21.19 -51.33 -80.96
N PRO E 49 -20.12 -50.53 -80.83
CA PRO E 49 -19.42 -50.45 -79.54
C PRO E 49 -20.27 -49.92 -78.40
N LEU E 50 -21.27 -49.09 -78.70
CA LEU E 50 -22.11 -48.54 -77.64
C LEU E 50 -22.91 -49.64 -76.94
N LEU E 51 -23.22 -50.72 -77.65
CA LEU E 51 -23.77 -51.92 -77.03
C LEU E 51 -22.68 -52.82 -76.46
N THR E 52 -21.67 -53.13 -77.26
CA THR E 52 -20.60 -54.02 -76.82
C THR E 52 -19.36 -53.17 -76.55
N PRO E 53 -19.05 -52.86 -75.29
CA PRO E 53 -17.88 -52.02 -75.01
C PRO E 53 -16.60 -52.70 -75.48
N VAL E 54 -15.97 -52.09 -76.48
CA VAL E 54 -14.72 -52.58 -77.03
C VAL E 54 -13.63 -52.41 -75.97
N PRO E 55 -12.56 -53.21 -76.00
CA PRO E 55 -11.52 -53.07 -74.98
C PRO E 55 -10.79 -51.73 -75.12
N ALA E 56 -10.06 -51.38 -74.06
CA ALA E 56 -9.33 -50.11 -74.06
C ALA E 56 -8.27 -50.07 -75.15
N SER E 57 -7.78 -51.23 -75.57
CA SER E 57 -6.80 -51.27 -76.65
C SER E 57 -7.40 -50.83 -77.98
N GLU E 58 -8.71 -51.00 -78.16
CA GLU E 58 -9.38 -50.59 -79.38
C GLU E 58 -10.21 -49.32 -79.19
N ASN E 59 -9.96 -48.58 -78.11
CA ASN E 59 -10.72 -47.37 -77.82
C ASN E 59 -9.87 -46.15 -78.08
N PRO E 60 -10.16 -45.35 -79.11
CA PRO E 60 -9.37 -44.14 -79.36
C PRO E 60 -9.75 -42.98 -78.47
N PHE E 61 -10.82 -43.08 -77.69
CA PHE E 61 -11.19 -42.08 -76.71
C PHE E 61 -10.90 -42.53 -75.28
N ARG E 62 -9.94 -43.44 -75.10
CA ARG E 62 -9.59 -43.92 -73.77
C ARG E 62 -9.09 -42.77 -72.90
N GLU E 63 -9.40 -42.85 -71.61
CA GLU E 63 -8.99 -41.81 -70.67
C GLU E 63 -7.51 -41.93 -70.32
#